data_8UGB
#
_entry.id   8UGB
#
_cell.length_a   1.00
_cell.length_b   1.00
_cell.length_c   1.00
_cell.angle_alpha   90.00
_cell.angle_beta   90.00
_cell.angle_gamma   90.00
#
_symmetry.space_group_name_H-M   'P 1'
#
loop_
_entity.id
_entity.type
_entity.pdbx_description
1 polymer "Rod cGMP-specific 3',5'-cyclic phosphodiesterase subunit alpha"
2 polymer "Rod cGMP-specific 3',5'-cyclic phosphodiesterase subunit beta"
3 polymer "Retinal rod rhodopsin-sensitive cGMP 3',5'-cyclic phosphodiesterase subunit gamma"
4 non-polymer 'CYCLIC GUANOSINE MONOPHOSPHATE'
5 non-polymer 'ZINC ION'
6 non-polymer 'MAGNESIUM ION'
7 non-polymer Udenafil
#
loop_
_entity_poly.entity_id
_entity_poly.type
_entity_poly.pdbx_seq_one_letter_code
_entity_poly.pdbx_strand_id
1 'polypeptide(L)'
;MGEVTAEEVEKFLDSNVSFAKQYYNLRYRAKVISDLLGPREAAVDFSNYHALNSVEESEIIFDLLRDFQDNLQAEKCVFN
VMKKLCFLLQADRMSLFMYRARNGIAELATRLFNVHKDAVLEECLVAPDSEIVFPLDMGVVGHVALSKKIVNVPNTEEDE
HFCDFVDTLTEYQTKNILASPIMNGKDVVAIIMVVNKVDGPHFTENDEEILLKYLNFANLIMKVFHLSYLHNCETRRGQI
LLWSGSKVFEELTDIERQFHKALYTVRAFLNCDRYSVGLLDMTKQKEFFDVWPVLMGEAPPYAGPRTPDGREINFYKVID
YILHGKEDIKVIPNPPPDHWALVSGLPTYVAQNGLICNIMNAPSEDFFAFQKEPLDESGWMIKNVLSMPIVNKKEEIVGV
ATFYNRKDGKPFDEMDETLMESLTQFLGWSVLNPDTYELMNKLENRKDIFQDMVKYHVKCDNEEIQTILKTREVYGKEPW
ECEEEELAEILQGELPDADKYEINKFHFSDLPLTELELVKCGIQMYYELKVVDKFHIPQEALVRFMYSLSKGYRRITYHN
WRHGFNVGQTMFSLLVTGKLKRYFTDLEALAMVTAAFCHDIDHRGTNNLYQMKSQNPLAKLHGSSILERHHLEFGKTLLR
DESLNIFQNLNRRQHEHAIHMMDIAIIATDLALYFKKRTMFQKIVDQSKTYETQQEWTQYMMLDQTRKEIVMAMMMTACD
LSAITKPWEVQSKVALLVAAEFWEQGDLERTVLQQNPIPMMDRNKADELPKLQVGFIDFVCTFVYKEFSRFHEEITPMLD
GITNNRKEWKALADEYETKMKGLEEEKQKQQAANQAAAGSQHGGKQPGGGPASKSCCVQ
;
A
2 'polypeptide(L)'
;MSLSEGQVHRFLDQNPGFADQYFGRKLSPEDVANACEDGCPEGCTSFRELCQVEESAALFELVQDMQENVNMERVVFKIL
RRLCSILHADRCSLFMYRQRNGVAELATRLFSVQPDSVLEDCLVPPDSEIVFPLDIGVVGHVAQTKKMVNVQDVMECPHF
SSFADELTDYVTRNILATPIMNGKDVVAVIMAVNKLDGPCFTSEDEDVFLKYLNFGTLNLKIYHLSYLHNCETRRGQVLL
WSANKVFEELTDIERQFHKAFYTVRAYLNCDRYSVGLLDMTKEKEFFDVWPVLMGEAQAYSGPRTPDGREILFYKVIDYI
LHGKEDIKVIPSPPADHWALASGLPTYVAESGFICNIMNAPADEMFNFQEGPLDDSGWIVKNVLSMPIVNKKEEIVGVAT
FYNRKDGKPFDEQDEVLMESLTQFLGWSVLNTDTYDKMNKLENRKDIAQDMVLYHVRCDREEIQLILPTRERLGKEPADC
EEDELGKILKEVLPGPAKFDIYEFHFSDLECTELELVKCGIQMYYELGVVRKFQIPQEVLVRFLFSVSKGYRRITYHNWR
HGFNVAQTMFTLLMTGKLKSYYTDLEAFAMVTAGLCHDIDHRGTNNLYQMKSQNPLAKLHGSSILERHHLEFGKFLLSEE
TLNIYQNLNRRQHEHVIHLMDIAIIATDLALYFKKRTMFQKIVDESKNYEDRKSWVEYLSLETTRKEIVMAMMMTACDLS
AITKPWEVQSKVALLVAAEFWEQGDLERTVLDQQPIPMMDRNKAAELPKLQVGFIDFVCTFVYKEFSRFHEEILPMFDRL
QNNRKEWKALADEYEAKVKALEEDQKKETTAKKVGTEICNGGPAPRSSTCRIL
;
B
3 'polypeptide(L)'
;MNLEPPKAEIRSATRVMGGPVTPRKGPPKFKQRQTRQFKSKPPKKGVQGFGDDIPGMEGLGTDITVICPWEAFNHLELHE
LAQYGII
;
C,D
#
# COMPACT_ATOMS: atom_id res chain seq x y z
N GLU A 7 -61.87 69.42 6.41
CA GLU A 7 -62.61 68.96 7.58
C GLU A 7 -63.37 67.68 7.28
N GLU A 8 -63.94 67.60 6.08
CA GLU A 8 -64.67 66.40 5.68
C GLU A 8 -63.74 65.19 5.63
N VAL A 9 -62.53 65.37 5.11
CA VAL A 9 -61.56 64.28 5.06
C VAL A 9 -61.13 63.89 6.47
N GLU A 10 -61.04 64.87 7.37
CA GLU A 10 -60.68 64.57 8.76
C GLU A 10 -61.72 63.67 9.40
N LYS A 11 -63.01 63.96 9.17
CA LYS A 11 -64.06 63.09 9.68
C LYS A 11 -63.96 61.70 9.06
N PHE A 12 -63.74 61.63 7.74
CA PHE A 12 -63.66 60.34 7.06
C PHE A 12 -62.50 59.51 7.61
N LEU A 13 -61.35 60.13 7.85
CA LEU A 13 -60.23 59.40 8.44
C LEU A 13 -60.50 59.06 9.89
N ASP A 14 -61.11 59.98 10.64
CA ASP A 14 -61.40 59.73 12.05
C ASP A 14 -62.53 58.73 12.25
N SER A 15 -63.56 58.79 11.40
CA SER A 15 -64.64 57.80 11.50
C SER A 15 -64.13 56.42 11.12
N ASN A 16 -63.40 56.31 10.02
CA ASN A 16 -62.80 55.06 9.59
C ASN A 16 -61.32 55.07 9.97
N VAL A 17 -61.07 54.83 11.27
CA VAL A 17 -59.69 54.71 11.73
C VAL A 17 -59.01 53.53 11.05
N SER A 18 -59.76 52.46 10.78
CA SER A 18 -59.20 51.30 10.09
C SER A 18 -58.69 51.68 8.71
N PHE A 19 -59.38 52.59 8.02
CA PHE A 19 -58.95 53.02 6.69
C PHE A 19 -57.62 53.75 6.76
N ALA A 20 -57.37 54.46 7.86
CA ALA A 20 -56.09 55.15 8.01
C ALA A 20 -54.97 54.17 8.35
N LYS A 21 -55.32 52.94 8.73
CA LYS A 21 -54.30 52.00 9.21
C LYS A 21 -53.51 51.42 8.05
N GLN A 22 -54.18 50.70 7.14
CA GLN A 22 -53.46 50.06 6.05
C GLN A 22 -52.86 51.08 5.10
N TYR A 23 -53.47 52.26 5.00
CA TYR A 23 -52.84 53.35 4.25
C TYR A 23 -51.50 53.71 4.89
N TYR A 24 -51.46 53.81 6.21
CA TYR A 24 -50.18 54.00 6.89
C TYR A 24 -49.28 52.81 6.66
N ASN A 25 -49.84 51.60 6.67
CA ASN A 25 -49.06 50.41 6.37
C ASN A 25 -48.57 50.40 4.93
N LEU A 26 -49.30 51.05 4.03
CA LEU A 26 -48.93 51.01 2.62
C LEU A 26 -47.75 51.91 2.31
N ARG A 27 -47.59 53.03 3.03
CA ARG A 27 -46.54 53.99 2.71
C ARG A 27 -45.54 54.19 3.83
N TYR A 28 -45.98 54.20 5.10
CA TYR A 28 -45.12 54.56 6.21
C TYR A 28 -44.63 53.34 6.98
N ARG A 29 -44.75 52.16 6.39
CA ARG A 29 -44.23 50.95 7.04
C ARG A 29 -42.79 50.67 6.66
N ALA A 30 -42.42 50.91 5.40
CA ALA A 30 -41.05 50.72 4.99
C ALA A 30 -40.11 51.69 5.71
N LYS A 31 -40.55 52.95 5.86
CA LYS A 31 -39.72 53.92 6.55
C LYS A 31 -39.47 53.52 8.01
N VAL A 32 -40.50 53.01 8.68
CA VAL A 32 -40.35 52.57 10.07
C VAL A 32 -39.35 51.43 10.17
N ILE A 33 -39.48 50.43 9.29
CA ILE A 33 -38.63 49.26 9.36
C ILE A 33 -37.18 49.62 9.09
N SER A 34 -36.95 50.46 8.07
CA SER A 34 -35.58 50.83 7.73
C SER A 34 -34.92 51.60 8.87
N ASP A 35 -35.65 52.52 9.50
CA ASP A 35 -35.10 53.27 10.62
C ASP A 35 -34.79 52.36 11.80
N LEU A 36 -35.69 51.43 12.10
CA LEU A 36 -35.52 50.57 13.28
C LEU A 36 -34.34 49.61 13.10
N LEU A 37 -34.21 49.03 11.91
CA LEU A 37 -33.15 48.05 11.68
C LEU A 37 -31.79 48.68 11.45
N GLY A 38 -31.72 50.01 11.36
CA GLY A 38 -30.46 50.68 11.18
C GLY A 38 -29.69 50.79 12.47
N PRO A 39 -28.50 51.40 12.38
CA PRO A 39 -27.65 51.53 13.58
C PRO A 39 -28.28 52.43 14.63
N ARG A 40 -29.28 51.90 15.35
CA ARG A 40 -29.99 52.65 16.37
C ARG A 40 -29.87 51.95 17.71
N GLU A 41 -29.97 52.73 18.78
CA GLU A 41 -29.95 52.22 20.14
C GLU A 41 -31.36 52.22 20.73
N ALA A 42 -31.64 51.23 21.56
CA ALA A 42 -32.96 51.10 22.16
C ALA A 42 -33.28 52.31 23.02
N ALA A 43 -34.49 52.86 22.84
CA ALA A 43 -34.91 54.04 23.59
C ALA A 43 -35.67 53.63 24.85
N VAL A 44 -35.00 52.85 25.68
CA VAL A 44 -35.54 52.37 26.95
C VAL A 44 -34.57 52.76 28.06
N ASP A 45 -35.12 53.30 29.15
CA ASP A 45 -34.30 53.73 30.27
C ASP A 45 -33.81 52.52 31.07
N PHE A 46 -32.66 51.97 30.69
CA PHE A 46 -32.13 50.81 31.39
C PHE A 46 -31.65 51.14 32.79
N SER A 47 -31.49 52.43 33.11
CA SER A 47 -31.05 52.85 34.45
C SER A 47 -32.27 52.93 35.39
N ASN A 48 -33.00 51.83 35.45
CA ASN A 48 -34.20 51.71 36.28
C ASN A 48 -34.52 50.23 36.44
N TYR A 49 -35.68 49.94 37.03
CA TYR A 49 -36.10 48.56 37.23
C TYR A 49 -37.63 48.55 37.21
N HIS A 50 -38.21 48.14 36.09
CA HIS A 50 -39.65 48.11 35.95
C HIS A 50 -40.03 47.15 34.83
N ALA A 51 -41.30 46.77 34.81
CA ALA A 51 -41.82 45.96 33.72
C ALA A 51 -41.87 46.77 32.44
N LEU A 52 -41.64 46.10 31.31
CA LEU A 52 -41.60 46.75 30.01
C LEU A 52 -42.92 46.55 29.28
N ASN A 53 -43.45 47.63 28.71
CA ASN A 53 -44.68 47.58 27.94
C ASN A 53 -44.37 47.09 26.53
N SER A 54 -45.36 47.18 25.63
CA SER A 54 -45.17 46.69 24.27
C SER A 54 -44.11 47.50 23.53
N VAL A 55 -44.08 48.81 23.73
CA VAL A 55 -43.11 49.65 23.03
C VAL A 55 -41.69 49.26 23.43
N GLU A 56 -41.44 49.17 24.73
CA GLU A 56 -40.09 48.82 25.19
C GLU A 56 -39.75 47.38 24.86
N GLU A 57 -40.72 46.48 24.94
CA GLU A 57 -40.46 45.08 24.57
C GLU A 57 -40.12 44.97 23.10
N SER A 58 -40.84 45.68 22.24
CA SER A 58 -40.55 45.64 20.81
C SER A 58 -39.17 46.21 20.51
N GLU A 59 -38.80 47.31 21.19
CA GLU A 59 -37.49 47.91 20.96
C GLU A 59 -36.37 46.98 21.38
N ILE A 60 -36.55 46.27 22.49
CA ILE A 60 -35.55 45.29 22.92
C ILE A 60 -35.43 44.17 21.89
N ILE A 61 -36.57 43.69 21.39
CA ILE A 61 -36.54 42.62 20.39
C ILE A 61 -35.85 43.12 19.12
N PHE A 62 -36.18 44.33 18.68
CA PHE A 62 -35.56 44.88 17.47
C PHE A 62 -34.07 45.06 17.67
N ASP A 63 -33.64 45.51 18.86
CA ASP A 63 -32.22 45.66 19.12
C ASP A 63 -31.50 44.32 19.05
N LEU A 64 -32.12 43.28 19.58
CA LEU A 64 -31.52 41.95 19.48
C LEU A 64 -31.50 41.47 18.04
N LEU A 65 -32.52 41.82 17.26
CA LEU A 65 -32.52 41.47 15.84
C LEU A 65 -31.43 42.22 15.09
N ARG A 66 -31.10 43.43 15.52
CA ARG A 66 -30.09 44.23 14.85
C ARG A 66 -28.69 43.65 14.98
N ASP A 67 -28.49 42.70 15.88
CA ASP A 67 -27.18 42.06 16.05
C ASP A 67 -26.96 40.90 15.11
N PHE A 68 -27.91 40.61 14.23
CA PHE A 68 -27.81 39.50 13.28
C PHE A 68 -27.10 39.89 11.99
N GLN A 69 -26.23 40.90 12.05
CA GLN A 69 -25.51 41.33 10.87
C GLN A 69 -24.51 40.25 10.44
N ASP A 70 -23.80 40.54 9.34
CA ASP A 70 -22.93 39.55 8.74
C ASP A 70 -21.71 39.27 9.62
N ASN A 71 -21.16 38.07 9.45
CA ASN A 71 -19.96 37.58 10.11
C ASN A 71 -20.19 37.23 11.58
N LEU A 72 -21.36 37.63 12.11
CA LEU A 72 -21.92 37.11 13.35
C LEU A 72 -20.88 36.95 14.45
N GLN A 73 -20.37 38.07 14.97
CA GLN A 73 -19.46 37.99 16.12
C GLN A 73 -20.20 37.36 17.30
N ALA A 74 -19.81 36.13 17.65
CA ALA A 74 -20.63 35.34 18.57
C ALA A 74 -20.60 35.92 19.98
N GLU A 75 -19.41 36.22 20.50
CA GLU A 75 -19.31 36.66 21.88
C GLU A 75 -19.99 38.00 22.11
N LYS A 76 -19.79 38.94 21.18
CA LYS A 76 -20.40 40.25 21.34
C LYS A 76 -21.92 40.17 21.31
N CYS A 77 -22.46 39.39 20.38
CA CYS A 77 -23.92 39.26 20.28
C CYS A 77 -24.50 38.58 21.52
N VAL A 78 -23.85 37.53 22.01
CA VAL A 78 -24.34 36.85 23.20
C VAL A 78 -24.28 37.77 24.40
N PHE A 79 -23.20 38.54 24.52
CA PHE A 79 -23.09 39.48 25.63
C PHE A 79 -24.20 40.52 25.58
N ASN A 80 -24.59 40.96 24.37
CA ASN A 80 -25.69 41.91 24.24
C ASN A 80 -26.99 41.31 24.75
N VAL A 81 -27.25 40.04 24.42
CA VAL A 81 -28.42 39.36 24.96
C VAL A 81 -28.32 39.27 26.47
N MET A 82 -27.12 39.02 26.99
CA MET A 82 -26.92 38.91 28.43
C MET A 82 -27.22 40.23 29.13
N LYS A 83 -26.77 41.34 28.56
CA LYS A 83 -27.02 42.64 29.18
C LYS A 83 -28.51 42.95 29.24
N LYS A 84 -29.25 42.63 28.17
CA LYS A 84 -30.70 42.81 28.20
C LYS A 84 -31.33 41.89 29.23
N LEU A 85 -30.86 40.64 29.31
CA LEU A 85 -31.41 39.70 30.27
C LEU A 85 -31.14 40.14 31.70
N CYS A 86 -30.05 40.90 31.93
CA CYS A 86 -29.81 41.46 33.25
C CYS A 86 -30.95 42.37 33.67
N PHE A 87 -31.38 43.24 32.76
CA PHE A 87 -32.44 44.19 33.09
C PHE A 87 -33.79 43.48 33.18
N LEU A 88 -34.09 42.60 32.23
CA LEU A 88 -35.39 41.94 32.20
C LEU A 88 -35.57 41.01 33.39
N LEU A 89 -34.59 40.13 33.63
CA LEU A 89 -34.69 39.17 34.72
C LEU A 89 -34.47 39.78 36.09
N GLN A 90 -34.03 41.04 36.16
CA GLN A 90 -33.71 41.72 37.41
C GLN A 90 -32.61 41.03 38.18
N ALA A 91 -31.81 40.20 37.50
CA ALA A 91 -30.70 39.51 38.13
C ALA A 91 -29.54 40.46 38.37
N ASP A 92 -28.58 40.01 39.19
CA ASP A 92 -27.42 40.83 39.50
C ASP A 92 -26.28 40.58 38.53
N ARG A 93 -25.91 39.33 38.32
CA ARG A 93 -24.83 38.98 37.41
C ARG A 93 -25.24 37.76 36.59
N MET A 94 -24.65 37.65 35.41
CA MET A 94 -24.86 36.53 34.50
C MET A 94 -23.52 35.94 34.10
N SER A 95 -23.57 34.69 33.63
CA SER A 95 -22.34 34.00 33.24
C SER A 95 -22.67 32.97 32.16
N LEU A 96 -21.63 32.55 31.45
CA LEU A 96 -21.75 31.59 30.37
C LEU A 96 -20.66 30.54 30.51
N PHE A 97 -21.03 29.28 30.35
CA PHE A 97 -20.10 28.16 30.48
C PHE A 97 -20.13 27.34 29.20
N MET A 98 -19.05 27.38 28.44
CA MET A 98 -18.95 26.56 27.24
C MET A 98 -18.78 25.09 27.61
N TYR A 99 -19.57 24.23 26.96
CA TYR A 99 -19.42 22.80 27.16
C TYR A 99 -18.18 22.30 26.42
N ARG A 100 -17.35 21.55 27.12
CA ARG A 100 -16.12 21.01 26.55
C ARG A 100 -15.96 19.57 27.00
N ALA A 101 -15.33 18.76 26.15
CA ALA A 101 -15.12 17.35 26.45
C ALA A 101 -13.71 16.97 26.07
N ARG A 102 -12.93 16.51 27.04
CA ARG A 102 -11.59 16.02 26.79
C ARG A 102 -11.36 14.78 27.63
N ASN A 103 -10.54 13.87 27.10
CA ASN A 103 -10.25 12.58 27.74
C ASN A 103 -11.51 11.74 27.93
N GLY A 104 -12.56 12.02 27.16
CA GLY A 104 -13.81 11.32 27.27
C GLY A 104 -14.75 11.86 28.33
N ILE A 105 -14.26 12.69 29.23
CA ILE A 105 -15.10 13.29 30.26
C ILE A 105 -15.47 14.69 29.83
N ALA A 106 -16.59 15.19 30.35
CA ALA A 106 -17.09 16.50 29.97
C ALA A 106 -16.82 17.50 31.08
N GLU A 107 -16.68 18.77 30.67
CA GLU A 107 -16.47 19.85 31.63
C GLU A 107 -17.07 21.13 31.05
N LEU A 108 -17.23 22.12 31.93
CA LEU A 108 -17.77 23.42 31.53
C LEU A 108 -16.74 24.49 31.85
N ALA A 109 -16.37 25.26 30.84
CA ALA A 109 -15.35 26.28 30.97
C ALA A 109 -15.98 27.65 30.85
N THR A 110 -15.62 28.56 31.76
CA THR A 110 -16.19 29.90 31.73
C THR A 110 -15.74 30.64 30.49
N ARG A 111 -16.69 31.34 29.86
CA ARG A 111 -16.39 32.21 28.73
C ARG A 111 -16.75 33.66 29.01
N LEU A 112 -17.91 33.92 29.61
CA LEU A 112 -18.30 35.25 30.04
C LEU A 112 -18.62 35.17 31.53
N PHE A 113 -18.04 36.09 32.31
CA PHE A 113 -18.19 36.08 33.74
C PHE A 113 -18.47 37.49 34.24
N ASN A 114 -19.28 37.57 35.31
CA ASN A 114 -19.60 38.83 35.96
C ASN A 114 -20.19 39.84 34.97
N VAL A 115 -21.31 39.45 34.36
CA VAL A 115 -22.00 40.29 33.40
C VAL A 115 -23.13 41.02 34.12
N HIS A 116 -23.04 42.34 34.16
CA HIS A 116 -24.11 43.17 34.70
C HIS A 116 -24.57 44.16 33.62
N LYS A 117 -25.66 44.85 33.93
CA LYS A 117 -26.30 45.73 32.95
C LYS A 117 -25.46 46.94 32.58
N ASP A 118 -24.39 47.23 33.33
CA ASP A 118 -23.51 48.36 33.06
C ASP A 118 -22.08 47.90 32.86
N ALA A 119 -21.89 46.86 32.06
CA ALA A 119 -20.58 46.30 31.79
C ALA A 119 -20.29 46.34 30.30
N VAL A 120 -19.02 46.14 29.95
CA VAL A 120 -18.60 46.06 28.57
C VAL A 120 -18.08 44.64 28.30
N LEU A 121 -17.82 44.36 27.02
CA LEU A 121 -17.38 43.02 26.64
C LEU A 121 -16.01 42.69 27.24
N GLU A 122 -15.11 43.67 27.27
CA GLU A 122 -13.76 43.40 27.75
C GLU A 122 -13.74 43.10 29.24
N GLU A 123 -14.68 43.66 30.01
CA GLU A 123 -14.73 43.44 31.44
C GLU A 123 -15.34 42.09 31.80
N CYS A 124 -15.97 41.40 30.85
CA CYS A 124 -16.63 40.14 31.11
C CYS A 124 -16.07 38.96 30.32
N LEU A 125 -15.34 39.20 29.25
CA LEU A 125 -14.75 38.11 28.49
C LEU A 125 -13.68 37.41 29.32
N VAL A 126 -13.58 36.10 29.18
CA VAL A 126 -12.67 35.28 29.97
C VAL A 126 -11.61 34.71 29.05
N ALA A 127 -10.35 35.04 29.33
CA ALA A 127 -9.24 34.49 28.59
C ALA A 127 -9.04 33.02 28.97
N PRO A 128 -8.37 32.24 28.11
CA PRO A 128 -8.10 30.84 28.47
C PRO A 128 -7.29 30.69 29.75
N ASP A 129 -6.45 31.66 30.07
CA ASP A 129 -5.68 31.59 31.31
C ASP A 129 -6.56 31.83 32.53
N SER A 130 -7.61 32.64 32.40
CA SER A 130 -8.52 32.92 33.49
C SER A 130 -9.74 32.00 33.49
N GLU A 131 -9.64 30.86 32.83
CA GLU A 131 -10.77 29.95 32.68
C GLU A 131 -11.09 29.26 33.99
N ILE A 132 -12.36 29.07 34.27
CA ILE A 132 -12.83 28.27 35.39
C ILE A 132 -13.49 27.02 34.82
N VAL A 133 -12.95 25.85 35.17
CA VAL A 133 -13.40 24.58 34.60
C VAL A 133 -14.21 23.85 35.66
N PHE A 134 -15.41 23.41 35.27
CA PHE A 134 -16.33 22.72 36.17
C PHE A 134 -16.65 21.34 35.62
N PRO A 135 -16.29 20.26 36.31
CA PRO A 135 -16.70 18.93 35.85
C PRO A 135 -18.20 18.75 36.02
N LEU A 136 -18.75 17.82 35.23
CA LEU A 136 -20.19 17.59 35.26
C LEU A 136 -20.69 17.07 36.60
N ASP A 137 -19.79 16.54 37.43
CA ASP A 137 -20.15 15.97 38.72
C ASP A 137 -20.12 17.00 39.84
N MET A 138 -20.35 18.28 39.53
CA MET A 138 -20.29 19.37 40.47
C MET A 138 -21.67 20.04 40.56
N GLY A 139 -21.73 21.23 41.15
CA GLY A 139 -22.98 21.86 41.51
C GLY A 139 -23.85 22.30 40.34
N VAL A 140 -24.65 23.35 40.57
CA VAL A 140 -25.73 23.76 39.68
C VAL A 140 -25.28 23.79 38.22
N VAL A 141 -24.05 24.24 37.98
CA VAL A 141 -23.54 24.29 36.61
C VAL A 141 -23.52 22.89 36.02
N GLY A 142 -22.95 21.93 36.75
CA GLY A 142 -22.97 20.55 36.28
C GLY A 142 -24.36 19.95 36.26
N HIS A 143 -25.19 20.34 37.22
CA HIS A 143 -26.55 19.78 37.28
C HIS A 143 -27.37 20.17 36.06
N VAL A 144 -27.26 21.42 35.62
CA VAL A 144 -28.02 21.87 34.45
C VAL A 144 -27.56 21.12 33.21
N ALA A 145 -26.25 20.93 33.04
CA ALA A 145 -25.74 20.24 31.86
C ALA A 145 -26.26 18.81 31.80
N LEU A 146 -26.29 18.11 32.94
CA LEU A 146 -26.82 16.75 32.97
C LEU A 146 -28.34 16.73 32.88
N SER A 147 -29.02 17.72 33.47
CA SER A 147 -30.47 17.74 33.44
C SER A 147 -31.02 18.15 32.08
N LYS A 148 -30.31 19.03 31.37
CA LYS A 148 -30.77 19.58 30.09
C LYS A 148 -32.16 20.21 30.23
N LYS A 149 -32.36 20.93 31.33
CA LYS A 149 -33.64 21.55 31.62
C LYS A 149 -33.39 22.73 32.55
N ILE A 150 -34.27 23.73 32.47
CA ILE A 150 -34.15 24.91 33.33
C ILE A 150 -34.10 24.48 34.78
N VAL A 151 -33.15 25.04 35.53
CA VAL A 151 -32.99 24.76 36.95
C VAL A 151 -33.14 26.08 37.70
N ASN A 152 -34.04 26.09 38.69
CA ASN A 152 -34.31 27.28 39.48
C ASN A 152 -34.00 26.95 40.95
N VAL A 153 -32.83 27.41 41.41
CA VAL A 153 -32.50 27.36 42.83
C VAL A 153 -33.19 28.54 43.49
N PRO A 154 -34.30 28.34 44.18
CA PRO A 154 -35.18 29.46 44.51
C PRO A 154 -34.85 30.22 45.79
N ASN A 155 -34.29 29.58 46.81
CA ASN A 155 -34.17 30.25 48.10
C ASN A 155 -32.72 30.46 48.52
N THR A 156 -31.94 29.40 48.69
CA THR A 156 -30.61 29.50 49.28
C THR A 156 -29.75 28.38 48.72
N GLU A 157 -28.63 28.10 49.39
CA GLU A 157 -27.67 27.10 48.98
C GLU A 157 -27.86 25.75 49.67
N GLU A 158 -28.88 25.63 50.51
CA GLU A 158 -29.14 24.38 51.21
C GLU A 158 -30.05 23.44 50.42
N ASP A 159 -30.19 23.67 49.12
CA ASP A 159 -31.10 22.87 48.31
C ASP A 159 -30.34 22.05 47.27
N GLU A 160 -29.26 21.40 47.72
CA GLU A 160 -28.57 20.35 46.98
C GLU A 160 -27.71 20.87 45.84
N HIS A 161 -26.64 20.14 45.53
CA HIS A 161 -25.73 20.41 44.42
C HIS A 161 -25.41 21.90 44.27
N PHE A 162 -24.79 22.44 45.30
CA PHE A 162 -24.25 23.80 45.28
C PHE A 162 -22.77 23.74 45.64
N CYS A 163 -21.98 24.59 45.01
CA CYS A 163 -20.54 24.64 45.24
C CYS A 163 -20.14 26.02 45.72
N ASP A 164 -19.12 26.06 46.59
CA ASP A 164 -18.65 27.28 47.20
C ASP A 164 -17.31 27.76 46.65
N PHE A 165 -16.76 27.09 45.63
CA PHE A 165 -15.44 27.43 45.14
C PHE A 165 -15.43 28.83 44.55
N VAL A 166 -16.34 29.11 43.62
CA VAL A 166 -16.32 30.41 42.94
C VAL A 166 -16.70 31.52 43.90
N ASP A 167 -17.56 31.24 44.87
CA ASP A 167 -17.92 32.25 45.86
C ASP A 167 -16.71 32.65 46.70
N THR A 168 -15.90 31.67 47.10
CA THR A 168 -14.67 31.98 47.82
C THR A 168 -13.63 32.59 46.89
N LEU A 169 -13.55 32.08 45.65
CA LEU A 169 -12.54 32.58 44.72
C LEU A 169 -12.80 34.04 44.36
N THR A 170 -14.05 34.39 44.11
CA THR A 170 -14.41 35.73 43.67
C THR A 170 -15.00 36.57 44.80
N GLU A 171 -14.75 36.19 46.05
CA GLU A 171 -15.26 36.85 47.26
C GLU A 171 -16.70 37.34 47.08
N TYR A 172 -17.53 36.51 46.45
CA TYR A 172 -18.91 36.84 46.15
C TYR A 172 -19.84 35.86 46.86
N GLN A 173 -21.10 36.25 47.01
CA GLN A 173 -22.10 35.40 47.63
C GLN A 173 -23.25 35.18 46.65
N THR A 174 -23.63 33.92 46.48
CA THR A 174 -24.71 33.54 45.58
C THR A 174 -25.76 32.79 46.38
N LYS A 175 -26.98 33.30 46.37
CA LYS A 175 -28.09 32.67 47.07
C LYS A 175 -29.20 32.21 46.14
N ASN A 176 -29.43 32.91 45.04
CA ASN A 176 -30.50 32.63 44.11
C ASN A 176 -29.91 32.37 42.74
N ILE A 177 -30.25 31.22 42.15
CA ILE A 177 -29.71 30.81 40.85
C ILE A 177 -30.85 30.39 39.94
N LEU A 178 -30.80 30.84 38.70
CA LEU A 178 -31.72 30.39 37.64
C LEU A 178 -30.89 30.20 36.38
N ALA A 179 -30.69 28.96 35.96
CA ALA A 179 -29.85 28.64 34.83
C ALA A 179 -30.63 27.85 33.79
N SER A 180 -30.16 27.92 32.55
CA SER A 180 -30.75 27.18 31.45
C SER A 180 -29.64 26.84 30.46
N PRO A 181 -29.67 25.66 29.86
CA PRO A 181 -28.64 25.28 28.89
C PRO A 181 -29.03 25.64 27.46
N ILE A 182 -28.02 26.02 26.69
CA ILE A 182 -28.20 26.24 25.26
C ILE A 182 -27.99 24.91 24.56
N MET A 183 -29.03 24.43 23.88
CA MET A 183 -29.08 23.06 23.38
C MET A 183 -29.09 23.10 21.86
N ASN A 184 -28.10 22.46 21.24
CA ASN A 184 -28.03 22.35 19.78
C ASN A 184 -28.60 21.01 19.33
N GLY A 185 -29.90 20.84 19.57
CA GLY A 185 -30.58 19.61 19.20
C GLY A 185 -30.42 18.51 20.23
N LYS A 186 -29.24 17.90 20.29
CA LYS A 186 -28.99 16.82 21.24
C LYS A 186 -27.69 16.98 22.00
N ASP A 187 -26.85 17.95 21.66
CA ASP A 187 -25.61 18.20 22.38
C ASP A 187 -25.64 19.58 23.00
N VAL A 188 -25.16 19.68 24.22
CA VAL A 188 -25.13 20.96 24.94
C VAL A 188 -23.95 21.78 24.44
N VAL A 189 -24.20 23.05 24.12
CA VAL A 189 -23.16 23.96 23.65
C VAL A 189 -22.67 24.86 24.77
N ALA A 190 -23.59 25.49 25.50
CA ALA A 190 -23.22 26.40 26.56
C ALA A 190 -24.33 26.46 27.59
N ILE A 191 -24.01 26.97 28.77
CA ILE A 191 -24.97 27.13 29.86
C ILE A 191 -25.00 28.59 30.27
N ILE A 192 -26.19 29.18 30.27
CA ILE A 192 -26.39 30.54 30.74
C ILE A 192 -26.94 30.48 32.15
N MET A 193 -26.53 31.43 32.98
CA MET A 193 -26.88 31.40 34.39
C MET A 193 -27.02 32.81 34.94
N VAL A 194 -27.90 32.97 35.92
CA VAL A 194 -28.03 34.20 36.68
C VAL A 194 -27.74 33.88 38.14
N VAL A 195 -27.22 34.86 38.86
CA VAL A 195 -26.93 34.72 40.28
C VAL A 195 -27.54 35.90 41.02
N ASN A 196 -28.22 35.62 42.13
CA ASN A 196 -28.89 36.62 42.95
C ASN A 196 -29.99 37.34 42.17
N LYS A 197 -30.69 38.26 42.83
CA LYS A 197 -31.79 38.98 42.20
C LYS A 197 -32.05 40.22 43.04
N VAL A 198 -31.81 41.40 42.48
CA VAL A 198 -32.03 42.62 43.26
C VAL A 198 -33.46 43.08 43.01
N ASP A 199 -34.42 42.41 43.65
CA ASP A 199 -35.73 42.97 43.90
C ASP A 199 -36.18 42.58 45.29
N GLY A 200 -35.69 41.42 45.75
CA GLY A 200 -36.23 40.79 46.92
C GLY A 200 -36.21 39.27 46.80
N PRO A 201 -37.39 38.65 46.91
CA PRO A 201 -37.51 37.18 46.94
C PRO A 201 -37.42 36.50 45.57
N HIS A 202 -36.18 36.24 45.16
CA HIS A 202 -35.79 35.39 44.03
C HIS A 202 -36.56 35.62 42.73
N PHE A 203 -36.68 34.56 41.95
CA PHE A 203 -37.25 34.60 40.61
C PHE A 203 -38.60 33.88 40.60
N THR A 204 -39.53 34.45 39.85
CA THR A 204 -40.86 33.87 39.68
C THR A 204 -40.90 33.08 38.38
N GLU A 205 -42.04 32.44 38.13
CA GLU A 205 -42.24 31.76 36.86
C GLU A 205 -42.24 32.71 35.68
N ASN A 206 -42.54 33.99 35.93
CA ASN A 206 -42.46 34.99 34.87
C ASN A 206 -41.04 35.14 34.36
N ASP A 207 -40.06 35.13 35.27
CA ASP A 207 -38.66 35.26 34.86
C ASP A 207 -38.23 34.05 34.03
N GLU A 208 -38.70 32.85 34.39
CA GLU A 208 -38.40 31.68 33.58
C GLU A 208 -38.97 31.82 32.18
N GLU A 209 -40.18 32.35 32.07
CA GLU A 209 -40.76 32.61 30.75
C GLU A 209 -39.95 33.65 29.99
N ILE A 210 -39.51 34.70 30.68
CA ILE A 210 -38.71 35.74 30.03
C ILE A 210 -37.40 35.15 29.53
N LEU A 211 -36.75 34.32 30.34
CA LEU A 211 -35.48 33.71 29.93
C LEU A 211 -35.67 32.82 28.71
N LEU A 212 -36.74 32.01 28.70
CA LEU A 212 -37.00 31.15 27.55
C LEU A 212 -37.31 31.97 26.31
N LYS A 213 -38.06 33.07 26.46
CA LYS A 213 -38.41 33.89 25.31
C LYS A 213 -37.18 34.49 24.66
N TYR A 214 -36.28 35.04 25.46
CA TYR A 214 -35.12 35.75 24.95
C TYR A 214 -33.90 34.86 24.76
N LEU A 215 -34.01 33.58 25.10
CA LEU A 215 -32.92 32.65 24.79
C LEU A 215 -32.96 32.19 23.34
N ASN A 216 -34.01 32.53 22.60
CA ASN A 216 -34.08 32.17 21.19
C ASN A 216 -32.94 32.81 20.41
N PHE A 217 -32.69 34.10 20.66
CA PHE A 217 -31.60 34.77 19.96
C PHE A 217 -30.25 34.18 20.35
N ALA A 218 -30.04 33.94 21.64
CA ALA A 218 -28.77 33.38 22.08
C ALA A 218 -28.55 31.99 21.52
N ASN A 219 -29.62 31.20 21.43
CA ASN A 219 -29.51 29.86 20.85
C ASN A 219 -29.10 29.92 19.39
N LEU A 220 -29.65 30.87 18.63
CA LEU A 220 -29.30 30.98 17.23
C LEU A 220 -27.84 31.38 17.05
N ILE A 221 -27.35 32.30 17.88
CA ILE A 221 -25.97 32.76 17.75
C ILE A 221 -25.00 31.63 18.04
N MET A 222 -25.24 30.89 19.12
CA MET A 222 -24.38 29.75 19.43
C MET A 222 -24.52 28.64 18.41
N LYS A 223 -25.70 28.48 17.80
CA LYS A 223 -25.86 27.46 16.77
C LYS A 223 -24.97 27.76 15.57
N VAL A 224 -24.89 29.03 15.16
CA VAL A 224 -24.00 29.41 14.07
C VAL A 224 -22.55 29.19 14.48
N PHE A 225 -22.20 29.62 15.69
CA PHE A 225 -20.83 29.48 16.17
C PHE A 225 -20.42 28.01 16.27
N HIS A 226 -21.32 27.17 16.77
CA HIS A 226 -21.00 25.75 16.90
C HIS A 226 -20.86 25.08 15.54
N LEU A 227 -21.75 25.42 14.59
CA LEU A 227 -21.69 24.78 13.28
C LEU A 227 -20.43 25.18 12.52
N SER A 228 -20.04 26.44 12.59
CA SER A 228 -18.84 26.89 11.89
C SER A 228 -17.60 26.17 12.42
N TYR A 229 -17.51 26.02 13.74
CA TYR A 229 -16.38 25.29 14.32
C TYR A 229 -16.40 23.83 13.91
N LEU A 230 -17.57 23.19 13.95
CA LEU A 230 -17.67 21.80 13.52
C LEU A 230 -17.32 21.66 12.05
N HIS A 231 -17.82 22.57 11.21
CA HIS A 231 -17.55 22.49 9.78
C HIS A 231 -16.06 22.66 9.50
N ASN A 232 -15.41 23.58 10.21
CA ASN A 232 -13.97 23.78 10.01
C ASN A 232 -13.17 22.55 10.44
N CYS A 233 -13.54 21.94 11.57
CA CYS A 233 -12.81 20.78 12.06
C CYS A 233 -12.96 19.60 11.10
N GLU A 234 -14.17 19.37 10.60
CA GLU A 234 -14.37 18.24 9.69
C GLU A 234 -13.66 18.46 8.37
N THR A 235 -13.60 19.70 7.89
CA THR A 235 -12.87 20.00 6.67
C THR A 235 -11.38 19.70 6.84
N ARG A 236 -10.81 20.06 8.00
CA ARG A 236 -9.41 19.79 8.25
C ARG A 236 -9.13 18.30 8.28
N ARG A 237 -10.04 17.52 8.86
CA ARG A 237 -9.87 16.08 8.91
C ARG A 237 -9.84 15.47 7.52
N GLY A 238 -10.71 15.96 6.63
CA GLY A 238 -10.70 15.47 5.27
C GLY A 238 -9.39 15.78 4.56
N GLN A 239 -8.87 17.00 4.74
CA GLN A 239 -7.62 17.37 4.11
C GLN A 239 -6.45 16.58 4.68
N ILE A 240 -6.48 16.31 5.98
CA ILE A 240 -5.41 15.56 6.61
C ILE A 240 -5.33 14.16 6.04
N LEU A 241 -6.48 13.49 5.93
CA LEU A 241 -6.49 12.13 5.39
C LEU A 241 -6.09 12.11 3.93
N LEU A 242 -6.52 13.10 3.16
CA LEU A 242 -6.21 13.12 1.73
C LEU A 242 -4.73 13.40 1.50
N TRP A 243 -4.19 14.42 2.18
CA TRP A 243 -2.79 14.76 2.00
C TRP A 243 -1.89 13.63 2.49
N SER A 244 -2.24 13.01 3.62
CA SER A 244 -1.48 11.89 4.13
C SER A 244 -1.50 10.72 3.16
N GLY A 245 -2.67 10.44 2.59
CA GLY A 245 -2.75 9.35 1.63
C GLY A 245 -1.91 9.61 0.40
N SER A 246 -1.86 10.86 -0.05
CA SER A 246 -1.08 11.20 -1.22
C SER A 246 0.40 10.90 -1.02
N LYS A 247 0.93 11.29 0.15
CA LYS A 247 2.36 11.10 0.40
C LYS A 247 2.68 9.66 0.75
N VAL A 248 1.76 8.94 1.38
CA VAL A 248 2.01 7.55 1.72
C VAL A 248 2.19 6.71 0.45
N PHE A 249 1.33 6.93 -0.54
CA PHE A 249 1.32 6.12 -1.74
C PHE A 249 2.28 6.63 -2.82
N GLU A 250 3.04 7.69 -2.55
CA GLU A 250 3.98 8.18 -3.55
C GLU A 250 5.06 7.16 -3.84
N GLU A 251 5.60 6.53 -2.80
CA GLU A 251 6.68 5.57 -2.93
C GLU A 251 6.55 4.51 -1.86
N LEU A 252 7.28 3.42 -2.04
CA LEU A 252 7.37 2.35 -1.04
C LEU A 252 8.66 2.55 -0.27
N THR A 253 8.57 3.17 0.90
CA THR A 253 9.74 3.49 1.71
C THR A 253 9.56 2.96 3.12
N ASP A 254 10.60 3.13 3.92
CA ASP A 254 10.60 2.63 5.29
C ASP A 254 9.70 3.49 6.17
N ILE A 255 9.59 3.11 7.44
CA ILE A 255 8.62 3.74 8.33
C ILE A 255 9.02 5.17 8.66
N GLU A 256 10.31 5.42 8.88
CA GLU A 256 10.74 6.74 9.27
C GLU A 256 10.55 7.75 8.14
N ARG A 257 10.89 7.35 6.91
CA ARG A 257 10.71 8.26 5.78
C ARG A 257 9.24 8.50 5.49
N GLN A 258 8.42 7.45 5.56
CA GLN A 258 7.00 7.61 5.26
C GLN A 258 6.30 8.48 6.29
N PHE A 259 6.57 8.24 7.58
CA PHE A 259 5.94 9.04 8.62
C PHE A 259 6.38 10.49 8.55
N HIS A 260 7.67 10.72 8.24
CA HIS A 260 8.18 12.08 8.15
C HIS A 260 7.48 12.85 7.04
N LYS A 261 7.26 12.21 5.89
CA LYS A 261 6.60 12.88 4.78
C LYS A 261 5.17 13.24 5.14
N ALA A 262 4.45 12.31 5.78
CA ALA A 262 3.03 12.52 6.04
C ALA A 262 2.81 13.63 7.06
N LEU A 263 3.56 13.60 8.16
CA LEU A 263 3.37 14.58 9.21
C LEU A 263 3.82 15.96 8.77
N TYR A 264 4.89 16.04 7.96
CA TYR A 264 5.33 17.33 7.48
C TYR A 264 4.32 17.96 6.54
N THR A 265 3.65 17.15 5.73
CA THR A 265 2.69 17.69 4.77
C THR A 265 1.46 18.28 5.46
N VAL A 266 1.00 17.62 6.52
CA VAL A 266 -0.26 18.01 7.16
C VAL A 266 0.00 18.93 8.33
N ARG A 267 1.20 19.50 8.39
CA ARG A 267 1.55 20.39 9.50
C ARG A 267 0.66 21.63 9.54
N ALA A 268 0.09 22.01 8.39
CA ALA A 268 -0.74 23.22 8.37
C ALA A 268 -2.09 22.99 9.04
N PHE A 269 -2.66 21.80 8.88
CA PHE A 269 -3.99 21.51 9.38
C PHE A 269 -4.02 21.07 10.84
N LEU A 270 -2.87 20.78 11.44
CA LEU A 270 -2.88 20.30 12.82
C LEU A 270 -3.15 21.41 13.81
N ASN A 271 -2.76 22.65 13.49
CA ASN A 271 -2.99 23.80 14.36
C ASN A 271 -2.29 23.65 15.70
N CYS A 272 -1.03 23.22 15.68
CA CYS A 272 -0.23 23.07 16.88
C CYS A 272 1.10 23.82 16.71
N ASP A 273 1.68 24.21 17.84
CA ASP A 273 2.97 24.89 17.81
C ASP A 273 4.11 23.90 17.60
N ARG A 274 4.19 22.88 18.45
CA ARG A 274 5.17 21.82 18.32
C ARG A 274 4.47 20.48 18.36
N TYR A 275 5.05 19.50 17.68
CA TYR A 275 4.61 18.13 17.84
C TYR A 275 5.72 17.21 17.36
N SER A 276 5.94 16.12 18.11
CA SER A 276 7.03 15.21 17.87
C SER A 276 6.51 13.78 17.87
N VAL A 277 7.21 12.91 17.17
CA VAL A 277 6.84 11.50 17.06
C VAL A 277 8.05 10.65 17.42
N GLY A 278 7.87 9.76 18.39
CA GLY A 278 8.94 8.87 18.79
C GLY A 278 8.68 7.44 18.36
N LEU A 279 9.62 6.85 17.64
CA LEU A 279 9.44 5.52 17.09
C LEU A 279 10.02 4.48 18.03
N LEU A 280 9.21 3.48 18.37
CA LEU A 280 9.64 2.42 19.26
C LEU A 280 10.33 1.31 18.49
N ASP A 281 11.30 0.68 19.14
CA ASP A 281 11.94 -0.50 18.56
C ASP A 281 10.96 -1.66 18.55
N MET A 282 10.91 -2.38 17.43
CA MET A 282 9.97 -3.46 17.23
C MET A 282 10.58 -4.84 17.44
N THR A 283 11.82 -4.90 17.93
CA THR A 283 12.47 -6.20 18.14
C THR A 283 11.82 -6.94 19.30
N LYS A 284 11.27 -8.12 19.02
CA LYS A 284 10.56 -8.88 20.04
C LYS A 284 11.44 -9.90 20.74
N GLN A 285 12.39 -10.51 20.03
CA GLN A 285 13.25 -11.53 20.60
C GLN A 285 14.70 -11.25 20.22
N LYS A 286 15.61 -11.45 21.16
CA LYS A 286 17.03 -11.27 20.92
C LYS A 286 17.65 -12.58 20.45
N GLU A 287 18.83 -12.48 19.85
CA GLU A 287 19.55 -13.66 19.40
C GLU A 287 20.17 -14.38 20.59
N PHE A 288 20.61 -15.61 20.34
CA PHE A 288 21.10 -16.45 21.43
C PHE A 288 22.33 -15.85 22.10
N PHE A 289 23.25 -15.28 21.32
CA PHE A 289 24.47 -14.76 21.91
C PHE A 289 24.25 -13.52 22.76
N ASP A 290 23.13 -12.81 22.55
CA ASP A 290 22.79 -11.69 23.40
C ASP A 290 21.98 -12.09 24.62
N VAL A 291 21.47 -13.31 24.66
CA VAL A 291 20.72 -13.79 25.81
C VAL A 291 21.64 -14.49 26.81
N TRP A 292 22.75 -15.06 26.34
CA TRP A 292 23.66 -15.78 27.22
C TRP A 292 24.18 -14.95 28.39
N PRO A 293 24.66 -13.71 28.19
CA PRO A 293 25.18 -12.96 29.36
C PRO A 293 24.16 -12.76 30.45
N VAL A 294 22.89 -12.57 30.10
CA VAL A 294 21.86 -12.35 31.10
C VAL A 294 21.62 -13.63 31.90
N LEU A 295 21.52 -14.77 31.22
CA LEU A 295 21.22 -16.02 31.91
C LEU A 295 22.37 -16.47 32.79
N MET A 296 23.60 -16.13 32.44
CA MET A 296 24.77 -16.49 33.23
C MET A 296 25.14 -15.46 34.28
N GLY A 297 24.37 -14.39 34.40
CA GLY A 297 24.65 -13.38 35.40
C GLY A 297 25.71 -12.37 35.03
N GLU A 298 26.21 -12.40 33.80
CA GLU A 298 27.19 -11.40 33.38
C GLU A 298 26.59 -10.00 33.40
N ALA A 299 25.34 -9.86 32.98
CA ALA A 299 24.65 -8.59 32.97
C ALA A 299 23.30 -8.73 33.65
N PRO A 300 22.83 -7.68 34.33
CA PRO A 300 21.53 -7.76 34.99
C PRO A 300 20.41 -7.78 33.96
N PRO A 301 19.28 -8.40 34.29
CA PRO A 301 18.15 -8.40 33.35
C PRO A 301 17.53 -7.01 33.25
N TYR A 302 16.80 -6.81 32.16
CA TYR A 302 16.11 -5.55 31.94
C TYR A 302 15.05 -5.33 33.01
N ALA A 303 14.98 -4.11 33.54
CA ALA A 303 14.03 -3.78 34.60
C ALA A 303 13.22 -2.52 34.31
N GLY A 304 13.33 -1.95 33.11
CA GLY A 304 12.62 -0.75 32.78
C GLY A 304 11.17 -1.02 32.38
N PRO A 305 10.49 0.01 31.88
CA PRO A 305 9.10 -0.16 31.47
C PRO A 305 9.01 -1.00 30.20
N ARG A 306 7.84 -1.61 30.01
CA ARG A 306 7.61 -2.51 28.90
C ARG A 306 6.31 -2.15 28.19
N THR A 307 6.27 -2.38 26.89
CA THR A 307 5.05 -2.22 26.12
C THR A 307 4.06 -3.33 26.48
N PRO A 308 2.76 -3.09 26.26
CA PRO A 308 1.77 -4.11 26.62
C PRO A 308 1.99 -5.44 25.92
N ASP A 309 2.50 -5.44 24.69
CA ASP A 309 2.77 -6.71 24.02
C ASP A 309 3.99 -7.42 24.57
N GLY A 310 4.85 -6.70 25.30
CA GLY A 310 5.96 -7.35 25.97
C GLY A 310 7.34 -7.01 25.44
N ARG A 311 7.52 -5.79 24.97
CA ARG A 311 8.82 -5.33 24.49
C ARG A 311 9.33 -4.18 25.35
N GLU A 312 10.65 -4.05 25.40
CA GLU A 312 11.26 -2.96 26.14
C GLU A 312 10.98 -1.64 25.43
N ILE A 313 10.51 -0.65 26.18
CA ILE A 313 10.21 0.66 25.61
C ILE A 313 11.51 1.35 25.26
N ASN A 314 11.81 1.45 23.98
CA ASN A 314 13.06 2.07 23.52
C ASN A 314 12.75 2.90 22.28
N PHE A 315 12.77 4.22 22.44
CA PHE A 315 12.64 5.13 21.31
C PHE A 315 13.99 5.21 20.61
N TYR A 316 14.08 4.65 19.40
CA TYR A 316 15.33 4.71 18.66
C TYR A 316 15.42 5.90 17.72
N LYS A 317 14.29 6.52 17.37
CA LYS A 317 14.29 7.70 16.53
C LYS A 317 13.14 8.60 16.95
N VAL A 318 13.40 9.90 17.01
CA VAL A 318 12.39 10.89 17.35
C VAL A 318 12.42 11.98 16.29
N ILE A 319 11.27 12.25 15.70
CA ILE A 319 11.12 13.30 14.70
C ILE A 319 10.46 14.49 15.38
N ASP A 320 11.09 15.66 15.28
CA ASP A 320 10.65 16.84 15.99
C ASP A 320 10.22 17.90 14.99
N TYR A 321 9.01 18.43 15.18
CA TYR A 321 8.49 19.52 14.35
C TYR A 321 8.28 20.75 15.22
N ILE A 322 8.87 21.87 14.80
CA ILE A 322 8.80 23.12 15.54
C ILE A 322 8.21 24.18 14.61
N LEU A 323 7.10 24.77 15.02
CA LEU A 323 6.38 25.75 14.22
C LEU A 323 6.11 27.02 15.02
N HIS A 324 7.09 27.44 15.83
CA HIS A 324 6.94 28.63 16.66
C HIS A 324 6.88 29.91 15.83
N GLY A 325 7.33 29.86 14.59
CA GLY A 325 7.48 31.04 13.76
C GLY A 325 8.75 30.93 12.96
N LYS A 326 9.71 30.17 13.49
CA LYS A 326 10.92 29.79 12.78
C LYS A 326 10.86 28.28 12.62
N GLU A 327 10.32 27.84 11.49
CA GLU A 327 10.08 26.41 11.28
C GLU A 327 11.38 25.64 11.30
N ASP A 328 11.38 24.51 12.01
CA ASP A 328 12.56 23.66 12.14
C ASP A 328 12.11 22.22 12.34
N ILE A 329 12.67 21.31 11.56
CA ILE A 329 12.38 19.89 11.65
C ILE A 329 13.69 19.14 11.87
N LYS A 330 13.73 18.29 12.89
CA LYS A 330 14.91 17.54 13.24
C LYS A 330 14.57 16.07 13.41
N VAL A 331 15.53 15.21 13.08
CA VAL A 331 15.41 13.77 13.29
C VAL A 331 16.57 13.35 14.18
N ILE A 332 16.26 12.82 15.35
CA ILE A 332 17.26 12.49 16.37
C ILE A 332 17.33 10.98 16.48
N PRO A 333 18.43 10.34 16.10
CA PRO A 333 18.58 8.90 16.33
C PRO A 333 19.13 8.62 17.71
N ASN A 334 18.52 7.65 18.38
CA ASN A 334 18.83 7.31 19.77
C ASN A 334 18.76 8.55 20.63
N PRO A 335 17.56 9.11 20.85
CA PRO A 335 17.45 10.35 21.63
C PRO A 335 17.90 10.14 23.06
N PRO A 336 18.52 11.15 23.67
CA PRO A 336 18.90 11.02 25.07
C PRO A 336 17.67 11.00 25.96
N PRO A 337 17.75 10.36 27.12
CA PRO A 337 16.57 10.29 28.00
C PRO A 337 16.10 11.66 28.48
N ASP A 338 16.96 12.67 28.47
CA ASP A 338 16.59 14.02 28.85
C ASP A 338 16.17 14.87 27.67
N HIS A 339 15.73 14.26 26.58
CA HIS A 339 15.21 15.00 25.44
C HIS A 339 13.95 15.75 25.84
N TRP A 340 13.77 16.96 25.31
CA TRP A 340 12.70 17.83 25.77
C TRP A 340 11.33 17.20 25.62
N ALA A 341 11.14 16.37 24.59
CA ALA A 341 9.85 15.70 24.41
C ALA A 341 9.67 14.54 25.38
N LEU A 342 10.76 13.85 25.71
CA LEU A 342 10.70 12.64 26.52
C LEU A 342 10.94 12.87 28.01
N VAL A 343 11.28 14.09 28.42
CA VAL A 343 11.54 14.35 29.83
C VAL A 343 10.29 14.11 30.66
N SER A 344 9.14 14.59 30.17
CA SER A 344 7.90 14.47 30.93
C SER A 344 7.52 13.03 31.23
N GLY A 345 8.00 12.08 30.45
CA GLY A 345 7.66 10.69 30.68
C GLY A 345 6.32 10.33 30.08
N LEU A 346 5.64 11.32 29.50
CA LEU A 346 4.37 11.05 28.85
C LEU A 346 4.49 10.11 27.66
N PRO A 347 5.43 10.27 26.73
CA PRO A 347 5.58 9.26 25.67
C PRO A 347 5.84 7.86 26.21
N THR A 348 6.63 7.77 27.29
CA THR A 348 6.83 6.47 27.93
C THR A 348 5.52 5.95 28.52
N TYR A 349 4.74 6.83 29.13
CA TYR A 349 3.45 6.43 29.69
C TYR A 349 2.51 5.93 28.61
N VAL A 350 2.48 6.62 27.46
CA VAL A 350 1.60 6.21 26.37
C VAL A 350 2.04 4.85 25.83
N ALA A 351 3.35 4.68 25.63
CA ALA A 351 3.85 3.41 25.14
C ALA A 351 3.59 2.29 26.14
N GLN A 352 3.57 2.60 27.43
CA GLN A 352 3.33 1.59 28.44
C GLN A 352 1.87 1.15 28.46
N ASN A 353 0.95 2.10 28.38
CA ASN A 353 -0.47 1.80 28.55
C ASN A 353 -1.25 1.80 27.24
N GLY A 354 -0.79 2.52 26.23
CA GLY A 354 -1.56 2.61 24.99
C GLY A 354 -2.86 3.35 25.11
N LEU A 355 -2.88 4.49 25.79
CA LEU A 355 -4.08 5.28 25.97
C LEU A 355 -3.84 6.71 25.48
N ILE A 356 -4.91 7.32 24.98
CA ILE A 356 -4.87 8.70 24.52
C ILE A 356 -4.89 9.63 25.73
N CYS A 357 -3.93 10.53 25.81
CA CYS A 357 -3.77 11.41 26.96
C CYS A 357 -3.99 12.85 26.52
N ASN A 358 -4.87 13.56 27.23
CA ASN A 358 -5.10 14.98 27.02
C ASN A 358 -4.80 15.69 28.33
N ILE A 359 -3.88 16.66 28.26
CA ILE A 359 -3.40 17.35 29.45
C ILE A 359 -3.61 18.85 29.25
N MET A 360 -4.24 19.49 30.23
CA MET A 360 -4.35 20.93 30.29
C MET A 360 -3.59 21.43 31.51
N ASN A 361 -2.89 22.56 31.35
CA ASN A 361 -1.99 23.07 32.38
C ASN A 361 -0.90 22.05 32.72
N ALA A 362 -0.07 21.77 31.72
CA ALA A 362 1.03 20.82 31.88
C ALA A 362 1.94 21.11 33.07
N PRO A 363 2.39 22.35 33.32
CA PRO A 363 3.25 22.55 34.50
C PRO A 363 2.59 22.21 35.81
N SER A 364 1.28 22.40 35.93
CA SER A 364 0.59 22.09 37.17
C SER A 364 0.26 20.61 37.33
N GLU A 365 0.52 19.81 36.30
CA GLU A 365 0.27 18.37 36.37
C GLU A 365 1.44 17.72 37.12
N ASP A 366 1.16 17.23 38.33
CA ASP A 366 2.21 16.66 39.16
C ASP A 366 2.60 15.25 38.75
N PHE A 367 1.75 14.55 38.00
CA PHE A 367 2.06 13.17 37.64
C PHE A 367 3.24 13.09 36.68
N PHE A 368 3.35 14.05 35.77
CA PHE A 368 4.41 14.09 34.78
C PHE A 368 5.32 15.27 35.03
N ALA A 369 6.62 15.08 34.81
CA ALA A 369 7.61 16.12 35.05
C ALA A 369 7.74 16.99 33.81
N PHE A 370 6.75 17.88 33.63
CA PHE A 370 6.76 18.79 32.50
C PHE A 370 7.64 20.00 32.79
N GLN A 371 8.23 20.55 31.74
CA GLN A 371 9.17 21.65 31.87
C GLN A 371 8.43 22.93 32.24
N LYS A 372 8.66 23.43 33.44
CA LYS A 372 8.05 24.67 33.88
C LYS A 372 8.84 25.90 33.45
N GLU A 373 10.01 25.72 32.90
CA GLU A 373 10.83 26.81 32.41
C GLU A 373 10.63 26.98 30.91
N PRO A 374 10.82 28.19 30.39
CA PRO A 374 10.63 28.41 28.94
C PRO A 374 11.74 27.73 28.15
N LEU A 375 11.36 26.78 27.30
CA LEU A 375 12.33 26.06 26.49
C LEU A 375 12.98 26.98 25.46
N ASP A 376 12.21 27.87 24.86
CA ASP A 376 12.69 28.78 23.83
C ASP A 376 13.07 30.13 24.45
N GLU A 377 13.91 30.87 23.71
CA GLU A 377 14.32 32.19 24.17
C GLU A 377 13.16 33.17 24.19
N SER A 378 12.11 32.91 23.41
CA SER A 378 10.93 33.78 23.39
C SER A 378 9.94 33.48 24.49
N GLY A 379 10.22 32.47 25.32
CA GLY A 379 9.33 32.14 26.42
C GLY A 379 8.15 31.30 25.99
N TRP A 380 8.42 30.12 25.44
CA TRP A 380 7.36 29.23 24.96
C TRP A 380 7.06 28.21 26.06
N MET A 381 6.01 28.47 26.83
CA MET A 381 5.59 27.55 27.87
C MET A 381 4.96 26.31 27.23
N ILE A 382 4.98 25.20 27.95
CA ILE A 382 4.23 24.01 27.56
C ILE A 382 2.92 24.04 28.35
N LYS A 383 1.83 24.38 27.68
CA LYS A 383 0.54 24.56 28.36
C LYS A 383 -0.42 23.41 28.13
N ASN A 384 -0.61 22.98 26.89
CA ASN A 384 -1.54 21.91 26.57
C ASN A 384 -0.83 20.84 25.76
N VAL A 385 -0.97 19.59 26.19
CA VAL A 385 -0.31 18.44 25.55
C VAL A 385 -1.35 17.37 25.26
N LEU A 386 -1.22 16.75 24.09
CA LEU A 386 -2.08 15.65 23.69
C LEU A 386 -1.22 14.56 23.07
N SER A 387 -1.25 13.37 23.65
CA SER A 387 -0.43 12.25 23.21
C SER A 387 -1.31 11.04 22.94
N MET A 388 -1.09 10.40 21.80
CA MET A 388 -1.80 9.18 21.43
C MET A 388 -0.81 8.20 20.82
N PRO A 389 -1.08 6.90 20.93
CA PRO A 389 -0.18 5.90 20.35
C PRO A 389 -0.54 5.54 18.93
N ILE A 390 0.49 5.21 18.16
CA ILE A 390 0.31 4.69 16.80
C ILE A 390 0.34 3.17 16.86
N VAL A 391 -0.75 2.54 16.43
CA VAL A 391 -0.94 1.11 16.58
C VAL A 391 -1.15 0.50 15.20
N ASN A 392 -0.40 -0.55 14.90
CA ASN A 392 -0.53 -1.23 13.62
C ASN A 392 -1.69 -2.23 13.68
N LYS A 393 -1.80 -3.08 12.65
CA LYS A 393 -2.90 -4.03 12.59
C LYS A 393 -2.74 -5.19 13.58
N LYS A 394 -1.55 -5.38 14.14
CA LYS A 394 -1.33 -6.42 15.13
C LYS A 394 -1.57 -5.93 16.55
N GLU A 395 -2.17 -4.76 16.72
CA GLU A 395 -2.48 -4.17 18.02
C GLU A 395 -1.23 -3.84 18.82
N GLU A 396 -0.07 -3.81 18.17
CA GLU A 396 1.15 -3.39 18.81
C GLU A 396 1.36 -1.89 18.61
N ILE A 397 2.10 -1.28 19.53
CA ILE A 397 2.36 0.14 19.49
C ILE A 397 3.63 0.38 18.69
N VAL A 398 3.51 1.16 17.62
CA VAL A 398 4.64 1.45 16.75
C VAL A 398 5.35 2.73 17.16
N GLY A 399 4.59 3.72 17.62
CA GLY A 399 5.18 4.99 18.02
C GLY A 399 4.20 5.75 18.87
N VAL A 400 4.65 6.91 19.35
CA VAL A 400 3.82 7.80 20.15
C VAL A 400 3.86 9.19 19.54
N ALA A 401 2.68 9.74 19.21
CA ALA A 401 2.57 11.06 18.63
C ALA A 401 2.11 12.03 19.71
N THR A 402 2.87 13.09 19.91
CA THR A 402 2.61 14.07 20.95
C THR A 402 2.43 15.44 20.32
N PHE A 403 1.33 16.12 20.64
CA PHE A 403 1.02 17.42 20.09
C PHE A 403 0.98 18.45 21.22
N TYR A 404 1.72 19.54 21.05
CA TYR A 404 1.85 20.56 22.08
C TYR A 404 0.88 21.71 21.80
N ASN A 405 1.09 22.83 22.50
CA ASN A 405 0.14 23.94 22.57
C ASN A 405 -0.53 24.24 21.25
N ARG A 406 -1.85 24.45 21.30
CA ARG A 406 -2.61 24.86 20.14
C ARG A 406 -2.27 26.30 19.77
N LYS A 407 -2.53 26.65 18.52
CA LYS A 407 -2.16 27.97 18.03
C LYS A 407 -3.10 29.05 18.57
N ASP A 408 -4.34 28.70 18.91
CA ASP A 408 -5.29 29.66 19.42
C ASP A 408 -5.27 29.76 20.95
N GLY A 409 -4.49 28.92 21.63
CA GLY A 409 -4.39 28.97 23.06
C GLY A 409 -5.44 28.20 23.82
N LYS A 410 -6.38 27.62 23.14
CA LYS A 410 -7.42 26.87 23.82
C LYS A 410 -7.00 25.43 24.04
N PRO A 411 -7.51 24.77 25.08
CA PRO A 411 -7.16 23.37 25.32
C PRO A 411 -7.72 22.46 24.24
N PHE A 412 -7.09 21.30 24.10
CA PHE A 412 -7.49 20.31 23.11
C PHE A 412 -8.86 19.75 23.48
N ASP A 413 -9.89 20.14 22.74
CA ASP A 413 -11.24 19.67 23.00
C ASP A 413 -11.46 18.33 22.29
N GLU A 414 -12.71 17.87 22.25
CA GLU A 414 -12.99 16.57 21.66
C GLU A 414 -12.77 16.56 20.16
N MET A 415 -12.84 17.72 19.51
CA MET A 415 -12.64 17.78 18.07
C MET A 415 -11.17 17.66 17.69
N ASP A 416 -10.27 18.25 18.47
CA ASP A 416 -8.85 18.07 18.22
C ASP A 416 -8.45 16.61 18.43
N GLU A 417 -8.98 15.98 19.47
CA GLU A 417 -8.65 14.58 19.73
C GLU A 417 -9.08 13.70 18.57
N THR A 418 -10.28 13.94 18.04
CA THR A 418 -10.78 13.16 16.91
C THR A 418 -9.94 13.39 15.68
N LEU A 419 -9.51 14.64 15.45
CA LEU A 419 -8.71 14.94 14.27
C LEU A 419 -7.39 14.17 14.30
N MET A 420 -6.69 14.22 15.42
CA MET A 420 -5.39 13.55 15.50
C MET A 420 -5.55 12.05 15.63
N GLU A 421 -6.64 11.59 16.24
CA GLU A 421 -6.88 10.15 16.32
C GLU A 421 -7.03 9.53 14.94
N SER A 422 -7.74 10.23 14.05
CA SER A 422 -7.83 9.77 12.67
C SER A 422 -6.47 9.76 12.00
N LEU A 423 -5.65 10.77 12.29
CA LEU A 423 -4.31 10.81 11.72
C LEU A 423 -3.46 9.65 12.20
N THR A 424 -3.52 9.35 13.50
CA THR A 424 -2.73 8.24 14.04
C THR A 424 -3.32 6.90 13.62
N GLN A 425 -4.64 6.80 13.49
CA GLN A 425 -5.23 5.58 12.94
C GLN A 425 -4.77 5.35 11.51
N PHE A 426 -4.73 6.42 10.71
CA PHE A 426 -4.28 6.28 9.34
C PHE A 426 -2.80 5.90 9.28
N LEU A 427 -1.97 6.56 10.11
CA LEU A 427 -0.56 6.22 10.13
C LEU A 427 -0.34 4.80 10.63
N GLY A 428 -1.10 4.40 11.66
CA GLY A 428 -0.97 3.05 12.18
C GLY A 428 -1.32 1.99 11.16
N TRP A 429 -2.37 2.23 10.38
CA TRP A 429 -2.71 1.32 9.29
C TRP A 429 -1.61 1.31 8.24
N SER A 430 -1.07 2.48 7.90
CA SER A 430 -0.13 2.59 6.81
C SER A 430 1.24 1.99 7.13
N VAL A 431 1.39 1.35 8.29
CA VAL A 431 2.63 0.68 8.65
C VAL A 431 2.78 -0.57 7.78
N LEU A 432 1.69 -0.95 7.11
CA LEU A 432 1.75 -2.09 6.19
C LEU A 432 2.74 -1.85 5.07
N ASN A 433 2.78 -0.63 4.54
CA ASN A 433 3.69 -0.33 3.44
C ASN A 433 5.16 -0.51 3.80
N PRO A 434 5.67 0.04 4.91
CA PRO A 434 7.06 -0.24 5.26
C PRO A 434 7.35 -1.72 5.50
N ASP A 435 6.39 -2.46 6.05
CA ASP A 435 6.60 -3.90 6.24
C ASP A 435 6.77 -4.61 4.91
N THR A 436 5.96 -4.25 3.91
CA THR A 436 6.14 -4.81 2.58
C THR A 436 7.46 -4.38 1.97
N TYR A 437 7.90 -3.15 2.27
CA TYR A 437 9.17 -2.68 1.73
C TYR A 437 10.33 -3.47 2.31
N GLU A 438 10.26 -3.83 3.59
CA GLU A 438 11.30 -4.67 4.17
C GLU A 438 11.23 -6.09 3.62
N LEU A 439 10.03 -6.63 3.47
CA LEU A 439 9.87 -7.91 2.81
C LEU A 439 10.28 -7.82 1.34
N MET A 440 10.24 -6.61 0.77
CA MET A 440 10.66 -6.41 -0.61
C MET A 440 12.14 -6.68 -0.78
N ASN A 441 12.96 -6.05 0.06
CA ASN A 441 14.41 -6.18 -0.09
C ASN A 441 14.86 -7.60 0.24
N LYS A 442 14.25 -8.21 1.25
CA LYS A 442 14.66 -9.55 1.65
C LYS A 442 14.30 -10.57 0.59
N LEU A 443 13.11 -10.47 0.01
CA LEU A 443 12.71 -11.41 -1.03
C LEU A 443 13.54 -11.23 -2.30
N GLU A 444 13.83 -9.98 -2.66
CA GLU A 444 14.67 -9.74 -3.83
C GLU A 444 16.09 -10.25 -3.59
N ASN A 445 16.65 -10.01 -2.41
CA ASN A 445 17.99 -10.47 -2.12
C ASN A 445 18.05 -11.99 -2.06
N ARG A 446 17.02 -12.62 -1.50
CA ARG A 446 16.98 -14.08 -1.47
C ARG A 446 16.94 -14.66 -2.88
N LYS A 447 16.15 -14.05 -3.77
CA LYS A 447 16.08 -14.52 -5.15
C LYS A 447 17.43 -14.39 -5.84
N ASP A 448 18.12 -13.26 -5.64
CA ASP A 448 19.42 -13.06 -6.27
C ASP A 448 20.44 -14.05 -5.76
N ILE A 449 20.39 -14.36 -4.45
CA ILE A 449 21.33 -15.32 -3.88
C ILE A 449 21.13 -16.70 -4.50
N PHE A 450 19.88 -17.13 -4.63
CA PHE A 450 19.61 -18.43 -5.22
C PHE A 450 19.92 -18.45 -6.71
N GLN A 451 19.68 -17.33 -7.40
CA GLN A 451 20.01 -17.26 -8.82
C GLN A 451 21.51 -17.36 -9.04
N ASP A 452 22.30 -16.72 -8.18
CA ASP A 452 23.75 -16.88 -8.27
C ASP A 452 24.16 -18.31 -7.97
N MET A 453 23.41 -18.99 -7.11
CA MET A 453 23.72 -20.38 -6.78
C MET A 453 23.50 -21.28 -7.99
N VAL A 454 22.45 -21.04 -8.77
CA VAL A 454 22.24 -21.81 -9.99
C VAL A 454 23.35 -21.53 -10.99
N LYS A 455 23.76 -20.26 -11.08
CA LYS A 455 24.76 -19.89 -12.08
C LYS A 455 26.05 -20.67 -11.90
N TYR A 456 26.47 -20.86 -10.65
CA TYR A 456 27.68 -21.66 -10.41
C TYR A 456 27.49 -23.10 -10.86
N HIS A 457 26.32 -23.68 -10.56
CA HIS A 457 26.11 -25.09 -10.84
C HIS A 457 25.99 -25.37 -12.33
N VAL A 458 25.71 -24.36 -13.13
CA VAL A 458 25.53 -24.52 -14.57
C VAL A 458 26.73 -24.02 -15.35
N LYS A 459 27.35 -22.93 -14.90
CA LYS A 459 28.49 -22.36 -15.61
C LYS A 459 29.68 -23.31 -15.57
N CYS A 460 30.36 -23.42 -16.71
CA CYS A 460 31.58 -24.22 -16.78
C CYS A 460 32.70 -23.53 -16.01
N ASP A 461 33.44 -24.32 -15.24
CA ASP A 461 34.54 -23.79 -14.44
C ASP A 461 35.87 -23.96 -15.17
N ASN A 462 36.94 -23.52 -14.51
CA ASN A 462 38.25 -23.51 -15.17
C ASN A 462 38.79 -24.91 -15.39
N GLU A 463 38.40 -25.88 -14.56
CA GLU A 463 38.91 -27.23 -14.72
C GLU A 463 38.24 -27.96 -15.88
N GLU A 464 36.94 -27.74 -16.07
CA GLU A 464 36.23 -28.42 -17.15
C GLU A 464 36.52 -27.81 -18.52
N ILE A 465 36.77 -26.50 -18.57
CA ILE A 465 37.07 -25.88 -19.85
C ILE A 465 38.39 -26.37 -20.42
N GLN A 466 39.27 -26.92 -19.58
CA GLN A 466 40.53 -27.46 -20.08
C GLN A 466 40.37 -28.74 -20.87
N THR A 467 39.20 -29.38 -20.78
CA THR A 467 38.95 -30.56 -21.59
C THR A 467 38.76 -30.22 -23.06
N ILE A 468 38.54 -28.95 -23.38
CA ILE A 468 38.37 -28.50 -24.75
C ILE A 468 39.46 -27.51 -25.15
N LEU A 469 39.67 -26.48 -24.34
CA LEU A 469 40.65 -25.45 -24.69
C LEU A 469 42.09 -25.94 -24.51
N LYS A 470 42.36 -26.72 -23.47
CA LYS A 470 43.67 -27.31 -23.26
C LYS A 470 44.80 -26.27 -23.32
N THR A 471 44.60 -25.11 -22.71
CA THR A 471 45.62 -24.08 -22.76
C THR A 471 46.83 -24.44 -21.89
N ARG A 472 46.61 -25.15 -20.78
CA ARG A 472 47.71 -25.52 -19.90
C ARG A 472 48.70 -26.43 -20.61
N GLU A 473 48.20 -27.41 -21.37
CA GLU A 473 49.09 -28.37 -22.01
C GLU A 473 49.88 -27.73 -23.14
N VAL A 474 49.27 -26.81 -23.88
CA VAL A 474 49.92 -26.27 -25.06
C VAL A 474 50.82 -25.10 -24.71
N TYR A 475 50.28 -24.10 -24.01
CA TYR A 475 51.04 -22.89 -23.69
C TYR A 475 51.41 -22.77 -22.22
N GLY A 476 50.75 -23.50 -21.33
CA GLY A 476 51.00 -23.39 -19.92
C GLY A 476 50.29 -22.26 -19.23
N LYS A 477 49.57 -21.42 -19.96
CA LYS A 477 48.82 -20.32 -19.39
C LYS A 477 47.36 -20.68 -19.24
N GLU A 478 46.65 -19.88 -18.46
CA GLU A 478 45.21 -20.02 -18.35
C GLU A 478 44.51 -19.43 -19.57
N PRO A 479 43.30 -19.89 -19.88
CA PRO A 479 42.63 -19.41 -21.10
C PRO A 479 42.46 -17.91 -21.14
N TRP A 480 42.21 -17.27 -20.00
CA TRP A 480 42.01 -15.83 -19.99
C TRP A 480 43.29 -15.04 -20.22
N GLU A 481 44.45 -15.72 -20.24
CA GLU A 481 45.71 -15.05 -20.54
C GLU A 481 46.14 -15.22 -21.99
N CYS A 482 45.70 -16.28 -22.67
CA CYS A 482 46.12 -16.54 -24.04
C CYS A 482 45.45 -15.56 -25.00
N GLU A 483 46.18 -15.21 -26.06
CA GLU A 483 45.65 -14.35 -27.09
C GLU A 483 44.63 -15.09 -27.94
N GLU A 484 43.85 -14.32 -28.70
CA GLU A 484 42.82 -14.91 -29.53
C GLU A 484 43.40 -15.81 -30.61
N GLU A 485 44.54 -15.40 -31.19
CA GLU A 485 45.19 -16.24 -32.19
C GLU A 485 45.61 -17.57 -31.60
N GLU A 486 46.12 -17.56 -30.37
CA GLU A 486 46.52 -18.80 -29.71
C GLU A 486 45.31 -19.70 -29.45
N LEU A 487 44.19 -19.11 -29.03
CA LEU A 487 42.98 -19.90 -28.82
C LEU A 487 42.47 -20.47 -30.14
N ALA A 488 42.56 -19.70 -31.21
CA ALA A 488 42.12 -20.20 -32.51
C ALA A 488 42.98 -21.37 -32.97
N GLU A 489 44.29 -21.27 -32.75
CA GLU A 489 45.18 -22.34 -33.19
C GLU A 489 44.90 -23.65 -32.46
N ILE A 490 44.62 -23.58 -31.15
CA ILE A 490 44.31 -24.79 -30.40
C ILE A 490 42.99 -25.37 -30.88
N LEU A 491 41.99 -24.53 -31.06
CA LEU A 491 40.67 -25.02 -31.43
C LEU A 491 40.68 -25.64 -32.82
N GLN A 492 41.51 -25.12 -33.72
CA GLN A 492 41.60 -25.69 -35.05
C GLN A 492 42.05 -27.15 -35.00
N GLY A 493 43.01 -27.46 -34.12
CA GLY A 493 43.47 -28.82 -33.99
C GLY A 493 42.59 -29.68 -33.09
N GLU A 494 41.66 -29.07 -32.36
CA GLU A 494 40.80 -29.80 -31.45
C GLU A 494 39.38 -29.99 -31.97
N LEU A 495 38.83 -28.99 -32.64
CA LEU A 495 37.46 -29.10 -33.12
C LEU A 495 37.36 -30.13 -34.23
N PRO A 496 36.29 -30.90 -34.29
CA PRO A 496 36.17 -31.94 -35.32
C PRO A 496 35.94 -31.35 -36.70
N ASP A 497 36.29 -32.13 -37.72
CA ASP A 497 36.11 -31.71 -39.10
C ASP A 497 34.64 -31.82 -39.48
N ALA A 498 34.12 -30.78 -40.15
CA ALA A 498 32.70 -30.72 -40.45
C ALA A 498 32.28 -31.83 -41.41
N ASP A 499 33.06 -32.04 -42.47
CA ASP A 499 32.66 -33.02 -43.47
C ASP A 499 32.68 -34.44 -42.92
N LYS A 500 33.68 -34.76 -42.10
CA LYS A 500 33.82 -36.12 -41.59
C LYS A 500 32.62 -36.50 -40.72
N TYR A 501 32.16 -35.58 -39.88
CA TYR A 501 31.04 -35.86 -39.00
C TYR A 501 29.68 -35.59 -39.63
N GLU A 502 29.65 -34.99 -40.82
CA GLU A 502 28.40 -34.70 -41.53
C GLU A 502 27.46 -33.86 -40.68
N ILE A 503 27.99 -32.77 -40.13
CA ILE A 503 27.19 -31.93 -39.23
C ILE A 503 26.19 -31.06 -39.97
N ASN A 504 26.27 -30.98 -41.29
CA ASN A 504 25.33 -30.19 -42.08
C ASN A 504 24.49 -31.09 -43.00
N LYS A 505 24.07 -32.23 -42.49
CA LYS A 505 23.22 -33.15 -43.24
C LYS A 505 21.95 -33.42 -42.45
N PHE A 506 20.88 -33.74 -43.17
CA PHE A 506 19.59 -33.97 -42.52
C PHE A 506 19.48 -35.35 -41.89
N HIS A 507 20.47 -36.22 -42.10
CA HIS A 507 20.46 -37.56 -41.55
C HIS A 507 21.54 -37.77 -40.49
N PHE A 508 22.11 -36.69 -39.97
CA PHE A 508 23.16 -36.80 -38.96
C PHE A 508 22.61 -37.41 -37.68
N SER A 509 23.39 -38.29 -37.08
CA SER A 509 22.99 -39.02 -35.88
C SER A 509 24.00 -38.77 -34.77
N ASP A 510 23.51 -38.47 -33.58
CA ASP A 510 24.34 -38.20 -32.41
C ASP A 510 24.55 -39.43 -31.55
N LEU A 511 23.99 -40.57 -31.93
CA LEU A 511 24.12 -41.78 -31.10
C LEU A 511 25.56 -42.21 -30.89
N PRO A 512 26.44 -42.26 -31.91
CA PRO A 512 27.81 -42.72 -31.65
C PRO A 512 28.75 -41.62 -31.17
N LEU A 513 28.21 -40.50 -30.70
CA LEU A 513 29.03 -39.40 -30.20
C LEU A 513 28.71 -39.13 -28.74
N THR A 514 29.71 -38.68 -28.00
CA THR A 514 29.57 -38.34 -26.60
C THR A 514 29.20 -36.87 -26.44
N GLU A 515 28.77 -36.51 -25.23
CA GLU A 515 28.33 -35.14 -24.98
C GLU A 515 29.46 -34.14 -25.23
N LEU A 516 30.68 -34.49 -24.84
CA LEU A 516 31.81 -33.60 -25.11
C LEU A 516 32.02 -33.43 -26.61
N GLU A 517 31.87 -34.51 -27.37
CA GLU A 517 31.97 -34.39 -28.83
C GLU A 517 30.84 -33.55 -29.39
N LEU A 518 29.64 -33.65 -28.82
CA LEU A 518 28.55 -32.79 -29.25
C LEU A 518 28.85 -31.33 -28.96
N VAL A 519 29.47 -31.04 -27.81
CA VAL A 519 29.86 -29.66 -27.51
C VAL A 519 30.90 -29.17 -28.50
N LYS A 520 31.88 -30.02 -28.81
CA LYS A 520 32.89 -29.64 -29.81
C LYS A 520 32.25 -29.44 -31.17
N CYS A 521 31.27 -30.27 -31.53
CA CYS A 521 30.57 -30.08 -32.79
C CYS A 521 29.82 -28.75 -32.81
N GLY A 522 29.21 -28.38 -31.69
CA GLY A 522 28.45 -27.14 -31.65
C GLY A 522 29.31 -25.91 -31.88
N ILE A 523 30.50 -25.89 -31.30
CA ILE A 523 31.41 -24.78 -31.53
C ILE A 523 31.85 -24.75 -33.00
N GLN A 524 32.02 -25.93 -33.60
CA GLN A 524 32.41 -25.98 -34.99
C GLN A 524 31.33 -25.40 -35.90
N MET A 525 30.06 -25.66 -35.60
CA MET A 525 28.99 -25.10 -36.42
C MET A 525 28.95 -23.59 -36.32
N TYR A 526 29.26 -23.04 -35.14
CA TYR A 526 29.41 -21.59 -35.03
C TYR A 526 30.52 -21.09 -35.92
N TYR A 527 31.63 -21.84 -35.98
CA TYR A 527 32.74 -21.46 -36.82
C TYR A 527 32.38 -21.54 -38.30
N GLU A 528 31.64 -22.58 -38.69
CA GLU A 528 31.30 -22.76 -40.10
C GLU A 528 30.32 -21.72 -40.61
N LEU A 529 29.63 -21.02 -39.72
CA LEU A 529 28.79 -19.90 -40.12
C LEU A 529 29.58 -18.62 -40.29
N LYS A 530 30.88 -18.63 -40.00
CA LYS A 530 31.75 -17.47 -40.13
C LYS A 530 31.23 -16.30 -39.30
N VAL A 531 30.67 -16.62 -38.13
CA VAL A 531 30.17 -15.58 -37.22
C VAL A 531 31.13 -15.30 -36.08
N VAL A 532 32.11 -16.17 -35.84
CA VAL A 532 33.07 -15.92 -34.77
C VAL A 532 33.98 -14.74 -35.12
N ASP A 533 34.51 -14.73 -36.34
CA ASP A 533 35.41 -13.65 -36.74
C ASP A 533 34.66 -12.37 -37.06
N LYS A 534 33.47 -12.47 -37.66
CA LYS A 534 32.74 -11.28 -38.08
C LYS A 534 32.33 -10.43 -36.88
N PHE A 535 31.78 -11.05 -35.85
CA PHE A 535 31.32 -10.34 -34.67
C PHE A 535 32.37 -10.33 -33.56
N HIS A 536 33.55 -10.87 -33.82
CA HIS A 536 34.65 -10.91 -32.85
C HIS A 536 34.21 -11.57 -31.55
N ILE A 537 33.53 -12.70 -31.68
CA ILE A 537 33.13 -13.48 -30.52
C ILE A 537 34.39 -14.04 -29.86
N PRO A 538 34.59 -13.84 -28.55
CA PRO A 538 35.77 -14.41 -27.90
C PRO A 538 35.65 -15.92 -27.79
N GLN A 539 36.75 -16.60 -28.09
CA GLN A 539 36.73 -18.06 -28.14
C GLN A 539 36.44 -18.66 -26.77
N GLU A 540 37.01 -18.08 -25.71
CA GLU A 540 36.78 -18.61 -24.37
C GLU A 540 35.31 -18.51 -23.99
N ALA A 541 34.68 -17.37 -24.30
CA ALA A 541 33.25 -17.21 -24.00
C ALA A 541 32.41 -18.19 -24.81
N LEU A 542 32.76 -18.39 -26.07
CA LEU A 542 32.01 -19.32 -26.91
C LEU A 542 32.10 -20.75 -26.37
N VAL A 543 33.30 -21.17 -25.95
CA VAL A 543 33.46 -22.51 -25.40
C VAL A 543 32.74 -22.63 -24.06
N ARG A 544 32.86 -21.61 -23.21
CA ARG A 544 32.20 -21.66 -21.91
C ARG A 544 30.68 -21.67 -22.07
N PHE A 545 30.17 -20.89 -23.03
CA PHE A 545 28.72 -20.85 -23.23
C PHE A 545 28.18 -22.21 -23.66
N MET A 546 28.85 -22.87 -24.60
CA MET A 546 28.38 -24.16 -25.08
C MET A 546 28.47 -25.21 -23.99
N TYR A 547 29.55 -25.20 -23.19
CA TYR A 547 29.67 -26.18 -22.12
C TYR A 547 28.62 -25.94 -21.05
N SER A 548 28.34 -24.69 -20.71
CA SER A 548 27.32 -24.41 -19.72
C SER A 548 25.94 -24.82 -20.22
N LEU A 549 25.71 -24.71 -21.53
CA LEU A 549 24.47 -25.21 -22.11
C LEU A 549 24.35 -26.72 -21.92
N SER A 550 25.48 -27.43 -22.02
CA SER A 550 25.46 -28.86 -21.75
C SER A 550 25.04 -29.14 -20.31
N LYS A 551 25.56 -28.36 -19.37
CA LYS A 551 25.21 -28.55 -17.96
C LYS A 551 23.79 -28.11 -17.66
N GLY A 552 23.27 -27.13 -18.41
CA GLY A 552 21.95 -26.61 -18.12
C GLY A 552 20.85 -27.63 -18.35
N TYR A 553 20.97 -28.44 -19.41
CA TYR A 553 19.96 -29.43 -19.70
C TYR A 553 19.99 -30.52 -18.64
N ARG A 554 18.81 -30.89 -18.15
CA ARG A 554 18.71 -31.92 -17.13
C ARG A 554 19.04 -33.29 -17.70
N ARG A 555 19.39 -34.21 -16.81
CA ARG A 555 19.69 -35.59 -17.19
C ARG A 555 18.39 -36.39 -17.18
N ILE A 556 17.56 -36.11 -18.18
CA ILE A 556 16.28 -36.81 -18.32
C ILE A 556 16.31 -37.63 -19.59
N THR A 557 15.23 -38.38 -19.84
CA THR A 557 15.23 -39.36 -20.91
C THR A 557 15.43 -38.70 -22.27
N TYR A 558 14.48 -37.86 -22.68
CA TYR A 558 14.49 -37.34 -24.05
C TYR A 558 14.97 -35.90 -24.16
N HIS A 559 14.55 -35.03 -23.24
CA HIS A 559 14.83 -33.61 -23.38
C HIS A 559 16.18 -33.21 -22.79
N ASN A 560 17.14 -34.12 -22.80
CA ASN A 560 18.48 -33.84 -22.30
C ASN A 560 19.25 -33.00 -23.33
N TRP A 561 20.54 -32.81 -23.09
CA TRP A 561 21.36 -31.99 -23.97
C TRP A 561 21.42 -32.56 -25.38
N ARG A 562 21.26 -33.87 -25.53
CA ARG A 562 21.30 -34.47 -26.86
C ARG A 562 20.15 -33.99 -27.72
N HIS A 563 18.97 -33.84 -27.14
CA HIS A 563 17.85 -33.27 -27.89
C HIS A 563 18.13 -31.82 -28.28
N GLY A 564 18.73 -31.05 -27.36
CA GLY A 564 19.04 -29.67 -27.65
C GLY A 564 20.03 -29.51 -28.79
N PHE A 565 21.03 -30.39 -28.84
CA PHE A 565 21.98 -30.33 -29.94
C PHE A 565 21.34 -30.74 -31.25
N ASN A 566 20.49 -31.78 -31.23
CA ASN A 566 19.86 -32.23 -32.47
C ASN A 566 19.00 -31.16 -33.09
N VAL A 567 18.28 -30.41 -32.26
CA VAL A 567 17.52 -29.26 -32.77
C VAL A 567 18.47 -28.20 -33.30
N GLY A 568 19.55 -27.91 -32.56
CA GLY A 568 20.51 -26.92 -33.01
C GLY A 568 21.24 -27.36 -34.26
N GLN A 569 21.62 -28.64 -34.33
CA GLN A 569 22.27 -29.15 -35.54
C GLN A 569 21.35 -29.07 -36.73
N THR A 570 20.07 -29.40 -36.56
CA THR A 570 19.13 -29.36 -37.66
C THR A 570 19.00 -27.94 -38.20
N MET A 571 18.93 -26.95 -37.31
CA MET A 571 18.84 -25.57 -37.76
C MET A 571 20.07 -25.15 -38.55
N PHE A 572 21.25 -25.59 -38.11
CA PHE A 572 22.46 -25.31 -38.88
C PHE A 572 22.38 -25.93 -40.26
N SER A 573 21.84 -27.14 -40.36
CA SER A 573 21.73 -27.79 -41.65
C SER A 573 20.66 -27.12 -42.52
N LEU A 574 19.56 -26.67 -41.90
CA LEU A 574 18.51 -26.01 -42.68
C LEU A 574 19.03 -24.72 -43.30
N LEU A 575 19.87 -23.98 -42.58
CA LEU A 575 20.44 -22.76 -43.13
C LEU A 575 21.46 -23.08 -44.22
N VAL A 576 22.25 -24.13 -44.03
CA VAL A 576 23.35 -24.42 -44.95
C VAL A 576 22.91 -25.38 -46.04
N THR A 577 22.48 -26.58 -45.65
CA THR A 577 22.07 -27.56 -46.65
C THR A 577 20.72 -27.21 -47.27
N GLY A 578 19.78 -26.74 -46.44
CA GLY A 578 18.49 -26.34 -46.96
C GLY A 578 18.47 -25.00 -47.64
N LYS A 579 19.56 -24.24 -47.55
CA LYS A 579 19.72 -22.95 -48.22
C LYS A 579 18.68 -21.93 -47.75
N LEU A 580 18.19 -22.07 -46.52
CA LEU A 580 17.32 -21.05 -45.96
C LEU A 580 18.10 -19.87 -45.41
N LYS A 581 19.44 -19.95 -45.41
CA LYS A 581 20.27 -18.83 -45.03
C LYS A 581 20.20 -17.70 -46.05
N ARG A 582 19.83 -18.02 -47.30
CA ARG A 582 19.80 -17.01 -48.34
C ARG A 582 18.82 -15.88 -48.03
N TYR A 583 17.85 -16.10 -47.15
CA TYR A 583 16.91 -15.05 -46.76
C TYR A 583 17.33 -14.32 -45.49
N PHE A 584 18.29 -14.84 -44.73
CA PHE A 584 18.62 -14.31 -43.42
C PHE A 584 20.02 -13.73 -43.43
N THR A 585 20.26 -12.81 -42.51
CA THR A 585 21.57 -12.18 -42.34
C THR A 585 22.43 -13.01 -41.40
N ASP A 586 23.73 -12.72 -41.42
CA ASP A 586 24.67 -13.45 -40.56
C ASP A 586 24.35 -13.24 -39.08
N LEU A 587 23.94 -12.02 -38.72
CA LEU A 587 23.55 -11.75 -37.35
C LEU A 587 22.38 -12.63 -36.94
N GLU A 588 21.36 -12.71 -37.79
CA GLU A 588 20.18 -13.50 -37.44
C GLU A 588 20.53 -14.97 -37.33
N ALA A 589 21.27 -15.50 -38.29
CA ALA A 589 21.67 -16.91 -38.25
C ALA A 589 22.41 -17.24 -36.96
N LEU A 590 23.18 -16.28 -36.44
CA LEU A 590 23.85 -16.50 -35.17
C LEU A 590 22.85 -16.62 -34.03
N ALA A 591 21.85 -15.74 -33.99
CA ALA A 591 20.84 -15.81 -32.94
C ALA A 591 19.92 -17.00 -33.15
N MET A 592 19.58 -17.31 -34.40
CA MET A 592 18.68 -18.42 -34.69
C MET A 592 19.29 -19.75 -34.26
N VAL A 593 20.58 -19.98 -34.56
CA VAL A 593 21.23 -21.20 -34.12
C VAL A 593 21.30 -21.24 -32.59
N THR A 594 21.66 -20.12 -31.97
CA THR A 594 21.77 -20.06 -30.52
C THR A 594 20.43 -20.31 -29.85
N ALA A 595 19.35 -19.76 -30.42
CA ALA A 595 18.03 -19.98 -29.85
C ALA A 595 17.64 -21.45 -29.91
N ALA A 596 18.01 -22.14 -30.99
CA ALA A 596 17.71 -23.56 -31.10
C ALA A 596 18.40 -24.36 -30.01
N PHE A 597 19.65 -24.01 -29.71
CA PHE A 597 20.41 -24.73 -28.69
C PHE A 597 19.83 -24.53 -27.31
N CYS A 598 19.17 -23.41 -27.06
CA CYS A 598 18.62 -23.08 -25.75
C CYS A 598 17.11 -23.26 -25.67
N HIS A 599 16.49 -23.90 -26.66
CA HIS A 599 15.03 -23.84 -26.76
C HIS A 599 14.36 -24.54 -25.58
N ASP A 600 14.70 -25.81 -25.34
CA ASP A 600 14.23 -26.55 -24.16
C ASP A 600 15.41 -26.68 -23.19
N ILE A 601 15.76 -25.60 -22.50
CA ILE A 601 17.03 -25.61 -21.77
C ILE A 601 16.89 -26.30 -20.42
N ASP A 602 16.04 -25.80 -19.54
CA ASP A 602 15.82 -26.47 -18.26
C ASP A 602 14.49 -27.22 -18.25
N HIS A 603 14.32 -28.10 -19.23
CA HIS A 603 13.08 -28.85 -19.31
C HIS A 603 13.01 -29.86 -18.19
N ARG A 604 11.90 -29.88 -17.47
CA ARG A 604 11.72 -30.75 -16.31
C ARG A 604 11.16 -32.11 -16.68
N GLY A 605 10.94 -32.37 -17.97
CA GLY A 605 10.33 -33.62 -18.37
C GLY A 605 8.83 -33.65 -18.28
N THR A 606 8.19 -32.50 -18.13
CA THR A 606 6.74 -32.41 -17.99
C THR A 606 6.18 -31.41 -18.99
N ASN A 607 4.92 -31.60 -19.34
CA ASN A 607 4.25 -30.79 -20.36
C ASN A 607 3.86 -29.43 -19.80
N ASN A 608 3.48 -28.53 -20.72
CA ASN A 608 2.93 -27.24 -20.31
C ASN A 608 1.61 -27.42 -19.57
N LEU A 609 0.77 -28.35 -20.03
CA LEU A 609 -0.50 -28.59 -19.36
C LEU A 609 -0.29 -29.10 -17.94
N TYR A 610 0.78 -29.86 -17.70
CA TYR A 610 1.07 -30.32 -16.34
C TYR A 610 1.35 -29.15 -15.42
N GLN A 611 2.02 -28.11 -15.94
CA GLN A 611 2.29 -26.93 -15.11
C GLN A 611 1.00 -26.22 -14.73
N MET A 612 0.03 -26.14 -15.64
CA MET A 612 -1.31 -25.67 -15.28
C MET A 612 -1.88 -26.47 -14.12
N LYS A 613 -1.89 -27.79 -14.24
CA LYS A 613 -2.63 -28.62 -13.29
C LYS A 613 -1.95 -28.67 -11.94
N SER A 614 -0.63 -28.77 -11.92
CA SER A 614 0.12 -28.87 -10.67
C SER A 614 0.32 -27.52 -10.00
N GLN A 615 -0.06 -26.42 -10.64
CA GLN A 615 0.12 -25.08 -10.10
C GLN A 615 1.58 -24.82 -9.75
N ASN A 616 2.45 -25.14 -10.68
CA ASN A 616 3.88 -24.90 -10.49
C ASN A 616 4.15 -23.40 -10.40
N PRO A 617 5.22 -23.01 -9.70
CA PRO A 617 5.62 -21.60 -9.73
C PRO A 617 5.85 -21.08 -11.13
N LEU A 618 6.19 -21.95 -12.08
CA LEU A 618 6.25 -21.53 -13.49
C LEU A 618 4.88 -21.10 -13.99
N ALA A 619 3.83 -21.84 -13.62
CA ALA A 619 2.50 -21.52 -14.11
C ALA A 619 2.05 -20.14 -13.62
N LYS A 620 2.31 -19.84 -12.34
CA LYS A 620 1.91 -18.54 -11.80
C LYS A 620 2.72 -17.41 -12.43
N LEU A 621 4.00 -17.65 -12.70
CA LEU A 621 4.84 -16.60 -13.27
C LEU A 621 4.47 -16.31 -14.72
N HIS A 622 4.23 -17.34 -15.53
CA HIS A 622 3.87 -17.19 -16.93
C HIS A 622 2.48 -17.77 -17.12
N GLY A 623 1.48 -16.91 -17.31
CA GLY A 623 0.14 -17.38 -17.57
C GLY A 623 0.02 -18.06 -18.93
N SER A 624 0.71 -17.52 -19.93
CA SER A 624 0.69 -18.05 -21.29
C SER A 624 1.60 -19.26 -21.38
N SER A 625 1.97 -19.64 -22.61
CA SER A 625 2.94 -20.70 -22.85
C SER A 625 4.09 -20.62 -21.85
N ILE A 626 4.29 -21.69 -21.09
CA ILE A 626 5.08 -21.59 -19.87
C ILE A 626 6.54 -21.96 -20.10
N LEU A 627 6.78 -23.22 -20.45
CA LEU A 627 8.15 -23.70 -20.54
C LEU A 627 8.93 -22.97 -21.62
N GLU A 628 8.25 -22.55 -22.69
CA GLU A 628 8.90 -21.76 -23.71
C GLU A 628 9.38 -20.43 -23.15
N ARG A 629 8.58 -19.80 -22.28
CA ARG A 629 9.01 -18.55 -21.66
C ARG A 629 10.05 -18.79 -20.59
N HIS A 630 9.93 -19.89 -19.84
CA HIS A 630 10.91 -20.18 -18.80
C HIS A 630 12.29 -20.45 -19.40
N HIS A 631 12.33 -21.21 -20.50
CA HIS A 631 13.60 -21.46 -21.16
C HIS A 631 14.19 -20.17 -21.70
N LEU A 632 13.35 -19.32 -22.28
CA LEU A 632 13.83 -18.05 -22.82
C LEU A 632 14.45 -17.19 -21.73
N GLU A 633 13.81 -17.12 -20.57
CA GLU A 633 14.37 -16.34 -19.47
C GLU A 633 15.70 -16.91 -18.99
N PHE A 634 15.77 -18.24 -18.85
CA PHE A 634 17.00 -18.85 -18.36
C PHE A 634 18.12 -18.75 -19.38
N GLY A 635 17.79 -18.92 -20.67
CA GLY A 635 18.82 -18.78 -21.70
C GLY A 635 19.40 -17.39 -21.74
N LYS A 636 18.55 -16.37 -21.56
CA LYS A 636 19.04 -15.00 -21.48
C LYS A 636 19.92 -14.79 -20.25
N THR A 637 19.54 -15.40 -19.13
CA THR A 637 20.32 -15.25 -17.90
C THR A 637 21.74 -15.78 -18.08
N LEU A 638 21.88 -16.92 -18.74
CA LEU A 638 23.21 -17.45 -19.02
C LEU A 638 23.98 -16.51 -19.94
N LEU A 639 23.31 -15.92 -20.91
CA LEU A 639 23.98 -15.03 -21.84
C LEU A 639 24.37 -13.70 -21.20
N ARG A 640 23.68 -13.28 -20.14
CA ARG A 640 24.02 -12.03 -19.48
C ARG A 640 25.34 -12.12 -18.71
N ASP A 641 25.74 -13.33 -18.31
CA ASP A 641 26.99 -13.48 -17.57
C ASP A 641 28.17 -13.13 -18.46
N GLU A 642 29.18 -12.51 -17.85
CA GLU A 642 30.33 -12.03 -18.61
C GLU A 642 31.05 -13.19 -19.29
N SER A 643 31.37 -14.23 -18.54
CA SER A 643 32.14 -15.35 -19.10
C SER A 643 31.35 -16.14 -20.12
N LEU A 644 30.03 -15.96 -20.18
CA LEU A 644 29.20 -16.68 -21.14
C LEU A 644 28.58 -15.78 -22.19
N ASN A 645 28.87 -14.49 -22.19
CA ASN A 645 28.24 -13.55 -23.10
C ASN A 645 28.92 -13.63 -24.46
N ILE A 646 28.30 -14.33 -25.40
CA ILE A 646 28.78 -14.32 -26.78
C ILE A 646 28.52 -12.96 -27.43
N PHE A 647 27.35 -12.38 -27.18
CA PHE A 647 26.96 -11.13 -27.80
C PHE A 647 27.58 -9.91 -27.15
N GLN A 648 28.64 -10.08 -26.35
CA GLN A 648 29.21 -8.92 -25.66
C GLN A 648 29.96 -7.99 -26.58
N ASN A 649 30.34 -8.45 -27.78
CA ASN A 649 31.05 -7.61 -28.74
C ASN A 649 30.11 -7.05 -29.81
N LEU A 650 28.81 -7.26 -29.69
CA LEU A 650 27.83 -6.69 -30.59
C LEU A 650 27.39 -5.33 -30.08
N ASN A 651 27.19 -4.39 -31.01
CA ASN A 651 26.79 -3.05 -30.62
C ASN A 651 25.34 -3.05 -30.16
N ARG A 652 24.84 -1.85 -29.82
CA ARG A 652 23.51 -1.75 -29.23
C ARG A 652 22.44 -2.24 -30.19
N ARG A 653 22.49 -1.80 -31.45
CA ARG A 653 21.44 -2.16 -32.39
C ARG A 653 21.43 -3.66 -32.67
N GLN A 654 22.61 -4.25 -32.84
CA GLN A 654 22.68 -5.67 -33.18
C GLN A 654 22.26 -6.54 -32.00
N HIS A 655 22.51 -6.08 -30.78
CA HIS A 655 22.18 -6.89 -29.61
C HIS A 655 20.68 -7.08 -29.47
N GLU A 656 19.91 -5.99 -29.59
CA GLU A 656 18.46 -6.10 -29.46
C GLU A 656 17.87 -6.93 -30.60
N HIS A 657 18.38 -6.76 -31.82
CA HIS A 657 17.91 -7.58 -32.92
C HIS A 657 18.24 -9.04 -32.70
N ALA A 658 19.45 -9.33 -32.19
CA ALA A 658 19.80 -10.70 -31.87
C ALA A 658 18.90 -11.26 -30.79
N ILE A 659 18.61 -10.45 -29.77
CA ILE A 659 17.69 -10.89 -28.73
C ILE A 659 16.30 -11.07 -29.29
N HIS A 660 15.83 -10.12 -30.10
CA HIS A 660 14.45 -10.17 -30.60
C HIS A 660 14.19 -11.46 -31.36
N MET A 661 15.16 -11.91 -32.15
CA MET A 661 15.03 -13.21 -32.81
C MET A 661 14.98 -14.34 -31.79
N MET A 662 15.65 -14.16 -30.65
CA MET A 662 15.72 -15.22 -29.66
C MET A 662 14.38 -15.41 -28.94
N ASP A 663 13.70 -14.30 -28.62
CA ASP A 663 12.37 -14.42 -28.01
C ASP A 663 11.38 -15.08 -28.95
N ILE A 664 11.34 -14.67 -30.21
CA ILE A 664 10.36 -15.21 -31.14
C ILE A 664 10.66 -16.68 -31.43
N ALA A 665 11.94 -17.00 -31.67
CA ALA A 665 12.29 -18.37 -32.03
C ALA A 665 12.01 -19.33 -30.89
N ILE A 666 12.37 -18.97 -29.67
CA ILE A 666 12.19 -19.90 -28.55
C ILE A 666 10.72 -20.09 -28.25
N ILE A 667 9.95 -19.01 -28.20
CA ILE A 667 8.51 -19.13 -27.96
C ILE A 667 7.79 -19.81 -29.12
N ALA A 668 8.32 -19.70 -30.34
CA ALA A 668 7.70 -20.37 -31.47
C ALA A 668 7.71 -21.88 -31.34
N THR A 669 8.57 -22.44 -30.48
CA THR A 669 8.62 -23.87 -30.28
C THR A 669 7.35 -24.43 -29.65
N ASP A 670 6.51 -23.57 -29.09
CA ASP A 670 5.22 -24.02 -28.57
C ASP A 670 4.34 -24.53 -29.71
N LEU A 671 3.69 -25.67 -29.48
CA LEU A 671 2.85 -26.26 -30.51
C LEU A 671 1.53 -25.52 -30.66
N ALA A 672 1.05 -24.87 -29.60
CA ALA A 672 -0.19 -24.12 -29.71
C ALA A 672 -0.04 -22.96 -30.69
N LEU A 673 1.11 -22.28 -30.66
CA LEU A 673 1.35 -21.20 -31.61
C LEU A 673 1.45 -21.72 -33.03
N TYR A 674 2.06 -22.89 -33.22
CA TYR A 674 2.25 -23.44 -34.55
C TYR A 674 0.90 -23.72 -35.21
N PHE A 675 -0.04 -24.28 -34.46
CA PHE A 675 -1.33 -24.65 -35.02
C PHE A 675 -2.16 -23.43 -35.43
N LYS A 676 -1.83 -22.25 -34.90
CA LYS A 676 -2.59 -21.06 -35.26
C LYS A 676 -1.99 -20.37 -36.48
N LYS A 677 -0.67 -20.35 -36.59
CA LYS A 677 0.02 -19.63 -37.65
C LYS A 677 0.45 -20.53 -38.80
N ARG A 678 0.05 -21.80 -38.78
CA ARG A 678 0.43 -22.69 -39.88
C ARG A 678 -0.24 -22.29 -41.19
N THR A 679 -1.37 -21.59 -41.11
CA THR A 679 -2.04 -21.12 -42.32
C THR A 679 -1.28 -19.96 -42.94
N MET A 680 -0.80 -19.03 -42.11
CA MET A 680 -0.07 -17.87 -42.62
C MET A 680 1.21 -18.30 -43.32
N PHE A 681 1.86 -19.35 -42.81
CA PHE A 681 3.03 -19.88 -43.49
C PHE A 681 2.65 -20.48 -44.83
N GLN A 682 1.48 -21.12 -44.91
CA GLN A 682 1.02 -21.67 -46.18
C GLN A 682 0.81 -20.57 -47.20
N LYS A 683 0.28 -19.43 -46.77
CA LYS A 683 0.12 -18.29 -47.67
C LYS A 683 1.47 -17.78 -48.15
N ILE A 684 2.47 -17.73 -47.27
CA ILE A 684 3.80 -17.26 -47.64
C ILE A 684 4.42 -18.18 -48.68
N VAL A 685 4.33 -19.50 -48.45
CA VAL A 685 4.92 -20.44 -49.39
C VAL A 685 4.12 -20.49 -50.68
N ASP A 686 2.80 -20.28 -50.62
CA ASP A 686 2.01 -20.21 -51.84
C ASP A 686 2.39 -19.00 -52.66
N GLN A 687 2.64 -17.86 -52.01
CA GLN A 687 2.99 -16.65 -52.74
C GLN A 687 4.38 -16.75 -53.36
N SER A 688 5.25 -17.58 -52.80
CA SER A 688 6.62 -17.70 -53.31
C SER A 688 6.67 -18.20 -54.74
N LYS A 689 5.61 -18.82 -55.23
CA LYS A 689 5.59 -19.39 -56.57
C LYS A 689 5.11 -18.41 -57.63
N THR A 690 4.76 -17.18 -57.24
CA THR A 690 4.28 -16.17 -58.19
C THR A 690 5.39 -15.29 -58.73
N TYR A 691 6.64 -15.57 -58.40
CA TYR A 691 7.78 -14.80 -58.87
C TYR A 691 8.48 -15.55 -60.00
N GLU A 692 8.97 -14.80 -60.98
CA GLU A 692 9.54 -15.41 -62.18
C GLU A 692 10.79 -16.21 -61.85
N THR A 693 11.68 -15.66 -61.02
CA THR A 693 12.94 -16.30 -60.71
C THR A 693 13.11 -16.41 -59.20
N GLN A 694 13.94 -17.37 -58.79
CA GLN A 694 14.26 -17.53 -57.38
C GLN A 694 14.97 -16.30 -56.82
N GLN A 695 15.81 -15.66 -57.63
CA GLN A 695 16.51 -14.46 -57.17
C GLN A 695 15.53 -13.33 -56.87
N GLU A 696 14.48 -13.20 -57.68
CA GLU A 696 13.47 -12.17 -57.41
C GLU A 696 12.77 -12.41 -56.09
N TRP A 697 12.42 -13.66 -55.82
CA TRP A 697 11.77 -13.98 -54.54
C TRP A 697 12.71 -13.74 -53.38
N THR A 698 13.99 -14.11 -53.52
CA THR A 698 14.94 -13.92 -52.45
C THR A 698 15.08 -12.44 -52.10
N GLN A 699 15.28 -11.60 -53.11
CA GLN A 699 15.44 -10.16 -52.87
C GLN A 699 14.22 -9.58 -52.18
N TYR A 700 13.04 -10.11 -52.47
CA TYR A 700 11.85 -9.67 -51.76
C TYR A 700 11.85 -10.13 -50.31
N MET A 701 12.45 -11.30 -50.04
CA MET A 701 12.43 -11.85 -48.69
C MET A 701 13.40 -11.14 -47.77
N MET A 702 14.53 -10.66 -48.28
CA MET A 702 15.48 -9.92 -47.44
C MET A 702 14.86 -8.65 -46.88
N LEU A 703 13.88 -8.06 -47.55
CA LEU A 703 13.32 -6.79 -47.15
C LEU A 703 12.20 -6.93 -46.13
N ASP A 704 11.21 -7.77 -46.42
CA ASP A 704 10.09 -7.93 -45.50
C ASP A 704 10.56 -8.65 -44.24
N GLN A 705 10.23 -8.09 -43.08
CA GLN A 705 10.66 -8.63 -41.80
C GLN A 705 9.60 -9.47 -41.12
N THR A 706 8.32 -9.14 -41.32
CA THR A 706 7.25 -9.95 -40.72
C THR A 706 7.27 -11.36 -41.28
N ARG A 707 7.45 -11.50 -42.59
CA ARG A 707 7.45 -12.83 -43.19
C ARG A 707 8.74 -13.58 -42.89
N LYS A 708 9.84 -12.86 -42.67
CA LYS A 708 11.06 -13.52 -42.20
C LYS A 708 10.86 -14.13 -40.83
N GLU A 709 10.17 -13.41 -39.94
CA GLU A 709 9.89 -13.93 -38.61
C GLU A 709 8.99 -15.16 -38.66
N ILE A 710 7.97 -15.13 -39.52
CA ILE A 710 7.07 -16.27 -39.63
C ILE A 710 7.81 -17.49 -40.18
N VAL A 711 8.68 -17.27 -41.18
CA VAL A 711 9.49 -18.37 -41.69
C VAL A 711 10.41 -18.91 -40.60
N MET A 712 11.03 -18.01 -39.84
CA MET A 712 11.88 -18.44 -38.72
C MET A 712 11.07 -19.18 -37.66
N ALA A 713 9.86 -18.68 -37.37
CA ALA A 713 9.02 -19.35 -36.37
C ALA A 713 8.67 -20.76 -36.81
N MET A 714 8.37 -20.94 -38.10
CA MET A 714 8.09 -22.27 -38.61
C MET A 714 9.33 -23.15 -38.63
N MET A 715 10.50 -22.56 -38.87
CA MET A 715 11.73 -23.34 -38.91
C MET A 715 12.08 -23.88 -37.52
N MET A 716 11.73 -23.15 -36.47
CA MET A 716 11.87 -23.68 -35.12
C MET A 716 11.01 -24.92 -34.92
N THR A 717 9.78 -24.89 -35.44
CA THR A 717 8.90 -26.04 -35.32
C THR A 717 9.44 -27.23 -36.09
N ALA A 718 9.98 -27.01 -37.28
CA ALA A 718 10.56 -28.09 -38.06
C ALA A 718 11.76 -28.70 -37.34
N CYS A 719 12.63 -27.86 -36.78
CA CYS A 719 13.79 -28.37 -36.05
C CYS A 719 13.37 -29.08 -34.77
N ASP A 720 12.38 -28.55 -34.05
CA ASP A 720 11.97 -29.17 -32.80
C ASP A 720 11.41 -30.56 -33.01
N LEU A 721 10.67 -30.77 -34.10
CA LEU A 721 10.16 -32.09 -34.45
C LEU A 721 11.02 -32.81 -35.46
N SER A 722 12.26 -32.35 -35.67
CA SER A 722 13.10 -32.89 -36.72
C SER A 722 13.52 -34.33 -36.46
N ALA A 723 13.31 -34.84 -35.25
CA ALA A 723 13.68 -36.22 -34.96
C ALA A 723 12.84 -37.21 -35.74
N ILE A 724 11.65 -36.82 -36.19
CA ILE A 724 10.79 -37.72 -36.94
C ILE A 724 11.32 -37.97 -38.35
N THR A 725 12.16 -37.09 -38.87
CA THR A 725 12.68 -37.22 -40.22
C THR A 725 13.97 -38.02 -40.29
N LYS A 726 14.50 -38.45 -39.15
CA LYS A 726 15.74 -39.22 -39.15
C LYS A 726 15.50 -40.61 -39.70
N PRO A 727 16.56 -41.31 -40.14
CA PRO A 727 16.40 -42.68 -40.62
C PRO A 727 15.65 -43.57 -39.63
N TRP A 728 15.07 -44.67 -40.13
CA TRP A 728 14.24 -45.50 -39.27
C TRP A 728 15.00 -46.05 -38.07
N GLU A 729 16.29 -46.33 -38.24
CA GLU A 729 17.08 -46.80 -37.10
C GLU A 729 17.16 -45.75 -36.01
N VAL A 730 17.39 -44.50 -36.38
CA VAL A 730 17.46 -43.43 -35.38
C VAL A 730 16.07 -43.14 -34.81
N GLN A 731 15.04 -43.13 -35.66
CA GLN A 731 13.70 -42.83 -35.20
C GLN A 731 13.18 -43.89 -34.24
N SER A 732 13.45 -45.16 -34.53
CA SER A 732 12.94 -46.23 -33.67
C SER A 732 13.48 -46.15 -32.26
N LYS A 733 14.64 -45.53 -32.06
CA LYS A 733 15.18 -45.34 -30.72
C LYS A 733 14.82 -44.00 -30.10
N VAL A 734 14.70 -42.94 -30.91
CA VAL A 734 14.21 -41.67 -30.39
C VAL A 734 12.77 -41.82 -29.90
N ALA A 735 11.93 -42.49 -30.68
CA ALA A 735 10.67 -42.97 -30.15
C ALA A 735 10.95 -44.08 -29.14
N LEU A 736 10.02 -44.25 -28.20
CA LEU A 736 10.17 -45.05 -26.99
C LEU A 736 11.19 -44.45 -26.04
N LEU A 737 11.86 -43.37 -26.44
CA LEU A 737 12.70 -42.58 -25.54
C LEU A 737 12.03 -41.29 -25.13
N VAL A 738 11.15 -40.74 -25.97
CA VAL A 738 10.28 -39.64 -25.55
C VAL A 738 9.00 -40.19 -24.94
N ALA A 739 8.52 -41.35 -25.42
CA ALA A 739 7.37 -41.98 -24.79
C ALA A 739 7.66 -42.32 -23.34
N ALA A 740 8.91 -42.67 -23.04
CA ALA A 740 9.31 -42.87 -21.64
C ALA A 740 9.12 -41.59 -20.84
N GLU A 741 9.41 -40.44 -21.45
CA GLU A 741 9.17 -39.18 -20.77
C GLU A 741 7.67 -38.94 -20.57
N PHE A 742 6.86 -39.28 -21.57
CA PHE A 742 5.43 -39.08 -21.45
C PHE A 742 4.83 -39.99 -20.39
N TRP A 743 5.32 -41.24 -20.31
CA TRP A 743 4.79 -42.18 -19.33
C TRP A 743 5.16 -41.76 -17.91
N GLU A 744 6.34 -41.14 -17.74
CA GLU A 744 6.70 -40.62 -16.42
C GLU A 744 5.75 -39.51 -16.00
N GLN A 745 5.40 -38.61 -16.91
CA GLN A 745 4.45 -37.56 -16.57
C GLN A 745 3.07 -38.14 -16.30
N GLY A 746 2.68 -39.17 -17.05
CA GLY A 746 1.40 -39.81 -16.79
C GLY A 746 1.32 -40.41 -15.40
N ASP A 747 2.41 -41.02 -14.94
CA ASP A 747 2.46 -41.54 -13.57
C ASP A 747 2.37 -40.41 -12.56
N LEU A 748 3.03 -39.28 -12.84
CA LEU A 748 2.97 -38.15 -11.93
C LEU A 748 1.54 -37.65 -11.77
N GLU A 749 0.80 -37.56 -12.87
CA GLU A 749 -0.57 -37.07 -12.81
C GLU A 749 -1.46 -38.03 -12.02
N ARG A 750 -1.19 -39.33 -12.12
CA ARG A 750 -1.99 -40.31 -11.40
C ARG A 750 -1.79 -40.21 -9.88
N THR A 751 -0.53 -40.19 -9.44
CA THR A 751 -0.25 -40.18 -8.02
C THR A 751 -0.49 -38.83 -7.38
N VAL A 752 -0.14 -37.74 -8.06
CA VAL A 752 -0.20 -36.40 -7.50
C VAL A 752 -1.59 -35.80 -7.65
N LEU A 753 -2.15 -35.83 -8.85
CA LEU A 753 -3.41 -35.17 -9.13
C LEU A 753 -4.60 -36.12 -9.12
N GLN A 754 -4.38 -37.41 -8.90
CA GLN A 754 -5.46 -38.42 -8.88
C GLN A 754 -6.32 -38.34 -10.13
N GLN A 755 -5.65 -38.22 -11.27
CA GLN A 755 -6.31 -38.09 -12.57
C GLN A 755 -5.91 -39.22 -13.49
N ASN A 756 -6.84 -39.67 -14.31
CA ASN A 756 -6.55 -40.71 -15.29
C ASN A 756 -5.90 -40.08 -16.52
N PRO A 757 -4.69 -40.49 -16.89
CA PRO A 757 -4.01 -39.84 -18.01
C PRO A 757 -4.58 -40.29 -19.35
N ILE A 758 -4.26 -39.51 -20.38
CA ILE A 758 -4.71 -39.76 -21.74
C ILE A 758 -3.95 -40.95 -22.31
N PRO A 759 -4.47 -41.62 -23.34
CA PRO A 759 -3.74 -42.77 -23.92
C PRO A 759 -2.35 -42.43 -24.42
N MET A 760 -2.09 -41.16 -24.74
CA MET A 760 -0.74 -40.73 -25.03
C MET A 760 0.18 -40.85 -23.83
N MET A 761 -0.33 -40.66 -22.62
CA MET A 761 0.47 -40.61 -21.41
C MET A 761 0.38 -41.92 -20.61
N ASP A 762 -0.41 -42.88 -21.08
CA ASP A 762 -0.77 -44.05 -20.29
C ASP A 762 0.22 -45.19 -20.53
N ARG A 763 0.72 -45.77 -19.45
CA ARG A 763 1.60 -46.93 -19.58
C ARG A 763 0.84 -48.16 -20.04
N ASN A 764 -0.41 -48.31 -19.61
CA ASN A 764 -1.17 -49.51 -19.93
C ASN A 764 -1.43 -49.65 -21.42
N LYS A 765 -1.35 -48.55 -22.19
CA LYS A 765 -1.52 -48.59 -23.62
C LYS A 765 -0.20 -48.44 -24.36
N ALA A 766 0.87 -49.05 -23.83
CA ALA A 766 2.18 -48.95 -24.47
C ALA A 766 2.19 -49.63 -25.83
N ASP A 767 1.56 -50.80 -25.94
CA ASP A 767 1.55 -51.53 -27.20
C ASP A 767 0.75 -50.82 -28.28
N GLU A 768 -0.06 -49.84 -27.92
CA GLU A 768 -0.85 -49.06 -28.87
C GLU A 768 -0.08 -47.84 -29.39
N LEU A 769 1.13 -47.61 -28.89
CA LEU A 769 1.93 -46.45 -29.27
C LEU A 769 2.07 -46.23 -30.77
N PRO A 770 2.37 -47.24 -31.60
CA PRO A 770 2.58 -46.95 -33.03
C PRO A 770 1.37 -46.32 -33.71
N LYS A 771 0.16 -46.62 -33.23
CA LYS A 771 -1.02 -45.99 -33.80
C LYS A 771 -1.00 -44.48 -33.58
N LEU A 772 -0.57 -44.06 -32.39
CA LEU A 772 -0.54 -42.63 -32.10
C LEU A 772 0.51 -41.91 -32.93
N GLN A 773 1.64 -42.56 -33.20
CA GLN A 773 2.68 -41.92 -33.99
C GLN A 773 2.19 -41.63 -35.40
N VAL A 774 1.47 -42.58 -36.00
CA VAL A 774 0.85 -42.32 -37.30
C VAL A 774 -0.13 -41.16 -37.19
N GLY A 775 -0.95 -41.16 -36.14
CA GLY A 775 -1.83 -40.04 -35.89
C GLY A 775 -1.08 -38.76 -35.62
N PHE A 776 0.12 -38.85 -35.05
CA PHE A 776 0.95 -37.67 -34.84
C PHE A 776 1.55 -37.19 -36.15
N ILE A 777 2.02 -38.11 -36.99
CA ILE A 777 2.62 -37.73 -38.27
C ILE A 777 1.58 -37.12 -39.19
N ASP A 778 0.40 -37.73 -39.26
CA ASP A 778 -0.65 -37.27 -40.16
C ASP A 778 -1.29 -35.96 -39.72
N PHE A 779 -0.99 -35.48 -38.52
CA PHE A 779 -1.67 -34.34 -37.94
C PHE A 779 -0.77 -33.15 -37.67
N VAL A 780 0.50 -33.36 -37.34
CA VAL A 780 1.40 -32.27 -36.98
C VAL A 780 2.57 -32.19 -37.94
N CYS A 781 3.35 -33.27 -38.02
CA CYS A 781 4.64 -33.21 -38.71
C CYS A 781 4.48 -33.14 -40.23
N THR A 782 3.43 -33.72 -40.79
CA THR A 782 3.30 -33.77 -42.24
C THR A 782 3.24 -32.38 -42.83
N PHE A 783 2.47 -31.48 -42.22
CA PHE A 783 2.31 -30.14 -42.77
C PHE A 783 3.62 -29.36 -42.72
N VAL A 784 4.44 -29.62 -41.70
CA VAL A 784 5.67 -28.83 -41.51
C VAL A 784 6.59 -29.03 -42.71
N TYR A 785 6.79 -30.29 -43.10
CA TYR A 785 7.81 -30.62 -44.08
C TYR A 785 7.26 -30.65 -45.49
N LYS A 786 5.96 -30.90 -45.67
CA LYS A 786 5.37 -30.86 -47.00
C LYS A 786 5.47 -29.45 -47.58
N GLU A 787 5.19 -28.44 -46.76
CA GLU A 787 5.29 -27.07 -47.23
C GLU A 787 6.75 -26.64 -47.41
N PHE A 788 7.61 -27.02 -46.48
CA PHE A 788 9.02 -26.64 -46.59
C PHE A 788 9.66 -27.27 -47.81
N SER A 789 9.33 -28.54 -48.10
CA SER A 789 9.83 -29.17 -49.31
C SER A 789 9.27 -28.48 -50.56
N ARG A 790 8.05 -27.97 -50.49
CA ARG A 790 7.52 -27.16 -51.58
C ARG A 790 8.27 -25.84 -51.69
N PHE A 791 8.62 -25.24 -50.54
CA PHE A 791 9.39 -24.01 -50.53
C PHE A 791 10.75 -24.21 -51.19
N HIS A 792 11.58 -25.05 -50.60
CA HIS A 792 12.91 -25.32 -51.10
C HIS A 792 12.99 -26.79 -51.51
N GLU A 793 13.57 -27.04 -52.69
CA GLU A 793 13.72 -28.41 -53.16
C GLU A 793 14.81 -29.14 -52.39
N GLU A 794 15.67 -28.41 -51.68
CA GLU A 794 16.79 -29.04 -50.99
C GLU A 794 16.38 -29.68 -49.67
N ILE A 795 15.22 -29.32 -49.13
CA ILE A 795 14.74 -29.91 -47.89
C ILE A 795 13.85 -31.10 -48.22
N THR A 796 13.94 -31.57 -49.46
CA THR A 796 13.26 -32.80 -49.85
C THR A 796 13.63 -34.00 -48.98
N PRO A 797 14.89 -34.22 -48.60
CA PRO A 797 15.20 -35.40 -47.78
C PRO A 797 14.41 -35.46 -46.47
N MET A 798 14.07 -34.31 -45.91
CA MET A 798 13.25 -34.29 -44.70
C MET A 798 11.88 -34.91 -44.95
N LEU A 799 11.26 -34.55 -46.07
CA LEU A 799 9.96 -35.11 -46.41
C LEU A 799 10.07 -36.59 -46.76
N ASP A 800 11.16 -36.97 -47.42
CA ASP A 800 11.38 -38.38 -47.74
C ASP A 800 11.57 -39.21 -46.48
N GLY A 801 12.28 -38.67 -45.50
CA GLY A 801 12.50 -39.37 -44.26
C GLY A 801 11.23 -39.62 -43.48
N ILE A 802 10.40 -38.59 -43.35
CA ILE A 802 9.17 -38.74 -42.56
C ILE A 802 8.18 -39.65 -43.28
N THR A 803 8.14 -39.61 -44.61
CA THR A 803 7.25 -40.50 -45.35
C THR A 803 7.65 -41.95 -45.14
N ASN A 804 8.95 -42.23 -45.13
CA ASN A 804 9.42 -43.57 -44.82
C ASN A 804 9.05 -43.98 -43.40
N ASN A 805 9.22 -43.06 -42.45
CA ASN A 805 8.92 -43.37 -41.06
C ASN A 805 7.44 -43.69 -40.86
N ARG A 806 6.57 -42.93 -41.50
CA ARG A 806 5.14 -43.19 -41.39
C ARG A 806 4.78 -44.55 -41.95
N LYS A 807 5.51 -44.99 -42.98
CA LYS A 807 5.29 -46.33 -43.52
C LYS A 807 5.60 -47.39 -42.48
N GLU A 808 6.71 -47.22 -41.76
CA GLU A 808 7.10 -48.19 -40.75
C GLU A 808 6.14 -48.20 -39.57
N TRP A 809 5.75 -47.00 -39.11
CA TRP A 809 4.81 -46.92 -37.99
C TRP A 809 3.47 -47.51 -38.37
N LYS A 810 2.99 -47.23 -39.59
CA LYS A 810 1.73 -47.81 -40.04
C LYS A 810 1.81 -49.32 -40.12
N ALA A 811 2.96 -49.85 -40.55
CA ALA A 811 3.15 -51.30 -40.58
C ALA A 811 3.04 -51.89 -39.18
N LEU A 812 3.63 -51.23 -38.19
CA LEU A 812 3.52 -51.68 -36.81
C LEU A 812 2.08 -51.59 -36.33
N ALA A 813 1.38 -50.50 -36.66
CA ALA A 813 -0.02 -50.38 -36.26
C ALA A 813 -0.87 -51.44 -36.93
N ASP A 814 -0.58 -51.76 -38.20
CA ASP A 814 -1.31 -52.81 -38.89
C ASP A 814 -1.10 -54.16 -38.22
N GLU A 815 0.12 -54.45 -37.78
CA GLU A 815 0.38 -55.70 -37.08
C GLU A 815 -0.42 -55.79 -35.79
N TYR A 816 -0.50 -54.69 -35.04
CA TYR A 816 -1.26 -54.70 -33.79
C TYR A 816 -2.74 -54.95 -34.04
N GLU A 817 -3.29 -54.39 -35.11
CA GLU A 817 -4.69 -54.61 -35.44
C GLU A 817 -4.90 -55.99 -36.04
N GLN B 7 -60.67 55.86 -2.70
CA GLN B 7 -61.54 57.03 -2.64
C GLN B 7 -60.72 58.30 -2.42
N VAL B 8 -60.37 58.57 -1.17
CA VAL B 8 -59.58 59.74 -0.81
C VAL B 8 -58.08 59.49 -0.92
N HIS B 9 -57.68 58.31 -1.41
CA HIS B 9 -56.26 57.95 -1.41
C HIS B 9 -55.45 58.91 -2.27
N ARG B 10 -56.04 59.44 -3.35
CA ARG B 10 -55.29 60.34 -4.22
C ARG B 10 -55.06 61.69 -3.56
N PHE B 11 -55.92 62.08 -2.62
CA PHE B 11 -55.72 63.33 -1.90
C PHE B 11 -54.45 63.26 -1.06
N LEU B 12 -54.37 62.27 -0.17
CA LEU B 12 -53.25 62.21 0.75
C LEU B 12 -51.94 61.86 0.05
N ASP B 13 -52.02 61.37 -1.19
CA ASP B 13 -50.82 61.20 -2.00
C ASP B 13 -50.25 62.56 -2.41
N GLN B 14 -51.10 63.46 -2.88
CA GLN B 14 -50.67 64.74 -3.40
C GLN B 14 -50.25 65.73 -2.32
N ASN B 15 -50.48 65.41 -1.04
CA ASN B 15 -50.12 66.27 0.08
C ASN B 15 -49.32 65.46 1.09
N PRO B 16 -48.05 65.16 0.79
CA PRO B 16 -47.24 64.40 1.76
C PRO B 16 -47.10 65.11 3.11
N GLY B 17 -47.05 66.45 3.10
CA GLY B 17 -46.92 67.17 4.35
C GLY B 17 -48.11 66.96 5.27
N PHE B 18 -49.33 66.96 4.70
CA PHE B 18 -50.51 66.69 5.52
C PHE B 18 -50.49 65.27 6.07
N ALA B 19 -50.09 64.30 5.26
CA ALA B 19 -50.07 62.91 5.70
C ALA B 19 -49.09 62.73 6.86
N ASP B 20 -47.90 63.33 6.76
CA ASP B 20 -46.95 63.25 7.85
C ASP B 20 -47.47 63.95 9.09
N GLN B 21 -48.10 65.13 8.91
CA GLN B 21 -48.64 65.86 10.05
C GLN B 21 -49.77 65.08 10.72
N TYR B 22 -50.67 64.49 9.92
CA TYR B 22 -51.76 63.73 10.51
C TYR B 22 -51.27 62.49 11.24
N PHE B 23 -50.29 61.80 10.67
CA PHE B 23 -49.76 60.60 11.32
C PHE B 23 -48.84 60.92 12.49
N GLY B 24 -48.22 62.10 12.49
CA GLY B 24 -47.48 62.51 13.68
C GLY B 24 -48.34 62.80 14.88
N ARG B 25 -49.64 62.97 14.68
CA ARG B 25 -50.57 63.16 15.78
C ARG B 25 -50.66 61.91 16.63
N LYS B 26 -50.75 62.11 17.95
CA LYS B 26 -50.94 60.99 18.86
C LYS B 26 -52.33 60.39 18.64
N LEU B 27 -52.44 59.08 18.85
CA LEU B 27 -53.68 58.35 18.65
C LEU B 27 -54.33 58.07 20.00
N SER B 28 -55.66 58.10 20.02
CA SER B 28 -56.40 57.79 21.24
C SER B 28 -56.18 56.33 21.62
N PRO B 29 -56.35 55.97 22.90
CA PRO B 29 -56.12 54.58 23.34
C PRO B 29 -56.98 53.57 22.60
N GLU B 30 -58.12 54.03 22.07
CA GLU B 30 -58.98 53.15 21.30
C GLU B 30 -58.26 52.67 20.05
N ASP B 31 -58.17 51.35 19.90
CA ASP B 31 -57.51 50.71 18.77
C ASP B 31 -58.55 50.11 17.84
N VAL B 32 -58.06 49.42 16.80
CA VAL B 32 -58.91 48.83 15.78
C VAL B 32 -59.03 47.32 15.96
N ALA B 33 -57.93 46.63 16.21
CA ALA B 33 -57.98 45.18 16.38
C ALA B 33 -56.76 44.75 17.18
N ASN B 34 -56.99 44.39 18.45
CA ASN B 34 -55.95 43.90 19.35
C ASN B 34 -54.68 44.75 19.31
N ALA B 35 -53.82 44.48 18.33
CA ALA B 35 -52.54 45.17 18.14
C ALA B 35 -51.62 45.05 19.35
N CYS B 36 -51.89 44.12 20.26
CA CYS B 36 -51.13 43.98 21.51
C CYS B 36 -50.99 45.32 22.21
N GLU B 37 -52.13 45.96 22.46
CA GLU B 37 -52.14 47.32 22.98
C GLU B 37 -51.74 47.36 24.45
N ASP B 38 -50.45 47.19 24.71
CA ASP B 38 -49.91 47.36 26.06
C ASP B 38 -49.39 48.79 26.20
N GLY B 39 -50.33 49.74 26.12
CA GLY B 39 -50.01 51.14 26.21
C GLY B 39 -49.15 51.66 25.09
N CYS B 40 -49.51 51.33 23.84
CA CYS B 40 -48.76 51.78 22.67
C CYS B 40 -49.70 52.41 21.64
N PRO B 41 -50.33 53.55 21.95
CA PRO B 41 -51.08 54.26 20.92
C PRO B 41 -50.35 55.46 20.32
N GLU B 42 -49.24 55.89 20.94
CA GLU B 42 -48.61 57.15 20.56
C GLU B 42 -47.09 57.05 20.52
N GLY B 43 -46.54 56.00 19.93
CA GLY B 43 -45.10 55.86 19.84
C GLY B 43 -44.47 56.77 18.80
N CYS B 44 -44.53 58.07 19.03
CA CYS B 44 -43.89 59.09 18.20
C CYS B 44 -44.54 59.21 16.82
N THR B 45 -45.53 58.35 16.56
CA THR B 45 -46.31 58.40 15.33
C THR B 45 -47.64 57.71 15.61
N SER B 46 -48.63 57.96 14.75
CA SER B 46 -49.96 57.43 14.97
C SER B 46 -49.99 55.91 14.98
N PHE B 47 -49.23 55.27 14.08
CA PHE B 47 -49.24 53.81 14.00
C PHE B 47 -47.84 53.20 13.89
N ARG B 48 -46.78 53.98 14.11
CA ARG B 48 -45.44 53.40 14.03
C ARG B 48 -45.26 52.32 15.10
N GLU B 49 -45.73 52.61 16.32
CA GLU B 49 -45.68 51.61 17.38
C GLU B 49 -46.55 50.41 17.05
N LEU B 50 -47.70 50.62 16.42
CA LEU B 50 -48.53 49.52 15.98
C LEU B 50 -47.80 48.67 14.95
N CYS B 51 -47.11 49.32 14.01
CA CYS B 51 -46.20 48.58 13.13
C CYS B 51 -45.05 47.98 13.92
N GLN B 52 -44.52 48.72 14.90
CA GLN B 52 -43.42 48.21 15.71
C GLN B 52 -43.79 46.91 16.40
N VAL B 53 -44.95 46.90 17.08
CA VAL B 53 -45.37 45.71 17.81
C VAL B 53 -45.69 44.57 16.85
N GLU B 54 -46.44 44.87 15.79
CA GLU B 54 -46.85 43.82 14.87
C GLU B 54 -45.64 43.21 14.15
N GLU B 55 -44.71 44.04 13.71
CA GLU B 55 -43.50 43.51 13.07
C GLU B 55 -42.68 42.71 14.06
N SER B 56 -42.51 43.22 15.28
CA SER B 56 -41.71 42.50 16.28
C SER B 56 -42.33 41.15 16.60
N ALA B 57 -43.66 41.11 16.76
CA ALA B 57 -44.32 39.84 17.06
C ALA B 57 -44.17 38.86 15.91
N ALA B 58 -44.35 39.34 14.68
CA ALA B 58 -44.19 38.46 13.52
C ALA B 58 -42.73 38.04 13.33
N LEU B 59 -41.81 38.99 13.47
CA LEU B 59 -40.40 38.67 13.32
C LEU B 59 -39.94 37.70 14.40
N PHE B 60 -40.39 37.89 15.64
CA PHE B 60 -40.00 36.99 16.71
C PHE B 60 -40.51 35.58 16.46
N GLU B 61 -41.73 35.45 15.92
CA GLU B 61 -42.24 34.13 15.58
C GLU B 61 -41.36 33.45 14.53
N LEU B 62 -40.87 34.22 13.57
CA LEU B 62 -39.92 33.66 12.60
C LEU B 62 -38.66 33.18 13.29
N VAL B 63 -38.15 33.96 14.26
CA VAL B 63 -36.96 33.56 15.00
C VAL B 63 -37.20 32.24 15.72
N GLN B 64 -38.40 32.06 16.26
CA GLN B 64 -38.73 30.80 16.90
C GLN B 64 -38.70 29.64 15.92
N ASP B 65 -39.13 29.88 14.67
CA ASP B 65 -39.24 28.80 13.70
C ASP B 65 -37.87 28.26 13.30
N MET B 66 -36.88 29.14 13.13
CA MET B 66 -35.55 28.68 12.71
C MET B 66 -34.89 27.80 13.76
N GLN B 67 -35.39 27.82 14.99
CA GLN B 67 -34.71 27.11 16.08
C GLN B 67 -34.89 25.61 15.98
N GLU B 68 -35.95 25.14 15.33
CA GLU B 68 -36.27 23.72 15.38
C GLU B 68 -35.34 22.88 14.50
N ASN B 69 -35.41 23.06 13.17
CA ASN B 69 -34.62 22.23 12.27
C ASN B 69 -34.75 22.65 10.81
N VAL B 70 -35.69 22.03 10.11
CA VAL B 70 -35.76 22.09 8.65
C VAL B 70 -36.78 23.11 8.17
N ASN B 71 -37.07 24.13 8.98
CA ASN B 71 -38.00 25.18 8.59
C ASN B 71 -37.40 26.18 7.62
N MET B 72 -36.28 25.83 6.98
CA MET B 72 -35.63 26.73 6.03
C MET B 72 -36.61 27.25 5.00
N GLU B 73 -37.25 26.35 4.26
CA GLU B 73 -38.19 26.78 3.23
C GLU B 73 -39.39 27.49 3.84
N ARG B 74 -39.88 27.00 4.97
CA ARG B 74 -41.02 27.65 5.61
C ARG B 74 -40.68 29.06 6.07
N VAL B 75 -39.50 29.24 6.68
CA VAL B 75 -39.13 30.56 7.18
C VAL B 75 -38.91 31.52 6.02
N VAL B 76 -38.19 31.09 4.98
CA VAL B 76 -37.93 31.96 3.85
C VAL B 76 -39.23 32.33 3.16
N PHE B 77 -40.14 31.37 3.01
CA PHE B 77 -41.43 31.66 2.40
C PHE B 77 -42.21 32.67 3.24
N LYS B 78 -42.19 32.52 4.56
CA LYS B 78 -42.85 33.50 5.42
C LYS B 78 -42.20 34.87 5.30
N ILE B 79 -40.87 34.90 5.21
CA ILE B 79 -40.17 36.17 5.01
C ILE B 79 -40.58 36.80 3.70
N LEU B 80 -40.61 36.00 2.63
CA LEU B 80 -40.99 36.55 1.32
C LEU B 80 -42.46 36.96 1.29
N ARG B 81 -43.31 36.25 2.03
CA ARG B 81 -44.69 36.69 2.19
C ARG B 81 -44.75 38.05 2.87
N ARG B 82 -43.94 38.23 3.92
CA ARG B 82 -43.90 39.51 4.62
C ARG B 82 -43.10 40.55 3.86
N LEU B 83 -42.07 40.11 3.11
CA LEU B 83 -41.30 41.05 2.30
C LEU B 83 -42.19 41.68 1.23
N CYS B 84 -43.04 40.89 0.61
CA CYS B 84 -44.08 41.45 -0.23
C CYS B 84 -45.09 42.18 0.65
N SER B 85 -45.81 43.14 0.07
CA SER B 85 -46.80 43.96 0.76
C SER B 85 -46.15 44.98 1.68
N ILE B 86 -44.83 44.91 1.85
CA ILE B 86 -44.08 46.04 2.38
C ILE B 86 -43.14 46.62 1.33
N LEU B 87 -42.71 45.82 0.35
CA LEU B 87 -42.11 46.32 -0.87
C LEU B 87 -43.13 46.48 -1.98
N HIS B 88 -44.36 46.01 -1.76
CA HIS B 88 -45.43 46.06 -2.74
C HIS B 88 -45.09 45.27 -4.00
N ALA B 89 -44.17 44.32 -3.89
CA ALA B 89 -43.85 43.47 -5.04
C ALA B 89 -45.02 42.55 -5.36
N ASP B 90 -45.20 42.28 -6.66
CA ASP B 90 -46.23 41.34 -7.06
C ASP B 90 -45.84 39.92 -6.69
N ARG B 91 -44.59 39.54 -6.96
CA ARG B 91 -44.11 38.19 -6.73
C ARG B 91 -42.75 38.26 -6.05
N CYS B 92 -42.41 37.20 -5.33
CA CYS B 92 -41.09 37.06 -4.72
C CYS B 92 -40.63 35.63 -4.90
N SER B 93 -39.38 35.45 -5.30
CA SER B 93 -38.86 34.12 -5.59
C SER B 93 -37.46 33.97 -5.01
N LEU B 94 -37.04 32.72 -4.85
CA LEU B 94 -35.76 32.37 -4.28
C LEU B 94 -35.05 31.39 -5.22
N PHE B 95 -33.83 31.74 -5.63
CA PHE B 95 -33.02 30.91 -6.51
C PHE B 95 -31.80 30.44 -5.74
N MET B 96 -31.62 29.13 -5.63
CA MET B 96 -30.47 28.59 -4.92
C MET B 96 -29.26 28.48 -5.84
N TYR B 97 -28.09 28.72 -5.26
CA TYR B 97 -26.84 28.69 -5.99
C TYR B 97 -26.18 27.33 -5.81
N ARG B 98 -25.74 26.74 -6.92
CA ARG B 98 -25.02 25.48 -6.88
C ARG B 98 -24.06 25.42 -8.05
N GLN B 99 -22.99 24.63 -7.89
CA GLN B 99 -21.94 24.51 -8.88
C GLN B 99 -21.84 23.07 -9.34
N ARG B 100 -21.93 22.85 -10.65
CA ARG B 100 -21.67 21.55 -11.25
C ARG B 100 -20.72 21.74 -12.43
N ASN B 101 -19.81 20.78 -12.59
CA ASN B 101 -18.82 20.79 -13.66
C ASN B 101 -17.94 22.03 -13.62
N GLY B 102 -17.87 22.71 -12.48
CA GLY B 102 -17.16 23.95 -12.37
C GLY B 102 -17.91 25.17 -12.85
N VAL B 103 -19.15 25.01 -13.31
CA VAL B 103 -19.95 26.11 -13.81
C VAL B 103 -21.13 26.34 -12.85
N ALA B 104 -21.21 27.55 -12.33
CA ALA B 104 -22.24 27.90 -11.36
C ALA B 104 -23.61 28.00 -12.01
N GLU B 105 -24.63 27.58 -11.28
CA GLU B 105 -26.00 27.64 -11.75
C GLU B 105 -26.88 28.17 -10.62
N LEU B 106 -28.01 28.76 -11.00
CA LEU B 106 -29.00 29.24 -10.05
C LEU B 106 -30.34 28.56 -10.35
N ALA B 107 -30.73 27.62 -9.51
CA ALA B 107 -31.94 26.83 -9.71
C ALA B 107 -33.02 27.32 -8.76
N THR B 108 -34.26 27.34 -9.25
CA THR B 108 -35.37 27.85 -8.46
C THR B 108 -35.75 26.89 -7.35
N ARG B 109 -35.97 27.42 -6.15
CA ARG B 109 -36.52 26.67 -5.03
C ARG B 109 -37.89 27.18 -4.61
N LEU B 110 -38.08 28.49 -4.56
CA LEU B 110 -39.38 29.09 -4.35
C LEU B 110 -39.70 30.00 -5.53
N PHE B 111 -40.95 29.98 -5.94
CA PHE B 111 -41.44 30.80 -7.05
C PHE B 111 -42.48 31.77 -6.51
N SER B 112 -43.15 32.47 -7.43
CA SER B 112 -44.01 33.61 -7.14
C SER B 112 -44.77 33.45 -5.84
N VAL B 113 -44.58 34.41 -4.93
CA VAL B 113 -45.15 34.37 -3.59
C VAL B 113 -46.03 35.59 -3.43
N GLN B 114 -47.34 35.39 -3.48
CA GLN B 114 -48.29 36.43 -3.15
C GLN B 114 -48.48 36.47 -1.64
N PRO B 115 -48.98 37.58 -1.09
CA PRO B 115 -49.18 37.64 0.36
C PRO B 115 -50.17 36.62 0.89
N ASP B 116 -51.02 36.06 0.04
CA ASP B 116 -52.00 35.06 0.45
C ASP B 116 -51.64 33.66 -0.05
N SER B 117 -50.40 33.44 -0.46
CA SER B 117 -50.00 32.15 -0.99
C SER B 117 -49.78 31.15 0.14
N VAL B 118 -49.47 29.91 -0.24
CA VAL B 118 -49.11 28.86 0.71
C VAL B 118 -47.86 28.17 0.16
N LEU B 119 -47.18 27.44 1.06
CA LEU B 119 -45.92 26.82 0.69
C LEU B 119 -46.10 25.79 -0.43
N GLU B 120 -47.21 25.07 -0.41
CA GLU B 120 -47.45 24.04 -1.42
C GLU B 120 -47.55 24.64 -2.82
N ASP B 121 -48.06 25.86 -2.93
CA ASP B 121 -48.23 26.51 -4.22
C ASP B 121 -46.97 27.22 -4.70
N CYS B 122 -45.92 27.30 -3.87
CA CYS B 122 -44.71 28.02 -4.23
C CYS B 122 -43.44 27.19 -4.17
N LEU B 123 -43.42 26.11 -3.39
CA LEU B 123 -42.25 25.24 -3.36
C LEU B 123 -42.08 24.55 -4.71
N VAL B 124 -40.85 24.50 -5.19
CA VAL B 124 -40.54 23.97 -6.52
C VAL B 124 -39.88 22.61 -6.35
N PRO B 125 -40.53 21.52 -6.76
CA PRO B 125 -39.86 20.22 -6.74
C PRO B 125 -38.63 20.25 -7.63
N PRO B 126 -37.62 19.44 -7.30
CA PRO B 126 -36.37 19.47 -8.08
C PRO B 126 -36.55 19.16 -9.55
N ASP B 127 -37.48 18.28 -9.91
CA ASP B 127 -37.68 17.96 -11.31
C ASP B 127 -38.44 19.05 -12.05
N SER B 128 -39.06 19.98 -11.32
CA SER B 128 -39.85 21.05 -11.93
C SER B 128 -39.17 22.41 -11.80
N GLU B 129 -37.86 22.42 -11.62
CA GLU B 129 -37.14 23.66 -11.36
C GLU B 129 -36.56 24.25 -12.64
N ILE B 130 -36.31 25.55 -12.61
CA ILE B 130 -35.71 26.27 -13.73
C ILE B 130 -34.26 26.58 -13.37
N VAL B 131 -33.34 26.22 -14.24
CA VAL B 131 -31.91 26.38 -14.00
C VAL B 131 -31.39 27.49 -14.89
N PHE B 132 -30.63 28.41 -14.29
CA PHE B 132 -29.99 29.48 -15.03
C PHE B 132 -28.48 29.45 -14.80
N PRO B 133 -27.69 29.73 -15.82
CA PRO B 133 -26.25 29.90 -15.63
C PRO B 133 -25.95 31.33 -15.20
N LEU B 134 -24.66 31.64 -15.08
CA LEU B 134 -24.23 32.94 -14.61
C LEU B 134 -24.22 34.01 -15.69
N ASP B 135 -24.36 33.64 -16.96
CA ASP B 135 -24.34 34.59 -18.06
C ASP B 135 -25.72 34.81 -18.67
N ILE B 136 -26.77 34.29 -18.06
CA ILE B 136 -28.12 34.42 -18.56
C ILE B 136 -29.01 35.01 -17.48
N GLY B 137 -29.73 36.07 -17.82
CA GLY B 137 -30.66 36.68 -16.89
C GLY B 137 -29.98 37.60 -15.90
N VAL B 138 -30.81 38.37 -15.19
CA VAL B 138 -30.30 39.23 -14.12
C VAL B 138 -29.75 38.42 -12.97
N VAL B 139 -30.21 37.18 -12.79
CA VAL B 139 -29.74 36.35 -11.68
C VAL B 139 -28.25 36.09 -11.82
N GLY B 140 -27.79 35.78 -13.03
CA GLY B 140 -26.37 35.62 -13.24
C GLY B 140 -25.59 36.91 -13.00
N HIS B 141 -26.19 38.04 -13.36
CA HIS B 141 -25.57 39.32 -13.07
C HIS B 141 -25.44 39.53 -11.58
N VAL B 142 -26.48 39.20 -10.81
CA VAL B 142 -26.44 39.39 -9.37
C VAL B 142 -25.43 38.43 -8.75
N ALA B 143 -25.43 37.18 -9.19
CA ALA B 143 -24.58 36.16 -8.59
C ALA B 143 -23.12 36.28 -9.03
N GLN B 144 -22.84 37.01 -10.11
CA GLN B 144 -21.46 37.19 -10.54
C GLN B 144 -20.79 38.38 -9.84
N THR B 145 -21.47 39.53 -9.82
CA THR B 145 -20.92 40.71 -9.19
C THR B 145 -21.10 40.71 -7.68
N LYS B 146 -21.96 39.83 -7.14
CA LYS B 146 -22.18 39.72 -5.70
C LYS B 146 -22.64 41.05 -5.10
N LYS B 147 -23.45 41.79 -5.84
CA LYS B 147 -23.95 43.08 -5.39
C LYS B 147 -25.42 43.19 -5.77
N MET B 148 -26.11 44.13 -5.13
CA MET B 148 -27.50 44.35 -5.47
C MET B 148 -27.65 44.85 -6.90
N VAL B 149 -28.76 44.47 -7.53
CA VAL B 149 -29.16 45.00 -8.82
C VAL B 149 -30.61 45.46 -8.70
N ASN B 150 -30.86 46.72 -9.04
CA ASN B 150 -32.21 47.27 -9.08
C ASN B 150 -32.49 47.72 -10.51
N VAL B 151 -33.42 47.04 -11.17
CA VAL B 151 -33.76 47.33 -12.55
C VAL B 151 -35.07 48.11 -12.55
N GLN B 152 -35.01 49.37 -13.01
CA GLN B 152 -36.20 50.20 -13.05
C GLN B 152 -37.05 49.92 -14.28
N ASP B 153 -36.50 49.22 -15.28
CA ASP B 153 -37.25 48.86 -16.48
C ASP B 153 -36.60 47.64 -17.09
N VAL B 154 -37.40 46.58 -17.28
CA VAL B 154 -36.86 45.33 -17.82
C VAL B 154 -36.34 45.52 -19.24
N MET B 155 -37.03 46.35 -20.03
CA MET B 155 -36.70 46.46 -21.44
C MET B 155 -35.29 46.99 -21.66
N GLU B 156 -34.87 47.97 -20.87
CA GLU B 156 -33.54 48.55 -21.03
C GLU B 156 -32.45 47.69 -20.40
N CYS B 157 -32.80 46.65 -19.67
CA CYS B 157 -31.79 45.78 -19.06
C CYS B 157 -31.01 45.04 -20.16
N PRO B 158 -29.69 45.01 -20.10
CA PRO B 158 -28.91 44.32 -21.14
C PRO B 158 -28.72 42.83 -20.91
N HIS B 159 -29.03 42.31 -19.73
CA HIS B 159 -28.84 40.90 -19.43
C HIS B 159 -30.14 40.15 -19.18
N PHE B 160 -31.28 40.84 -19.23
CA PHE B 160 -32.55 40.20 -18.90
C PHE B 160 -32.86 39.08 -19.89
N SER B 161 -33.40 37.98 -19.36
CA SER B 161 -33.81 36.84 -20.16
C SER B 161 -35.31 36.63 -20.00
N SER B 162 -35.99 36.36 -21.12
CA SER B 162 -37.43 36.22 -21.13
C SER B 162 -37.87 34.76 -21.11
N PHE B 163 -37.00 33.85 -20.66
CA PHE B 163 -37.36 32.44 -20.62
C PHE B 163 -38.55 32.21 -19.68
N ALA B 164 -38.43 32.70 -18.45
CA ALA B 164 -39.50 32.46 -17.48
C ALA B 164 -40.74 33.29 -17.78
N ASP B 165 -40.56 34.45 -18.42
CA ASP B 165 -41.71 35.30 -18.73
C ASP B 165 -42.65 34.61 -19.71
N GLU B 166 -42.11 34.04 -20.78
CA GLU B 166 -42.93 33.33 -21.75
C GLU B 166 -43.37 31.97 -21.23
N LEU B 167 -42.57 31.35 -20.37
CA LEU B 167 -42.88 30.00 -19.89
C LEU B 167 -44.12 30.01 -19.00
N THR B 168 -44.20 30.97 -18.07
CA THR B 168 -45.34 31.00 -17.16
C THR B 168 -46.54 31.68 -17.81
N ASP B 169 -46.42 32.98 -18.09
CA ASP B 169 -47.44 33.85 -18.66
C ASP B 169 -47.14 35.31 -18.30
N TYR B 170 -46.49 35.50 -17.16
CA TYR B 170 -46.31 36.84 -16.60
C TYR B 170 -45.25 37.62 -17.38
N VAL B 171 -45.40 38.95 -17.36
CA VAL B 171 -44.43 39.87 -17.92
C VAL B 171 -43.91 40.75 -16.80
N THR B 172 -42.60 40.97 -16.79
CA THR B 172 -41.94 41.70 -15.71
C THR B 172 -41.58 43.11 -16.16
N ARG B 173 -41.73 44.07 -15.26
CA ARG B 173 -41.38 45.45 -15.53
C ARG B 173 -40.24 45.96 -14.64
N ASN B 174 -40.32 45.72 -13.33
CA ASN B 174 -39.29 46.12 -12.40
C ASN B 174 -38.78 44.89 -11.65
N ILE B 175 -37.47 44.81 -11.48
CA ILE B 175 -36.84 43.67 -10.81
C ILE B 175 -35.88 44.20 -9.75
N LEU B 176 -35.96 43.61 -8.55
CA LEU B 176 -35.09 43.98 -7.44
C LEU B 176 -34.54 42.69 -6.85
N ALA B 177 -33.23 42.48 -6.98
CA ALA B 177 -32.62 41.24 -6.53
C ALA B 177 -31.36 41.52 -5.73
N THR B 178 -31.02 40.59 -4.83
CA THR B 178 -29.82 40.67 -4.02
C THR B 178 -29.19 39.28 -3.97
N PRO B 179 -27.88 39.20 -3.87
CA PRO B 179 -27.27 37.93 -3.50
C PRO B 179 -27.00 37.70 -2.01
N ILE B 180 -27.55 36.61 -1.52
CA ILE B 180 -27.44 36.27 -0.11
C ILE B 180 -26.07 35.65 0.13
N MET B 181 -25.29 36.30 0.98
CA MET B 181 -23.84 36.10 1.01
C MET B 181 -23.47 35.33 2.26
N ASN B 182 -22.79 34.21 2.09
CA ASN B 182 -22.23 33.46 3.22
C ASN B 182 -20.74 33.79 3.36
N GLY B 183 -20.49 35.06 3.68
CA GLY B 183 -19.12 35.52 3.88
C GLY B 183 -18.34 35.65 2.60
N LYS B 184 -18.07 34.53 1.94
CA LYS B 184 -17.28 34.54 0.70
C LYS B 184 -18.00 33.86 -0.44
N ASP B 185 -18.84 32.88 -0.14
CA ASP B 185 -19.60 32.15 -1.15
C ASP B 185 -21.02 32.69 -1.27
N VAL B 186 -21.70 32.31 -2.35
CA VAL B 186 -23.07 32.73 -2.61
C VAL B 186 -23.99 31.56 -2.31
N VAL B 187 -25.06 31.85 -1.57
CA VAL B 187 -26.05 30.83 -1.21
C VAL B 187 -27.27 30.91 -2.10
N ALA B 188 -27.87 32.09 -2.22
CA ALA B 188 -29.12 32.21 -2.94
C ALA B 188 -29.31 33.65 -3.42
N VAL B 189 -30.29 33.84 -4.28
CA VAL B 189 -30.66 35.14 -4.81
C VAL B 189 -32.16 35.32 -4.62
N ILE B 190 -32.57 36.46 -4.08
CA ILE B 190 -33.96 36.77 -3.80
C ILE B 190 -34.39 37.94 -4.67
N MET B 191 -35.52 37.80 -5.37
CA MET B 191 -35.99 38.80 -6.30
C MET B 191 -37.42 39.23 -5.99
N ALA B 192 -37.68 40.51 -6.15
CA ALA B 192 -39.01 41.10 -5.99
C ALA B 192 -39.39 41.80 -7.28
N VAL B 193 -40.64 41.65 -7.71
CA VAL B 193 -41.04 42.02 -9.06
C VAL B 193 -42.36 42.79 -9.03
N ASN B 194 -42.36 44.01 -9.57
CA ASN B 194 -43.55 44.73 -10.01
C ASN B 194 -44.53 45.12 -8.92
N LYS B 195 -45.76 45.47 -9.34
CA LYS B 195 -46.87 45.89 -8.47
C LYS B 195 -46.43 47.11 -7.68
N LEU B 196 -45.56 47.93 -8.27
CA LEU B 196 -45.17 49.16 -7.60
C LEU B 196 -46.28 50.20 -7.59
N ASP B 197 -47.25 50.09 -8.50
CA ASP B 197 -48.28 51.11 -8.70
C ASP B 197 -47.67 52.47 -9.00
N GLY B 198 -46.39 52.49 -9.40
CA GLY B 198 -45.69 53.70 -9.73
C GLY B 198 -44.64 53.43 -10.78
N PRO B 199 -43.60 54.27 -10.82
CA PRO B 199 -42.59 54.09 -11.87
C PRO B 199 -41.72 52.86 -11.66
N CYS B 200 -41.22 52.64 -10.45
CA CYS B 200 -40.24 51.59 -10.19
C CYS B 200 -40.04 51.48 -8.69
N PHE B 201 -39.09 50.62 -8.30
CA PHE B 201 -38.71 50.51 -6.90
C PHE B 201 -37.97 51.76 -6.45
N THR B 202 -38.39 52.32 -5.33
CA THR B 202 -37.78 53.55 -4.83
C THR B 202 -36.52 53.23 -4.03
N SER B 203 -35.83 54.28 -3.59
CA SER B 203 -34.64 54.09 -2.77
C SER B 203 -34.99 53.62 -1.37
N GLU B 204 -36.20 53.94 -0.89
CA GLU B 204 -36.62 53.44 0.41
C GLU B 204 -36.85 51.94 0.37
N ASP B 205 -37.29 51.41 -0.78
CA ASP B 205 -37.41 49.97 -0.93
C ASP B 205 -36.02 49.33 -1.04
N GLU B 206 -35.05 50.09 -1.51
CA GLU B 206 -33.67 49.61 -1.59
C GLU B 206 -33.12 49.28 -0.21
N ASP B 207 -33.36 50.17 0.76
CA ASP B 207 -32.80 49.97 2.09
C ASP B 207 -33.55 48.90 2.85
N VAL B 208 -34.89 48.91 2.78
CA VAL B 208 -35.69 47.94 3.52
C VAL B 208 -35.35 46.52 3.08
N PHE B 209 -35.08 46.33 1.79
CA PHE B 209 -34.81 45.01 1.26
C PHE B 209 -33.58 44.38 1.90
N LEU B 210 -32.51 45.16 2.07
CA LEU B 210 -31.30 44.61 2.69
C LEU B 210 -31.48 44.40 4.18
N LYS B 211 -32.04 45.38 4.88
CA LYS B 211 -32.16 45.28 6.33
C LYS B 211 -33.10 44.16 6.73
N TYR B 212 -34.21 44.01 6.00
CA TYR B 212 -35.16 42.95 6.32
C TYR B 212 -34.61 41.57 5.97
N LEU B 213 -33.79 41.48 4.92
CA LEU B 213 -33.30 40.19 4.45
C LEU B 213 -32.11 39.68 5.24
N ASN B 214 -31.56 40.47 6.16
CA ASN B 214 -30.48 39.96 7.01
C ASN B 214 -30.92 38.74 7.79
N PHE B 215 -32.20 38.67 8.15
CA PHE B 215 -32.73 37.48 8.81
C PHE B 215 -32.73 36.30 7.86
N GLY B 216 -33.12 36.52 6.60
CA GLY B 216 -33.08 35.46 5.62
C GLY B 216 -31.67 34.95 5.38
N THR B 217 -30.68 35.84 5.44
CA THR B 217 -29.30 35.42 5.35
C THR B 217 -28.94 34.52 6.53
N LEU B 218 -29.47 34.83 7.72
CA LEU B 218 -29.17 34.03 8.90
C LEU B 218 -29.68 32.61 8.75
N ASN B 219 -30.94 32.46 8.35
CA ASN B 219 -31.51 31.11 8.20
C ASN B 219 -30.83 30.36 7.06
N LEU B 220 -30.55 31.05 5.95
CA LEU B 220 -29.85 30.39 4.86
C LEU B 220 -28.42 30.06 5.23
N LYS B 221 -27.76 30.91 6.02
CA LYS B 221 -26.41 30.60 6.48
C LYS B 221 -26.40 29.37 7.36
N ILE B 222 -27.38 29.24 8.26
CA ILE B 222 -27.47 28.04 9.09
C ILE B 222 -27.72 26.81 8.23
N TYR B 223 -28.65 26.93 7.28
CA TYR B 223 -28.94 25.80 6.40
C TYR B 223 -27.72 25.44 5.56
N HIS B 224 -27.02 26.43 5.02
CA HIS B 224 -25.84 26.15 4.21
C HIS B 224 -24.72 25.55 5.05
N LEU B 225 -24.53 26.06 6.27
CA LEU B 225 -23.51 25.50 7.14
C LEU B 225 -23.84 24.07 7.54
N SER B 226 -25.12 23.80 7.82
CA SER B 226 -25.51 22.44 8.18
C SER B 226 -25.27 21.48 7.04
N TYR B 227 -25.60 21.89 5.81
CA TYR B 227 -25.34 21.05 4.65
C TYR B 227 -23.85 20.86 4.42
N LEU B 228 -23.06 21.94 4.55
CA LEU B 228 -21.63 21.81 4.36
C LEU B 228 -21.00 20.93 5.44
N HIS B 229 -21.46 21.07 6.69
CA HIS B 229 -20.93 20.25 7.76
C HIS B 229 -21.25 18.79 7.54
N ASN B 230 -22.45 18.48 7.08
CA ASN B 230 -22.82 17.09 6.80
C ASN B 230 -21.98 16.53 5.66
N CYS B 231 -21.80 17.30 4.59
CA CYS B 231 -21.05 16.80 3.44
C CYS B 231 -19.60 16.53 3.80
N GLU B 232 -18.98 17.41 4.59
CA GLU B 232 -17.60 17.20 4.99
C GLU B 232 -17.47 16.00 5.92
N THR B 233 -18.45 15.80 6.80
CA THR B 233 -18.43 14.65 7.70
C THR B 233 -18.44 13.35 6.91
N ARG B 234 -19.28 13.28 5.88
CA ARG B 234 -19.36 12.07 5.07
C ARG B 234 -18.05 11.82 4.33
N ARG B 235 -17.44 12.88 3.79
CA ARG B 235 -16.18 12.72 3.09
C ARG B 235 -15.08 12.22 4.01
N GLY B 236 -15.04 12.74 5.25
CA GLY B 236 -14.05 12.26 6.20
C GLY B 236 -14.21 10.78 6.50
N GLN B 237 -15.45 10.34 6.69
CA GLN B 237 -15.69 8.92 6.95
C GLN B 237 -15.38 8.06 5.74
N VAL B 238 -15.64 8.59 4.55
CA VAL B 238 -15.35 7.84 3.32
C VAL B 238 -13.86 7.58 3.20
N LEU B 239 -13.05 8.61 3.43
CA LEU B 239 -11.60 8.45 3.35
C LEU B 239 -11.09 7.53 4.44
N LEU B 240 -11.68 7.61 5.64
CA LEU B 240 -11.23 6.76 6.74
C LEU B 240 -11.57 5.30 6.49
N TRP B 241 -12.81 5.02 6.08
CA TRP B 241 -13.21 3.63 5.84
C TRP B 241 -12.50 3.06 4.62
N SER B 242 -12.32 3.87 3.58
CA SER B 242 -11.60 3.41 2.40
C SER B 242 -10.16 3.07 2.73
N ALA B 243 -9.51 3.90 3.54
CA ALA B 243 -8.12 3.63 3.92
C ALA B 243 -8.02 2.40 4.82
N ASN B 244 -9.05 2.16 5.63
CA ASN B 244 -9.06 0.98 6.48
C ASN B 244 -9.04 -0.30 5.65
N LYS B 245 -9.84 -0.34 4.60
CA LYS B 245 -9.91 -1.54 3.77
C LYS B 245 -8.72 -1.68 2.84
N VAL B 246 -8.10 -0.58 2.43
CA VAL B 246 -6.96 -0.65 1.53
C VAL B 246 -5.78 -1.32 2.23
N PHE B 247 -5.56 -0.97 3.50
CA PHE B 247 -4.41 -1.45 4.25
C PHE B 247 -4.67 -2.77 4.97
N GLU B 248 -5.85 -3.37 4.79
CA GLU B 248 -6.13 -4.64 5.43
C GLU B 248 -5.16 -5.72 4.99
N GLU B 249 -4.89 -5.78 3.69
CA GLU B 249 -3.95 -6.73 3.13
C GLU B 249 -3.55 -6.28 1.74
N LEU B 250 -2.50 -6.88 1.21
CA LEU B 250 -2.08 -6.62 -0.16
C LEU B 250 -2.85 -7.53 -1.10
N THR B 251 -3.70 -6.94 -1.94
CA THR B 251 -4.53 -7.69 -2.86
C THR B 251 -4.49 -7.03 -4.24
N ASP B 252 -5.17 -7.67 -5.19
CA ASP B 252 -5.23 -7.17 -6.55
C ASP B 252 -6.22 -6.02 -6.63
N ILE B 253 -6.29 -5.40 -7.82
CA ILE B 253 -7.12 -4.21 -7.99
C ILE B 253 -8.60 -4.56 -7.88
N GLU B 254 -8.98 -5.76 -8.31
CA GLU B 254 -10.39 -6.14 -8.29
C GLU B 254 -10.90 -6.26 -6.86
N ARG B 255 -10.18 -7.00 -6.02
CA ARG B 255 -10.63 -7.19 -4.64
C ARG B 255 -10.53 -5.89 -3.84
N GLN B 256 -9.46 -5.12 -4.05
CA GLN B 256 -9.28 -3.89 -3.28
C GLN B 256 -10.36 -2.86 -3.60
N PHE B 257 -10.68 -2.67 -4.88
CA PHE B 257 -11.73 -1.71 -5.23
C PHE B 257 -13.08 -2.20 -4.76
N HIS B 258 -13.33 -3.51 -4.81
CA HIS B 258 -14.61 -4.04 -4.36
C HIS B 258 -14.81 -3.80 -2.86
N LYS B 259 -13.74 -3.94 -2.08
CA LYS B 259 -13.85 -3.74 -0.63
C LYS B 259 -14.14 -2.29 -0.30
N ALA B 260 -13.38 -1.37 -0.88
CA ALA B 260 -13.50 0.04 -0.55
C ALA B 260 -14.87 0.59 -0.96
N PHE B 261 -15.30 0.26 -2.18
CA PHE B 261 -16.57 0.78 -2.66
C PHE B 261 -17.76 0.17 -1.92
N TYR B 262 -17.65 -1.08 -1.50
CA TYR B 262 -18.75 -1.71 -0.79
C TYR B 262 -18.94 -1.13 0.61
N THR B 263 -17.86 -0.76 1.28
CA THR B 263 -17.97 -0.28 2.65
C THR B 263 -18.53 1.13 2.71
N VAL B 264 -18.24 1.97 1.71
CA VAL B 264 -18.66 3.36 1.73
C VAL B 264 -20.00 3.51 1.03
N ARG B 265 -20.70 2.40 0.81
CA ARG B 265 -21.97 2.45 0.11
C ARG B 265 -23.00 3.25 0.88
N ALA B 266 -22.88 3.29 2.21
CA ALA B 266 -23.83 4.05 3.01
C ALA B 266 -23.57 5.55 2.90
N TYR B 267 -22.29 5.96 2.93
CA TYR B 267 -21.96 7.37 2.89
C TYR B 267 -22.09 7.96 1.50
N LEU B 268 -22.01 7.13 0.46
CA LEU B 268 -22.07 7.65 -0.91
C LEU B 268 -23.43 8.28 -1.20
N ASN B 269 -24.50 7.67 -0.72
CA ASN B 269 -25.86 8.20 -0.86
C ASN B 269 -26.26 8.29 -2.33
N CYS B 270 -26.26 7.13 -2.99
CA CYS B 270 -26.65 7.03 -4.39
C CYS B 270 -27.52 5.80 -4.57
N ASP B 271 -28.41 5.85 -5.57
CA ASP B 271 -29.27 4.71 -5.86
C ASP B 271 -28.47 3.56 -6.43
N ARG B 272 -27.63 3.83 -7.43
CA ARG B 272 -26.82 2.81 -8.05
C ARG B 272 -25.49 3.43 -8.46
N TYR B 273 -24.47 2.59 -8.56
CA TYR B 273 -23.20 3.03 -9.10
C TYR B 273 -22.39 1.81 -9.49
N SER B 274 -21.68 1.91 -10.62
CA SER B 274 -20.93 0.80 -11.17
C SER B 274 -19.49 1.22 -11.38
N VAL B 275 -18.56 0.30 -11.14
CA VAL B 275 -17.14 0.55 -11.30
C VAL B 275 -16.63 -0.37 -12.39
N GLY B 276 -16.12 0.22 -13.47
CA GLY B 276 -15.55 -0.54 -14.57
C GLY B 276 -14.04 -0.41 -14.59
N LEU B 277 -13.37 -1.53 -14.84
CA LEU B 277 -11.91 -1.60 -14.81
C LEU B 277 -11.37 -1.76 -16.22
N LEU B 278 -10.37 -0.95 -16.55
CA LEU B 278 -9.78 -0.94 -17.89
C LEU B 278 -8.58 -1.87 -17.94
N ASP B 279 -8.32 -2.41 -19.12
CA ASP B 279 -7.15 -3.26 -19.33
C ASP B 279 -5.88 -2.43 -19.23
N MET B 280 -4.81 -3.06 -18.75
CA MET B 280 -3.54 -2.39 -18.51
C MET B 280 -2.43 -2.88 -19.42
N THR B 281 -2.74 -3.53 -20.53
CA THR B 281 -1.72 -4.00 -21.46
C THR B 281 -1.35 -2.88 -22.44
N LYS B 282 -0.05 -2.61 -22.58
CA LYS B 282 0.38 -1.57 -23.50
C LYS B 282 0.68 -2.14 -24.89
N GLU B 283 1.65 -3.05 -25.00
CA GLU B 283 1.88 -3.73 -26.27
C GLU B 283 1.29 -5.13 -26.24
N LYS B 284 1.19 -5.71 -27.43
CA LYS B 284 0.81 -7.10 -27.61
C LYS B 284 2.01 -7.93 -28.04
N GLU B 285 1.90 -9.24 -27.89
CA GLU B 285 2.98 -10.14 -28.27
C GLU B 285 3.08 -10.24 -29.79
N PHE B 286 4.15 -10.87 -30.25
CA PHE B 286 4.43 -10.93 -31.68
C PHE B 286 3.33 -11.69 -32.43
N PHE B 287 2.84 -12.79 -31.86
CA PHE B 287 1.85 -13.59 -32.58
C PHE B 287 0.49 -12.89 -32.65
N ASP B 288 0.25 -11.89 -31.81
CA ASP B 288 -0.96 -11.08 -31.90
C ASP B 288 -0.82 -9.92 -32.86
N VAL B 289 0.40 -9.62 -33.31
CA VAL B 289 0.61 -8.53 -34.25
C VAL B 289 0.69 -9.04 -35.68
N TRP B 290 1.11 -10.29 -35.87
CA TRP B 290 1.24 -10.85 -37.21
C TRP B 290 -0.06 -10.83 -38.00
N PRO B 291 -1.21 -11.26 -37.48
CA PRO B 291 -2.42 -11.32 -38.32
C PRO B 291 -2.83 -9.98 -38.90
N VAL B 292 -2.63 -8.88 -38.18
CA VAL B 292 -2.99 -7.58 -38.72
C VAL B 292 -1.95 -7.09 -39.73
N LEU B 293 -0.71 -7.58 -39.66
CA LEU B 293 0.30 -7.18 -40.63
C LEU B 293 0.13 -7.86 -41.97
N MET B 294 -0.37 -9.10 -41.99
CA MET B 294 -0.61 -9.81 -43.23
C MET B 294 -2.03 -9.64 -43.74
N GLY B 295 -2.84 -8.80 -43.11
CA GLY B 295 -4.19 -8.58 -43.57
C GLY B 295 -5.21 -9.59 -43.10
N GLU B 296 -4.80 -10.58 -42.30
CA GLU B 296 -5.76 -11.53 -41.75
C GLU B 296 -6.70 -10.89 -40.74
N ALA B 297 -6.33 -9.74 -40.19
CA ALA B 297 -7.18 -9.01 -39.26
C ALA B 297 -6.97 -7.51 -39.47
N GLN B 298 -7.94 -6.73 -39.03
CA GLN B 298 -7.92 -5.28 -39.19
C GLN B 298 -7.40 -4.63 -37.92
N ALA B 299 -6.65 -3.55 -38.09
CA ALA B 299 -6.11 -2.81 -36.96
C ALA B 299 -7.25 -2.19 -36.14
N TYR B 300 -6.99 -1.98 -34.86
CA TYR B 300 -7.98 -1.42 -33.96
C TYR B 300 -8.39 -0.03 -34.42
N SER B 301 -9.71 0.22 -34.43
CA SER B 301 -10.26 1.49 -34.89
C SER B 301 -11.18 2.14 -33.85
N GLY B 302 -11.30 1.56 -32.66
CA GLY B 302 -12.16 2.10 -31.65
C GLY B 302 -11.51 3.23 -30.86
N PRO B 303 -12.13 3.61 -29.75
CA PRO B 303 -11.55 4.69 -28.94
C PRO B 303 -10.29 4.25 -28.22
N ARG B 304 -9.47 5.23 -27.86
CA ARG B 304 -8.21 4.99 -27.19
C ARG B 304 -8.08 5.88 -25.96
N THR B 305 -7.39 5.36 -24.96
CA THR B 305 -7.08 6.16 -23.78
C THR B 305 -6.02 7.21 -24.13
N PRO B 306 -5.93 8.28 -23.33
CA PRO B 306 -4.87 9.27 -23.56
C PRO B 306 -3.48 8.67 -23.54
N ASP B 307 -3.26 7.60 -22.76
CA ASP B 307 -2.00 6.87 -22.79
C ASP B 307 -1.78 6.13 -24.11
N GLY B 308 -2.85 5.76 -24.80
CA GLY B 308 -2.74 5.02 -26.03
C GLY B 308 -3.22 3.58 -25.98
N ARG B 309 -3.83 3.17 -24.88
CA ARG B 309 -4.38 1.83 -24.78
C ARG B 309 -5.74 1.74 -25.47
N GLU B 310 -6.06 0.54 -25.94
CA GLU B 310 -7.40 0.28 -26.46
C GLU B 310 -8.37 0.18 -25.29
N ILE B 311 -9.43 0.99 -25.31
CA ILE B 311 -10.35 1.05 -24.19
C ILE B 311 -11.17 -0.23 -24.13
N LEU B 312 -10.82 -1.10 -23.20
CA LEU B 312 -11.53 -2.36 -23.00
C LEU B 312 -11.80 -2.52 -21.52
N PHE B 313 -13.07 -2.71 -21.16
CA PHE B 313 -13.47 -2.97 -19.78
C PHE B 313 -13.41 -4.47 -19.55
N TYR B 314 -12.38 -4.91 -18.82
CA TYR B 314 -12.19 -6.33 -18.57
C TYR B 314 -12.92 -6.83 -17.33
N LYS B 315 -13.65 -5.95 -16.64
CA LYS B 315 -14.50 -6.32 -15.52
C LYS B 315 -15.32 -5.11 -15.13
N VAL B 316 -16.55 -5.36 -14.70
CA VAL B 316 -17.46 -4.31 -14.23
C VAL B 316 -18.09 -4.77 -12.94
N ILE B 317 -17.99 -3.94 -11.91
CA ILE B 317 -18.60 -4.23 -10.60
C ILE B 317 -19.83 -3.37 -10.48
N ASP B 318 -20.98 -4.00 -10.25
CA ASP B 318 -22.27 -3.34 -10.26
C ASP B 318 -22.83 -3.30 -8.85
N TYR B 319 -23.20 -2.11 -8.39
CA TYR B 319 -23.83 -1.93 -7.09
C TYR B 319 -25.25 -1.42 -7.28
N ILE B 320 -26.21 -2.14 -6.74
CA ILE B 320 -27.62 -1.78 -6.83
C ILE B 320 -28.14 -1.60 -5.41
N LEU B 321 -28.59 -0.38 -5.10
CA LEU B 321 -29.09 -0.04 -3.77
C LEU B 321 -30.49 0.55 -3.82
N HIS B 322 -31.15 0.51 -4.98
CA HIS B 322 -32.44 1.18 -5.12
C HIS B 322 -33.49 0.56 -4.19
N GLY B 323 -33.82 -0.70 -4.42
CA GLY B 323 -34.82 -1.35 -3.60
C GLY B 323 -34.30 -2.54 -2.83
N LYS B 324 -33.31 -3.23 -3.39
CA LYS B 324 -32.71 -4.39 -2.76
C LYS B 324 -31.22 -4.38 -3.05
N GLU B 325 -30.41 -4.55 -2.02
CA GLU B 325 -28.96 -4.49 -2.17
C GLU B 325 -28.49 -5.69 -2.98
N ASP B 326 -28.14 -5.46 -4.24
CA ASP B 326 -27.63 -6.50 -5.12
C ASP B 326 -26.30 -6.03 -5.70
N ILE B 327 -25.29 -6.88 -5.60
CA ILE B 327 -23.96 -6.58 -6.11
C ILE B 327 -23.56 -7.70 -7.07
N LYS B 328 -23.12 -7.32 -8.27
CA LYS B 328 -22.74 -8.28 -9.29
C LYS B 328 -21.37 -7.93 -9.82
N VAL B 329 -20.61 -8.95 -10.19
CA VAL B 329 -19.30 -8.79 -10.82
C VAL B 329 -19.36 -9.53 -12.15
N ILE B 330 -19.23 -8.78 -13.25
CA ILE B 330 -19.35 -9.34 -14.60
C ILE B 330 -17.95 -9.44 -15.18
N PRO B 331 -17.46 -10.64 -15.50
CA PRO B 331 -16.09 -10.77 -16.00
C PRO B 331 -15.90 -10.16 -17.37
N SER B 332 -16.81 -10.46 -18.30
CA SER B 332 -16.74 -9.91 -19.65
C SER B 332 -17.98 -9.08 -19.92
N PRO B 333 -17.94 -7.77 -19.67
CA PRO B 333 -19.13 -6.94 -19.86
C PRO B 333 -19.38 -6.68 -21.33
N PRO B 334 -20.56 -7.03 -21.83
CA PRO B 334 -20.87 -6.76 -23.23
C PRO B 334 -21.22 -5.29 -23.45
N ALA B 335 -21.21 -4.89 -24.73
CA ALA B 335 -21.46 -3.50 -25.09
C ALA B 335 -22.87 -3.05 -24.78
N ASP B 336 -23.80 -3.98 -24.52
CA ASP B 336 -25.17 -3.63 -24.18
C ASP B 336 -25.42 -3.55 -22.69
N HIS B 337 -24.35 -3.63 -21.88
CA HIS B 337 -24.50 -3.47 -20.44
C HIS B 337 -25.07 -2.10 -20.11
N TRP B 338 -25.98 -2.07 -19.13
CA TRP B 338 -26.74 -0.85 -18.87
C TRP B 338 -25.83 0.31 -18.50
N ALA B 339 -24.79 0.06 -17.70
CA ALA B 339 -23.85 1.13 -17.35
C ALA B 339 -23.02 1.54 -18.57
N LEU B 340 -22.68 0.58 -19.43
CA LEU B 340 -21.81 0.86 -20.57
C LEU B 340 -22.58 1.26 -21.82
N ALA B 341 -23.87 0.91 -21.92
CA ALA B 341 -24.63 1.24 -23.12
C ALA B 341 -24.77 2.74 -23.31
N SER B 342 -24.67 3.51 -22.22
CA SER B 342 -24.78 4.96 -22.35
C SER B 342 -23.60 5.55 -23.11
N GLY B 343 -22.43 4.91 -23.03
CA GLY B 343 -21.24 5.44 -23.65
C GLY B 343 -20.49 6.45 -22.83
N LEU B 344 -21.06 6.90 -21.70
CA LEU B 344 -20.34 7.80 -20.81
C LEU B 344 -19.07 7.17 -20.22
N PRO B 345 -19.10 5.95 -19.69
CA PRO B 345 -17.84 5.35 -19.23
C PRO B 345 -16.80 5.24 -20.32
N THR B 346 -17.21 4.92 -21.55
CA THR B 346 -16.26 4.92 -22.66
C THR B 346 -15.74 6.32 -22.94
N TYR B 347 -16.63 7.32 -22.90
CA TYR B 347 -16.20 8.69 -23.14
C TYR B 347 -15.26 9.18 -22.05
N VAL B 348 -15.54 8.84 -20.79
CA VAL B 348 -14.67 9.25 -19.69
C VAL B 348 -13.28 8.65 -19.88
N ALA B 349 -13.22 7.38 -20.27
CA ALA B 349 -11.93 6.74 -20.54
C ALA B 349 -11.21 7.43 -21.69
N GLU B 350 -11.96 7.93 -22.68
CA GLU B 350 -11.35 8.66 -23.79
C GLU B 350 -10.71 9.95 -23.31
N SER B 351 -11.45 10.74 -22.54
CA SER B 351 -11.04 12.10 -22.21
C SER B 351 -10.43 12.22 -20.82
N GLY B 352 -10.88 11.42 -19.86
CA GLY B 352 -10.42 11.59 -18.50
C GLY B 352 -11.03 12.78 -17.79
N PHE B 353 -12.20 13.23 -18.22
CA PHE B 353 -12.87 14.39 -17.63
C PHE B 353 -13.94 13.93 -16.65
N ILE B 354 -14.15 14.75 -15.62
CA ILE B 354 -15.22 14.51 -14.66
C ILE B 354 -16.53 14.99 -15.28
N CYS B 355 -17.46 14.08 -15.49
CA CYS B 355 -18.72 14.38 -16.16
C CYS B 355 -19.86 14.37 -15.16
N ASN B 356 -20.61 15.48 -15.13
CA ASN B 356 -21.81 15.60 -14.32
C ASN B 356 -22.97 15.92 -15.23
N ILE B 357 -24.01 15.10 -15.18
CA ILE B 357 -25.14 15.20 -16.10
C ILE B 357 -26.41 15.40 -15.27
N MET B 358 -27.15 16.45 -15.60
CA MET B 358 -28.48 16.67 -15.04
C MET B 358 -29.51 16.41 -16.12
N ASN B 359 -30.62 15.78 -15.74
CA ASN B 359 -31.68 15.42 -16.67
C ASN B 359 -31.15 14.51 -17.77
N ALA B 360 -30.72 13.33 -17.36
CA ALA B 360 -30.18 12.33 -18.28
C ALA B 360 -31.10 12.00 -19.45
N PRO B 361 -32.41 11.77 -19.28
CA PRO B 361 -33.25 11.45 -20.45
C PRO B 361 -33.32 12.58 -21.46
N ALA B 362 -33.04 13.81 -21.06
CA ALA B 362 -33.04 14.96 -21.96
C ALA B 362 -31.67 15.23 -22.57
N ASP B 363 -30.68 14.38 -22.29
CA ASP B 363 -29.35 14.55 -22.85
C ASP B 363 -29.26 13.83 -24.18
N GLU B 364 -28.81 14.55 -25.21
CA GLU B 364 -28.66 14.00 -26.54
C GLU B 364 -27.25 13.55 -26.86
N MET B 365 -26.25 14.04 -26.12
CA MET B 365 -24.87 13.66 -26.39
C MET B 365 -24.65 12.17 -26.17
N PHE B 366 -25.23 11.62 -25.10
CA PHE B 366 -25.12 10.21 -24.79
C PHE B 366 -26.46 9.52 -24.97
N ASN B 367 -26.45 8.20 -24.94
CA ASN B 367 -27.63 7.39 -25.19
C ASN B 367 -28.05 6.84 -23.83
N PHE B 368 -28.93 7.57 -23.14
CA PHE B 368 -29.55 7.08 -21.91
C PHE B 368 -30.94 6.58 -22.28
N GLN B 369 -31.19 5.30 -21.99
CA GLN B 369 -32.42 4.66 -22.45
C GLN B 369 -33.63 5.29 -21.79
N GLU B 370 -34.37 6.10 -22.55
CA GLU B 370 -35.56 6.75 -22.03
C GLU B 370 -36.61 5.73 -21.64
N GLY B 371 -36.85 5.62 -20.34
CA GLY B 371 -37.73 4.61 -19.81
C GLY B 371 -37.10 3.89 -18.64
N PRO B 372 -37.71 2.81 -18.19
CA PRO B 372 -37.22 2.12 -16.99
C PRO B 372 -36.21 1.02 -17.30
N LEU B 373 -35.13 1.02 -16.53
CA LEU B 373 -34.25 -0.13 -16.46
C LEU B 373 -34.83 -1.15 -15.48
N ASP B 374 -34.38 -2.39 -15.63
CA ASP B 374 -34.91 -3.55 -14.90
C ASP B 374 -36.41 -3.42 -14.68
N ASP B 375 -36.84 -3.44 -13.42
CA ASP B 375 -38.25 -3.27 -13.07
C ASP B 375 -38.41 -2.10 -12.10
N SER B 376 -39.62 -1.95 -11.57
CA SER B 376 -39.97 -0.93 -10.59
C SER B 376 -39.86 0.49 -11.14
N GLY B 377 -39.75 0.63 -12.46
CA GLY B 377 -39.72 1.95 -13.07
C GLY B 377 -38.54 2.81 -12.65
N TRP B 378 -37.35 2.23 -12.59
CA TRP B 378 -36.16 2.99 -12.24
C TRP B 378 -35.55 3.58 -13.51
N ILE B 379 -35.64 4.90 -13.65
CA ILE B 379 -35.07 5.61 -14.79
C ILE B 379 -33.88 6.43 -14.31
N VAL B 380 -32.95 6.67 -15.22
CA VAL B 380 -31.76 7.44 -14.90
C VAL B 380 -32.08 8.91 -15.05
N LYS B 381 -31.78 9.69 -14.00
CA LYS B 381 -32.05 11.12 -14.00
C LYS B 381 -30.79 11.95 -13.86
N ASN B 382 -29.92 11.63 -12.89
CA ASN B 382 -28.68 12.35 -12.68
C ASN B 382 -27.53 11.37 -12.64
N VAL B 383 -26.46 11.68 -13.38
CA VAL B 383 -25.30 10.81 -13.50
C VAL B 383 -24.04 11.62 -13.19
N LEU B 384 -23.08 10.95 -12.55
CA LEU B 384 -21.78 11.55 -12.26
C LEU B 384 -20.71 10.50 -12.45
N SER B 385 -19.74 10.78 -13.31
CA SER B 385 -18.69 9.83 -13.65
C SER B 385 -17.33 10.48 -13.54
N MET B 386 -16.38 9.79 -12.91
CA MET B 386 -15.02 10.26 -12.71
C MET B 386 -14.03 9.17 -13.06
N PRO B 387 -12.85 9.54 -13.55
CA PRO B 387 -11.83 8.54 -13.87
C PRO B 387 -10.94 8.22 -12.68
N ILE B 388 -10.66 6.94 -12.50
CA ILE B 388 -9.76 6.49 -11.46
C ILE B 388 -8.35 6.45 -12.04
N VAL B 389 -7.48 7.31 -11.53
CA VAL B 389 -6.17 7.55 -12.11
C VAL B 389 -5.12 7.28 -11.05
N ASN B 390 -4.08 6.52 -11.40
CA ASN B 390 -3.01 6.22 -10.47
C ASN B 390 -1.98 7.34 -10.47
N LYS B 391 -0.90 7.14 -9.72
CA LYS B 391 0.16 8.14 -9.63
C LYS B 391 0.94 8.30 -10.92
N LYS B 392 0.81 7.37 -11.86
CA LYS B 392 1.47 7.47 -13.15
C LYS B 392 0.59 8.17 -14.19
N GLU B 393 -0.50 8.79 -13.75
CA GLU B 393 -1.41 9.54 -14.64
C GLU B 393 -2.01 8.63 -15.71
N GLU B 394 -2.31 7.39 -15.34
CA GLU B 394 -2.96 6.43 -16.22
C GLU B 394 -4.32 6.06 -15.63
N ILE B 395 -5.35 6.10 -16.47
CA ILE B 395 -6.70 5.78 -16.04
C ILE B 395 -6.81 4.27 -15.90
N VAL B 396 -7.03 3.80 -14.67
CA VAL B 396 -7.17 2.37 -14.42
C VAL B 396 -8.63 1.93 -14.38
N GLY B 397 -9.56 2.87 -14.32
CA GLY B 397 -10.97 2.51 -14.29
C GLY B 397 -11.82 3.76 -14.37
N VAL B 398 -13.14 3.54 -14.47
CA VAL B 398 -14.12 4.61 -14.50
C VAL B 398 -15.23 4.25 -13.53
N ALA B 399 -15.57 5.18 -12.65
CA ALA B 399 -16.61 5.00 -11.65
C ALA B 399 -17.78 5.91 -12.00
N THR B 400 -18.95 5.31 -12.20
CA THR B 400 -20.15 6.04 -12.61
C THR B 400 -21.17 5.99 -11.48
N PHE B 401 -21.67 7.14 -11.07
CA PHE B 401 -22.64 7.25 -9.99
C PHE B 401 -23.97 7.73 -10.53
N TYR B 402 -25.05 7.09 -10.10
CA TYR B 402 -26.39 7.30 -10.65
C TYR B 402 -27.26 8.01 -9.63
N ASN B 403 -28.56 8.07 -9.92
CA ASN B 403 -29.52 8.94 -9.26
C ASN B 403 -29.26 9.10 -7.78
N ARG B 404 -29.22 10.36 -7.33
CA ARG B 404 -29.09 10.68 -5.92
C ARG B 404 -30.33 10.20 -5.17
N LYS B 405 -30.13 9.80 -3.92
CA LYS B 405 -31.21 9.17 -3.18
C LYS B 405 -32.34 10.13 -2.85
N ASP B 406 -32.04 11.43 -2.73
CA ASP B 406 -33.06 12.42 -2.43
C ASP B 406 -33.60 13.11 -3.68
N GLY B 407 -33.20 12.69 -4.87
CA GLY B 407 -33.72 13.25 -6.09
C GLY B 407 -33.11 14.57 -6.52
N LYS B 408 -32.10 15.03 -5.85
CA LYS B 408 -31.50 16.29 -6.23
C LYS B 408 -30.32 16.06 -7.19
N PRO B 409 -30.03 17.02 -8.05
CA PRO B 409 -28.87 16.87 -8.94
C PRO B 409 -27.56 16.90 -8.17
N PHE B 410 -26.55 16.25 -8.74
CA PHE B 410 -25.22 16.22 -8.13
C PHE B 410 -24.62 17.61 -8.14
N ASP B 411 -24.30 18.12 -6.95
CA ASP B 411 -23.76 19.46 -6.81
C ASP B 411 -22.24 19.40 -6.59
N GLU B 412 -21.65 20.54 -6.26
CA GLU B 412 -20.21 20.60 -6.04
C GLU B 412 -19.78 19.71 -4.87
N GLN B 413 -20.58 19.68 -3.80
CA GLN B 413 -20.22 18.88 -2.64
C GLN B 413 -20.14 17.41 -2.99
N ASP B 414 -21.09 16.91 -3.78
CA ASP B 414 -21.01 15.53 -4.22
C ASP B 414 -19.79 15.30 -5.09
N GLU B 415 -19.49 16.23 -5.99
CA GLU B 415 -18.33 16.07 -6.87
C GLU B 415 -17.05 15.95 -6.07
N VAL B 416 -16.91 16.75 -5.02
CA VAL B 416 -15.72 16.67 -4.18
C VAL B 416 -15.68 15.36 -3.42
N LEU B 417 -16.84 14.88 -2.97
CA LEU B 417 -16.88 13.65 -2.19
C LEU B 417 -16.37 12.46 -3.00
N MET B 418 -16.94 12.25 -4.19
CA MET B 418 -16.53 11.10 -4.99
C MET B 418 -15.14 11.29 -5.59
N GLU B 419 -14.77 12.52 -5.94
CA GLU B 419 -13.45 12.75 -6.49
C GLU B 419 -12.36 12.39 -5.48
N SER B 420 -12.57 12.74 -4.21
CA SER B 420 -11.63 12.37 -3.18
C SER B 420 -11.54 10.85 -3.03
N LEU B 421 -12.69 10.17 -3.10
CA LEU B 421 -12.70 8.72 -3.02
C LEU B 421 -11.95 8.10 -4.19
N THR B 422 -12.20 8.58 -5.40
CA THR B 422 -11.52 8.05 -6.58
C THR B 422 -10.05 8.43 -6.58
N GLN B 423 -9.73 9.64 -6.14
CA GLN B 423 -8.33 10.03 -6.03
C GLN B 423 -7.59 9.15 -5.05
N PHE B 424 -8.21 8.84 -3.91
CA PHE B 424 -7.57 7.96 -2.94
C PHE B 424 -7.42 6.55 -3.49
N LEU B 425 -8.49 6.02 -4.10
CA LEU B 425 -8.41 4.68 -4.65
C LEU B 425 -7.49 4.61 -5.86
N GLY B 426 -7.41 5.70 -6.63
CA GLY B 426 -6.46 5.74 -7.71
C GLY B 426 -5.02 5.66 -7.23
N TRP B 427 -4.71 6.38 -6.14
CA TRP B 427 -3.37 6.32 -5.58
C TRP B 427 -3.06 4.95 -5.02
N SER B 428 -4.03 4.29 -4.41
CA SER B 428 -3.77 3.00 -3.76
C SER B 428 -3.60 1.87 -4.73
N VAL B 429 -3.50 2.13 -6.04
CA VAL B 429 -3.10 1.09 -6.98
C VAL B 429 -1.67 0.61 -6.74
N LEU B 430 -0.84 1.44 -6.11
CA LEU B 430 0.52 1.02 -5.80
C LEU B 430 0.52 -0.22 -4.91
N ASN B 431 -0.46 -0.35 -4.02
CA ASN B 431 -0.59 -1.57 -3.24
C ASN B 431 -0.96 -2.77 -4.08
N THR B 432 -1.53 -2.55 -5.27
CA THR B 432 -1.82 -3.65 -6.16
C THR B 432 -0.66 -3.95 -7.10
N ASP B 433 0.05 -2.91 -7.56
CA ASP B 433 1.25 -3.13 -8.35
C ASP B 433 2.32 -3.86 -7.54
N THR B 434 2.49 -3.48 -6.28
CA THR B 434 3.42 -4.19 -5.41
C THR B 434 2.97 -5.62 -5.18
N TYR B 435 1.67 -5.85 -5.07
CA TYR B 435 1.17 -7.21 -4.87
C TYR B 435 1.52 -8.10 -6.04
N ASP B 436 1.36 -7.61 -7.26
CA ASP B 436 1.73 -8.39 -8.43
C ASP B 436 3.23 -8.65 -8.47
N LYS B 437 4.03 -7.62 -8.20
CA LYS B 437 5.47 -7.79 -8.22
C LYS B 437 5.94 -8.62 -7.05
N MET B 438 5.21 -8.58 -5.93
CA MET B 438 5.42 -9.56 -4.87
C MET B 438 5.32 -10.98 -5.39
N ASN B 439 4.23 -11.28 -6.10
CA ASN B 439 3.98 -12.65 -6.52
C ASN B 439 5.04 -13.11 -7.52
N LYS B 440 5.46 -12.22 -8.41
CA LYS B 440 6.49 -12.59 -9.38
C LYS B 440 7.83 -12.85 -8.73
N LEU B 441 8.22 -12.01 -7.77
CA LEU B 441 9.47 -12.25 -7.06
C LEU B 441 9.43 -13.54 -6.26
N GLU B 442 8.31 -13.81 -5.60
CA GLU B 442 8.16 -15.07 -4.88
C GLU B 442 8.21 -16.25 -5.83
N ASN B 443 7.54 -16.15 -6.98
CA ASN B 443 7.57 -17.23 -7.96
C ASN B 443 8.97 -17.41 -8.53
N ARG B 444 9.65 -16.31 -8.86
CA ARG B 444 11.00 -16.43 -9.39
C ARG B 444 11.95 -17.05 -8.38
N LYS B 445 11.79 -16.70 -7.10
CA LYS B 445 12.62 -17.32 -6.07
C LYS B 445 12.36 -18.81 -5.97
N ASP B 446 11.08 -19.21 -6.01
CA ASP B 446 10.75 -20.63 -5.88
C ASP B 446 11.29 -21.44 -7.05
N ILE B 447 11.24 -20.86 -8.25
CA ILE B 447 11.81 -21.55 -9.42
C ILE B 447 13.31 -21.73 -9.25
N ALA B 448 14.01 -20.67 -8.82
CA ALA B 448 15.45 -20.77 -8.64
C ALA B 448 15.82 -21.77 -7.57
N GLN B 449 15.00 -21.87 -6.52
CA GLN B 449 15.25 -22.88 -5.50
C GLN B 449 15.14 -24.29 -6.06
N ASP B 450 14.12 -24.54 -6.89
CA ASP B 450 13.99 -25.84 -7.53
C ASP B 450 15.16 -26.10 -8.48
N MET B 451 15.58 -25.07 -9.21
CA MET B 451 16.71 -25.22 -10.11
C MET B 451 18.00 -25.52 -9.34
N VAL B 452 18.17 -24.90 -8.17
CA VAL B 452 19.28 -25.27 -7.30
C VAL B 452 19.09 -26.69 -6.78
N LEU B 453 17.87 -27.03 -6.37
CA LEU B 453 17.64 -28.32 -5.72
C LEU B 453 18.00 -29.47 -6.64
N TYR B 454 17.67 -29.36 -7.93
CA TYR B 454 18.02 -30.43 -8.87
C TYR B 454 19.53 -30.60 -8.98
N HIS B 455 20.26 -29.48 -9.06
CA HIS B 455 21.70 -29.54 -9.26
C HIS B 455 22.45 -30.00 -8.02
N VAL B 456 21.80 -30.00 -6.86
CA VAL B 456 22.45 -30.42 -5.63
C VAL B 456 21.94 -31.75 -5.12
N ARG B 457 20.68 -32.10 -5.37
CA ARG B 457 20.15 -33.36 -4.91
C ARG B 457 20.79 -34.53 -5.65
N CYS B 458 20.84 -35.68 -4.99
CA CYS B 458 21.34 -36.90 -5.59
C CYS B 458 20.21 -37.61 -6.31
N ASP B 459 20.40 -37.86 -7.61
CA ASP B 459 19.35 -38.44 -8.43
C ASP B 459 19.37 -39.96 -8.33
N ARG B 460 18.61 -40.63 -9.20
CA ARG B 460 18.51 -42.08 -9.11
C ARG B 460 19.78 -42.78 -9.55
N GLU B 461 20.47 -42.21 -10.54
CA GLU B 461 21.66 -42.86 -11.08
C GLU B 461 22.84 -42.73 -10.13
N GLU B 462 23.01 -41.56 -9.51
CA GLU B 462 24.15 -41.34 -8.63
C GLU B 462 24.00 -42.03 -7.29
N ILE B 463 22.76 -42.26 -6.83
CA ILE B 463 22.57 -42.95 -5.57
C ILE B 463 22.98 -44.41 -5.67
N GLN B 464 23.11 -44.94 -6.87
CA GLN B 464 23.53 -46.32 -7.09
C GLN B 464 25.04 -46.48 -7.00
N LEU B 465 25.74 -45.51 -6.43
CA LEU B 465 27.15 -45.65 -6.13
C LEU B 465 27.40 -46.09 -4.69
N ILE B 466 26.41 -45.94 -3.81
CA ILE B 466 26.52 -46.33 -2.42
C ILE B 466 25.52 -47.41 -2.05
N LEU B 467 24.30 -47.32 -2.56
CA LEU B 467 23.27 -48.32 -2.32
C LEU B 467 23.37 -49.58 -3.20
N PRO B 468 23.81 -49.49 -4.48
CA PRO B 468 23.42 -50.50 -5.49
C PRO B 468 22.27 -51.43 -5.13
N THR B 469 21.04 -50.90 -5.13
CA THR B 469 19.88 -51.78 -4.97
C THR B 469 19.54 -52.51 -6.25
N ARG B 470 19.82 -51.89 -7.40
CA ARG B 470 19.52 -52.54 -8.68
C ARG B 470 20.33 -53.81 -8.86
N GLU B 471 21.63 -53.76 -8.56
CA GLU B 471 22.49 -54.91 -8.78
C GLU B 471 22.18 -56.03 -7.78
N ARG B 472 21.86 -55.67 -6.55
CA ARG B 472 21.68 -56.67 -5.50
C ARG B 472 20.25 -57.18 -5.41
N LEU B 473 19.26 -56.36 -5.78
CA LEU B 473 17.86 -56.76 -5.69
C LEU B 473 17.04 -56.52 -6.95
N GLY B 474 17.47 -55.62 -7.84
CA GLY B 474 16.71 -55.30 -9.02
C GLY B 474 15.62 -54.29 -8.81
N LYS B 475 15.42 -53.81 -7.59
CA LYS B 475 14.42 -52.81 -7.28
C LYS B 475 15.08 -51.45 -7.08
N GLU B 476 14.30 -50.40 -7.27
CA GLU B 476 14.78 -49.08 -6.93
C GLU B 476 14.84 -48.92 -5.41
N PRO B 477 15.67 -48.00 -4.91
CA PRO B 477 15.76 -47.83 -3.45
C PRO B 477 14.44 -47.49 -2.80
N ALA B 478 13.56 -46.78 -3.50
CA ALA B 478 12.27 -46.41 -2.92
C ALA B 478 11.37 -47.62 -2.72
N ASP B 479 11.65 -48.75 -3.37
CA ASP B 479 10.83 -49.94 -3.25
C ASP B 479 11.42 -50.99 -2.33
N CYS B 480 12.53 -50.70 -1.65
CA CYS B 480 13.20 -51.65 -0.78
C CYS B 480 12.85 -51.37 0.68
N GLU B 481 12.74 -52.44 1.46
CA GLU B 481 12.45 -52.32 2.87
C GLU B 481 13.69 -51.88 3.64
N GLU B 482 13.51 -51.55 4.91
CA GLU B 482 14.61 -51.04 5.70
C GLU B 482 15.64 -52.12 6.00
N ASP B 483 15.19 -53.35 6.27
CA ASP B 483 16.15 -54.42 6.56
C ASP B 483 17.03 -54.71 5.35
N GLU B 484 16.45 -54.73 4.15
CA GLU B 484 17.25 -54.96 2.96
C GLU B 484 18.21 -53.81 2.72
N LEU B 485 17.77 -52.56 2.91
CA LEU B 485 18.66 -51.42 2.75
C LEU B 485 19.79 -51.46 3.77
N GLY B 486 19.48 -51.83 5.01
CA GLY B 486 20.52 -51.95 6.02
C GLY B 486 21.52 -53.03 5.71
N LYS B 487 21.05 -54.15 5.15
CA LYS B 487 21.93 -55.25 4.81
C LYS B 487 22.94 -54.84 3.75
N ILE B 488 22.49 -54.10 2.73
CA ILE B 488 23.39 -53.69 1.66
C ILE B 488 24.39 -52.66 2.17
N LEU B 489 23.92 -51.72 2.98
CA LEU B 489 24.82 -50.68 3.49
C LEU B 489 25.92 -51.29 4.37
N LYS B 490 25.58 -52.28 5.18
CA LYS B 490 26.59 -52.98 5.97
C LYS B 490 27.65 -53.59 5.07
N GLU B 491 27.24 -54.11 3.91
CA GLU B 491 28.19 -54.71 2.98
C GLU B 491 29.00 -53.67 2.23
N VAL B 492 28.60 -52.40 2.26
CA VAL B 492 29.25 -51.34 1.51
C VAL B 492 30.01 -50.38 2.42
N LEU B 493 29.36 -49.92 3.48
CA LEU B 493 29.97 -48.92 4.34
C LEU B 493 31.22 -49.48 5.02
N PRO B 494 32.28 -48.69 5.13
CA PRO B 494 33.48 -49.19 5.81
C PRO B 494 33.27 -49.29 7.31
N GLY B 495 34.02 -50.19 7.92
CA GLY B 495 33.95 -50.36 9.34
C GLY B 495 34.54 -49.19 10.09
N PRO B 496 34.27 -49.13 11.39
CA PRO B 496 34.86 -48.05 12.21
C PRO B 496 36.37 -48.10 12.28
N ALA B 497 36.97 -49.25 12.03
CA ALA B 497 38.41 -49.42 12.21
C ALA B 497 39.19 -49.24 10.91
N LYS B 498 38.55 -48.87 9.80
CA LYS B 498 39.26 -48.79 8.52
C LYS B 498 39.81 -47.38 8.29
N PHE B 499 38.94 -46.39 8.19
CA PHE B 499 39.38 -45.02 7.94
C PHE B 499 39.43 -44.19 9.22
N ASP B 500 40.05 -44.73 10.27
CA ASP B 500 40.43 -43.98 11.48
C ASP B 500 39.43 -42.91 11.90
N ILE B 501 38.14 -43.22 11.93
CA ILE B 501 37.15 -42.18 12.18
C ILE B 501 37.05 -41.79 13.64
N TYR B 502 37.67 -42.54 14.54
CA TYR B 502 37.61 -42.28 15.96
C TYR B 502 38.83 -41.53 16.49
N GLU B 503 39.73 -41.10 15.61
CA GLU B 503 41.01 -40.58 16.03
C GLU B 503 41.16 -39.10 15.66
N PHE B 504 41.95 -38.40 16.47
CA PHE B 504 42.19 -36.98 16.24
C PHE B 504 43.12 -36.72 15.06
N HIS B 505 43.86 -37.73 14.60
CA HIS B 505 44.83 -37.56 13.54
C HIS B 505 44.32 -38.05 12.19
N PHE B 506 43.00 -38.14 12.02
CA PHE B 506 42.44 -38.60 10.77
C PHE B 506 42.81 -37.67 9.62
N SER B 507 43.18 -38.25 8.48
CA SER B 507 43.56 -37.48 7.30
C SER B 507 42.71 -37.94 6.13
N ASP B 508 42.13 -36.99 5.40
CA ASP B 508 41.29 -37.28 4.25
C ASP B 508 42.07 -37.30 2.94
N LEU B 509 43.37 -36.98 2.97
CA LEU B 509 44.16 -36.95 1.75
C LEU B 509 44.28 -38.33 1.11
N GLU B 510 43.99 -39.39 1.86
CA GLU B 510 44.06 -40.75 1.36
C GLU B 510 42.70 -41.33 1.02
N CYS B 511 41.65 -40.50 1.01
CA CYS B 511 40.30 -40.95 0.72
C CYS B 511 39.71 -40.12 -0.40
N THR B 512 38.85 -40.74 -1.19
CA THR B 512 38.14 -40.05 -2.26
C THR B 512 36.84 -39.45 -1.73
N GLU B 513 36.22 -38.62 -2.57
CA GLU B 513 35.00 -37.94 -2.16
C GLU B 513 33.90 -38.94 -1.81
N LEU B 514 33.78 -40.01 -2.61
CA LEU B 514 32.78 -41.02 -2.31
C LEU B 514 33.08 -41.73 -0.99
N GLU B 515 34.37 -41.99 -0.72
CA GLU B 515 34.73 -42.64 0.53
C GLU B 515 34.43 -41.75 1.73
N LEU B 516 34.63 -40.44 1.59
CA LEU B 516 34.27 -39.52 2.67
C LEU B 516 32.78 -39.55 2.93
N VAL B 517 31.96 -39.64 1.87
CA VAL B 517 30.52 -39.73 2.04
C VAL B 517 30.15 -41.03 2.74
N LYS B 518 30.78 -42.13 2.35
CA LYS B 518 30.49 -43.41 3.01
C LYS B 518 30.88 -43.37 4.47
N CYS B 519 32.02 -42.76 4.79
CA CYS B 519 32.40 -42.59 6.19
C CYS B 519 31.41 -41.70 6.92
N GLY B 520 30.90 -40.66 6.25
CA GLY B 520 29.94 -39.79 6.89
C GLY B 520 28.67 -40.50 7.29
N ILE B 521 28.18 -41.41 6.45
CA ILE B 521 27.04 -42.24 6.83
C ILE B 521 27.45 -43.19 7.95
N GLN B 522 28.69 -43.68 7.91
CA GLN B 522 29.16 -44.58 8.97
C GLN B 522 29.17 -43.88 10.32
N MET B 523 29.56 -42.60 10.34
CA MET B 523 29.57 -41.85 11.60
C MET B 523 28.17 -41.79 12.21
N TYR B 524 27.15 -41.66 11.36
CA TYR B 524 25.78 -41.65 11.87
C TYR B 524 25.40 -43.00 12.46
N TYR B 525 25.91 -44.08 11.86
CA TYR B 525 25.60 -45.41 12.37
C TYR B 525 26.23 -45.65 13.74
N GLU B 526 27.43 -45.12 13.95
CA GLU B 526 28.12 -45.34 15.22
C GLU B 526 27.49 -44.55 16.35
N LEU B 527 26.90 -43.40 16.06
CA LEU B 527 26.19 -42.64 17.09
C LEU B 527 24.94 -43.36 17.56
N GLY B 528 24.41 -44.29 16.76
CA GLY B 528 23.20 -44.97 17.11
C GLY B 528 21.93 -44.17 16.90
N VAL B 529 22.01 -43.07 16.14
CA VAL B 529 20.84 -42.22 15.94
C VAL B 529 19.92 -42.73 14.83
N VAL B 530 20.43 -43.55 13.91
CA VAL B 530 19.60 -44.05 12.81
C VAL B 530 18.50 -44.96 13.34
N ARG B 531 18.87 -45.93 14.19
CA ARG B 531 17.87 -46.85 14.71
C ARG B 531 17.00 -46.20 15.77
N LYS B 532 17.58 -45.32 16.59
CA LYS B 532 16.82 -44.73 17.68
C LYS B 532 15.74 -43.79 17.16
N PHE B 533 16.08 -42.94 16.19
CA PHE B 533 15.16 -41.96 15.66
C PHE B 533 14.47 -42.41 14.38
N GLN B 534 14.72 -43.65 13.94
CA GLN B 534 14.06 -44.24 12.78
C GLN B 534 14.26 -43.37 11.53
N ILE B 535 15.51 -43.24 11.12
CA ILE B 535 15.87 -42.52 9.90
C ILE B 535 15.85 -43.52 8.75
N PRO B 536 15.05 -43.31 7.72
CA PRO B 536 15.14 -44.18 6.54
C PRO B 536 16.53 -44.12 5.94
N GLN B 537 17.04 -45.28 5.54
CA GLN B 537 18.41 -45.35 5.06
C GLN B 537 18.57 -44.63 3.72
N GLU B 538 17.56 -44.70 2.86
CA GLU B 538 17.64 -44.01 1.57
C GLU B 538 17.75 -42.50 1.77
N VAL B 539 16.98 -41.96 2.71
CA VAL B 539 17.03 -40.52 2.97
C VAL B 539 18.39 -40.13 3.50
N LEU B 540 18.96 -40.96 4.39
CA LEU B 540 20.27 -40.64 4.96
C LEU B 540 21.35 -40.64 3.89
N VAL B 541 21.32 -41.62 2.98
CA VAL B 541 22.32 -41.67 1.92
C VAL B 541 22.14 -40.49 0.97
N ARG B 542 20.89 -40.20 0.61
CA ARG B 542 20.63 -39.08 -0.29
C ARG B 542 21.06 -37.75 0.34
N PHE B 543 20.79 -37.58 1.63
CA PHE B 543 21.13 -36.33 2.29
C PHE B 543 22.63 -36.12 2.31
N LEU B 544 23.40 -37.16 2.63
CA LEU B 544 24.85 -37.02 2.68
C LEU B 544 25.41 -36.73 1.29
N PHE B 545 24.93 -37.44 0.27
CA PHE B 545 25.38 -37.16 -1.08
C PHE B 545 24.99 -35.76 -1.53
N SER B 546 23.78 -35.31 -1.16
CA SER B 546 23.36 -33.96 -1.48
C SER B 546 24.25 -32.93 -0.83
N VAL B 547 24.63 -33.16 0.43
CA VAL B 547 25.53 -32.25 1.12
C VAL B 547 26.87 -32.18 0.41
N SER B 548 27.36 -33.33 -0.07
CA SER B 548 28.62 -33.35 -0.80
C SER B 548 28.53 -32.47 -2.06
N LYS B 549 27.40 -32.53 -2.76
CA LYS B 549 27.24 -31.71 -3.95
C LYS B 549 27.09 -30.24 -3.61
N GLY B 550 26.56 -29.93 -2.43
CA GLY B 550 26.34 -28.54 -2.07
C GLY B 550 27.61 -27.74 -1.96
N TYR B 551 28.67 -28.36 -1.45
CA TYR B 551 29.94 -27.67 -1.34
C TYR B 551 30.50 -27.38 -2.73
N ARG B 552 31.10 -26.20 -2.88
CA ARG B 552 31.69 -25.85 -4.16
C ARG B 552 33.00 -26.61 -4.37
N ARG B 553 33.50 -26.53 -5.60
CA ARG B 553 34.80 -27.13 -5.93
C ARG B 553 35.88 -26.05 -5.87
N ILE B 554 36.17 -25.64 -4.64
CA ILE B 554 37.17 -24.59 -4.40
C ILE B 554 38.35 -25.19 -3.66
N THR B 555 39.37 -24.38 -3.42
CA THR B 555 40.64 -24.88 -2.90
C THR B 555 40.46 -25.51 -1.53
N TYR B 556 40.03 -24.72 -0.54
CA TYR B 556 40.01 -25.17 0.84
C TYR B 556 38.62 -25.45 1.37
N HIS B 557 37.70 -24.49 1.29
CA HIS B 557 36.36 -24.65 1.86
C HIS B 557 35.47 -25.51 0.96
N ASN B 558 35.96 -26.72 0.69
CA ASN B 558 35.25 -27.68 -0.13
C ASN B 558 34.71 -28.80 0.75
N TRP B 559 34.16 -29.84 0.10
CA TRP B 559 33.54 -30.94 0.83
C TRP B 559 34.52 -31.61 1.79
N ARG B 560 35.80 -31.65 1.44
CA ARG B 560 36.78 -32.26 2.31
C ARG B 560 36.92 -31.49 3.62
N HIS B 561 36.89 -30.16 3.55
CA HIS B 561 36.87 -29.37 4.78
C HIS B 561 35.59 -29.61 5.56
N GLY B 562 34.47 -29.74 4.86
CA GLY B 562 33.22 -30.00 5.54
C GLY B 562 33.19 -31.33 6.27
N PHE B 563 33.75 -32.36 5.65
CA PHE B 563 33.82 -33.65 6.33
C PHE B 563 34.82 -33.61 7.49
N ASN B 564 35.95 -32.93 7.29
CA ASN B 564 36.96 -32.87 8.33
C ASN B 564 36.42 -32.20 9.59
N VAL B 565 35.61 -31.16 9.43
CA VAL B 565 34.98 -30.53 10.58
C VAL B 565 34.00 -31.48 11.24
N ALA B 566 33.20 -32.18 10.44
CA ALA B 566 32.24 -33.13 11.01
C ALA B 566 32.96 -34.28 11.69
N GLN B 567 34.04 -34.78 11.10
CA GLN B 567 34.77 -35.88 11.72
C GLN B 567 35.37 -35.46 13.05
N THR B 568 35.95 -34.27 13.13
CA THR B 568 36.49 -33.80 14.41
C THR B 568 35.38 -33.65 15.43
N MET B 569 34.21 -33.20 15.01
CA MET B 569 33.06 -33.15 15.91
C MET B 569 32.67 -34.55 16.38
N PHE B 570 32.70 -35.53 15.47
CA PHE B 570 32.41 -36.89 15.87
C PHE B 570 33.46 -37.41 16.86
N THR B 571 34.74 -37.14 16.59
CA THR B 571 35.76 -37.65 17.48
C THR B 571 35.83 -36.86 18.78
N LEU B 572 35.33 -35.63 18.79
CA LEU B 572 35.25 -34.88 20.05
C LEU B 572 34.21 -35.51 20.98
N LEU B 573 33.11 -35.99 20.41
CA LEU B 573 32.04 -36.53 21.24
C LEU B 573 32.41 -37.90 21.79
N MET B 574 33.00 -38.77 20.97
CA MET B 574 33.27 -40.14 21.38
C MET B 574 34.67 -40.30 21.97
N THR B 575 35.70 -39.85 21.25
CA THR B 575 37.06 -39.96 21.79
C THR B 575 37.31 -38.94 22.88
N GLY B 576 36.85 -37.70 22.70
CA GLY B 576 37.03 -36.68 23.70
C GLY B 576 36.11 -36.79 24.90
N LYS B 577 35.14 -37.70 24.85
CA LYS B 577 34.22 -37.96 25.96
C LYS B 577 33.37 -36.74 26.30
N LEU B 578 33.10 -35.88 25.33
CA LEU B 578 32.16 -34.79 25.53
C LEU B 578 30.72 -35.23 25.35
N LYS B 579 30.49 -36.47 24.93
CA LYS B 579 29.14 -37.01 24.82
C LYS B 579 28.47 -37.11 26.17
N SER B 580 29.24 -37.12 27.27
CA SER B 580 28.65 -37.30 28.59
C SER B 580 27.65 -36.20 28.92
N TYR B 581 27.82 -35.01 28.35
CA TYR B 581 26.96 -33.88 28.65
C TYR B 581 25.77 -33.75 27.71
N TYR B 582 25.68 -34.61 26.69
CA TYR B 582 24.64 -34.48 25.68
C TYR B 582 23.94 -35.81 25.46
N THR B 583 22.71 -35.74 25.00
CA THR B 583 21.92 -36.92 24.67
C THR B 583 22.13 -37.26 23.20
N ASP B 584 21.53 -38.37 22.77
CA ASP B 584 21.69 -38.81 21.38
C ASP B 584 21.09 -37.79 20.42
N LEU B 585 19.98 -37.16 20.81
CA LEU B 585 19.38 -36.15 19.95
C LEU B 585 20.31 -34.97 19.74
N GLU B 586 21.01 -34.55 20.80
CA GLU B 586 21.93 -33.42 20.67
C GLU B 586 23.15 -33.79 19.84
N ALA B 587 23.65 -35.01 19.99
CA ALA B 587 24.75 -35.47 19.15
C ALA B 587 24.32 -35.58 17.69
N PHE B 588 23.05 -35.90 17.46
CA PHE B 588 22.49 -35.89 16.11
C PHE B 588 22.65 -34.52 15.46
N ALA B 589 22.25 -33.46 16.16
CA ALA B 589 22.28 -32.13 15.56
C ALA B 589 23.70 -31.64 15.32
N MET B 590 24.61 -31.92 16.26
CA MET B 590 25.96 -31.37 16.16
C MET B 590 26.71 -31.91 14.95
N VAL B 591 26.63 -33.22 14.72
CA VAL B 591 27.32 -33.78 13.56
C VAL B 591 26.72 -33.23 12.27
N THR B 592 25.40 -33.14 12.20
CA THR B 592 24.75 -32.60 11.01
C THR B 592 25.10 -31.13 10.81
N ALA B 593 25.11 -30.35 11.90
CA ALA B 593 25.52 -28.96 11.79
C ALA B 593 26.98 -28.83 11.38
N GLY B 594 27.82 -29.79 11.77
CA GLY B 594 29.19 -29.78 11.30
C GLY B 594 29.29 -30.04 9.81
N LEU B 595 28.44 -30.93 9.30
CA LEU B 595 28.48 -31.27 7.88
C LEU B 595 28.05 -30.11 6.99
N CYS B 596 27.11 -29.29 7.47
CA CYS B 596 26.49 -28.26 6.65
C CYS B 596 26.96 -26.86 7.00
N HIS B 597 28.08 -26.71 7.70
CA HIS B 597 28.49 -25.40 8.15
C HIS B 597 29.13 -24.55 7.05
N ASP B 598 29.61 -25.16 5.97
CA ASP B 598 30.15 -24.44 4.80
C ASP B 598 29.49 -25.04 3.56
N ILE B 599 28.30 -24.57 3.25
CA ILE B 599 27.33 -25.31 2.45
C ILE B 599 27.03 -24.60 1.13
N ASP B 600 28.08 -24.33 0.32
CA ASP B 600 28.18 -23.33 -0.73
C ASP B 600 28.80 -22.04 -0.21
N HIS B 601 29.67 -22.18 0.79
CA HIS B 601 30.68 -21.17 1.01
C HIS B 601 31.38 -20.88 -0.31
N ARG B 602 31.44 -19.61 -0.69
CA ARG B 602 31.83 -19.20 -2.03
C ARG B 602 33.32 -18.93 -2.17
N GLY B 603 34.12 -19.15 -1.12
CA GLY B 603 35.53 -18.90 -1.18
C GLY B 603 35.98 -17.52 -0.72
N THR B 604 35.07 -16.73 -0.16
CA THR B 604 35.39 -15.41 0.36
C THR B 604 34.79 -15.25 1.74
N ASN B 605 35.39 -14.38 2.56
CA ASN B 605 34.96 -14.21 3.93
C ASN B 605 33.87 -13.14 4.01
N ASN B 606 33.38 -12.91 5.24
CA ASN B 606 32.32 -11.93 5.43
C ASN B 606 32.77 -10.52 5.09
N LEU B 607 34.05 -10.20 5.30
CA LEU B 607 34.54 -8.87 4.98
C LEU B 607 34.42 -8.58 3.50
N TYR B 608 34.73 -9.56 2.66
CA TYR B 608 34.59 -9.38 1.21
C TYR B 608 33.12 -9.17 0.84
N GLN B 609 32.21 -9.91 1.47
CA GLN B 609 30.80 -9.77 1.16
C GLN B 609 30.30 -8.37 1.47
N MET B 610 30.76 -7.79 2.58
CA MET B 610 30.42 -6.40 2.88
C MET B 610 30.97 -5.46 1.83
N LYS B 611 32.26 -5.63 1.48
CA LYS B 611 32.91 -4.71 0.55
C LYS B 611 32.30 -4.82 -0.84
N SER B 612 32.05 -6.03 -1.32
CA SER B 612 31.54 -6.24 -2.66
C SER B 612 30.05 -6.00 -2.77
N GLN B 613 29.36 -5.74 -1.66
CA GLN B 613 27.92 -5.52 -1.64
C GLN B 613 27.17 -6.70 -2.25
N ASN B 614 27.57 -7.90 -1.87
CA ASN B 614 26.87 -9.09 -2.30
C ASN B 614 25.47 -9.10 -1.71
N PRO B 615 24.51 -9.75 -2.39
CA PRO B 615 23.16 -9.88 -1.80
C PRO B 615 23.16 -10.55 -0.44
N LEU B 616 24.19 -11.34 -0.11
CA LEU B 616 24.30 -11.89 1.23
C LEU B 616 24.44 -10.78 2.26
N ALA B 617 25.27 -9.77 1.97
CA ALA B 617 25.45 -8.68 2.92
C ALA B 617 24.17 -7.87 3.09
N LYS B 618 23.37 -7.75 2.03
CA LYS B 618 22.12 -7.02 2.14
C LYS B 618 21.06 -7.82 2.89
N LEU B 619 20.97 -9.12 2.62
CA LEU B 619 19.93 -9.93 3.23
C LEU B 619 20.19 -10.13 4.72
N HIS B 620 21.42 -10.48 5.08
CA HIS B 620 21.80 -10.71 6.46
C HIS B 620 22.58 -9.50 6.96
N GLY B 621 22.12 -8.92 8.07
CA GLY B 621 22.80 -7.74 8.59
C GLY B 621 24.19 -8.04 9.10
N SER B 622 24.33 -9.12 9.86
CA SER B 622 25.61 -9.48 10.47
C SER B 622 25.73 -10.99 10.50
N SER B 623 26.97 -11.45 10.67
CA SER B 623 27.28 -12.89 10.65
C SER B 623 26.83 -13.52 9.33
N ILE B 624 27.02 -12.79 8.24
CA ILE B 624 26.69 -13.33 6.92
C ILE B 624 27.60 -14.52 6.63
N LEU B 625 27.13 -15.39 5.74
CA LEU B 625 27.81 -16.62 5.36
C LEU B 625 27.74 -17.66 6.47
N GLU B 626 27.27 -17.29 7.67
CA GLU B 626 26.89 -18.30 8.63
C GLU B 626 25.38 -18.43 8.69
N ARG B 627 24.68 -17.30 8.60
CA ARG B 627 23.24 -17.34 8.41
C ARG B 627 22.90 -17.97 7.06
N HIS B 628 23.70 -17.68 6.04
CA HIS B 628 23.48 -18.29 4.74
C HIS B 628 23.73 -19.79 4.79
N HIS B 629 24.81 -20.22 5.44
CA HIS B 629 25.06 -21.64 5.57
C HIS B 629 23.96 -22.32 6.38
N LEU B 630 23.47 -21.65 7.41
CA LEU B 630 22.34 -22.18 8.17
C LEU B 630 21.09 -22.23 7.30
N GLU B 631 20.88 -21.22 6.46
CA GLU B 631 19.66 -21.16 5.67
C GLU B 631 19.62 -22.28 4.63
N PHE B 632 20.70 -22.43 3.86
CA PHE B 632 20.72 -23.46 2.83
C PHE B 632 20.69 -24.86 3.42
N GLY B 633 21.39 -25.08 4.53
CA GLY B 633 21.34 -26.38 5.17
C GLY B 633 19.95 -26.74 5.65
N LYS B 634 19.22 -25.75 6.18
CA LYS B 634 17.82 -25.98 6.53
C LYS B 634 16.99 -26.26 5.30
N PHE B 635 17.26 -25.54 4.21
CA PHE B 635 16.48 -25.73 2.98
C PHE B 635 16.64 -27.14 2.44
N LEU B 636 17.87 -27.68 2.47
CA LEU B 636 18.08 -29.05 2.04
C LEU B 636 17.32 -30.03 2.92
N LEU B 637 17.33 -29.80 4.24
CA LEU B 637 16.63 -30.69 5.15
C LEU B 637 15.13 -30.59 5.03
N SER B 638 14.60 -29.48 4.50
CA SER B 638 13.17 -29.35 4.34
C SER B 638 12.61 -30.24 3.25
N GLU B 639 13.44 -30.66 2.31
CA GLU B 639 13.00 -31.53 1.23
C GLU B 639 12.62 -32.89 1.77
N GLU B 640 11.56 -33.47 1.20
CA GLU B 640 11.06 -34.75 1.70
C GLU B 640 12.09 -35.86 1.54
N THR B 641 12.75 -35.93 0.39
CA THR B 641 13.71 -36.98 0.15
C THR B 641 15.04 -36.78 0.88
N LEU B 642 15.25 -35.61 1.48
CA LEU B 642 16.49 -35.35 2.22
C LEU B 642 16.26 -35.05 3.69
N ASN B 643 15.04 -35.21 4.19
CA ASN B 643 14.71 -34.88 5.57
C ASN B 643 15.03 -36.08 6.45
N ILE B 644 16.17 -36.03 7.14
CA ILE B 644 16.50 -37.09 8.08
C ILE B 644 15.79 -36.91 9.40
N TYR B 645 15.29 -35.71 9.69
CA TYR B 645 14.53 -35.44 10.89
C TYR B 645 13.03 -35.70 10.70
N GLN B 646 12.64 -36.34 9.61
CA GLN B 646 11.22 -36.49 9.30
C GLN B 646 10.50 -37.42 10.26
N ASN B 647 11.24 -38.20 11.06
CA ASN B 647 10.63 -39.09 12.04
C ASN B 647 10.79 -38.58 13.47
N LEU B 648 11.07 -37.30 13.64
CA LEU B 648 11.15 -36.67 14.95
C LEU B 648 9.87 -35.86 15.19
N ASN B 649 9.35 -35.95 16.41
CA ASN B 649 8.13 -35.23 16.75
C ASN B 649 8.42 -33.73 16.84
N ARG B 650 7.37 -32.97 17.17
CA ARG B 650 7.47 -31.51 17.13
C ARG B 650 8.50 -31.00 18.14
N ARG B 651 8.53 -31.57 19.34
CA ARG B 651 9.47 -31.12 20.35
C ARG B 651 10.91 -31.42 19.93
N GLN B 652 11.16 -32.65 19.47
CA GLN B 652 12.53 -33.02 19.10
C GLN B 652 12.99 -32.27 17.85
N HIS B 653 12.10 -32.10 16.87
CA HIS B 653 12.49 -31.38 15.66
C HIS B 653 12.87 -29.94 15.97
N GLU B 654 12.08 -29.29 16.83
CA GLU B 654 12.39 -27.91 17.20
C GLU B 654 13.71 -27.82 17.95
N HIS B 655 13.95 -28.75 18.87
CA HIS B 655 15.19 -28.73 19.63
C HIS B 655 16.41 -28.89 18.73
N VAL B 656 16.33 -29.83 17.78
CA VAL B 656 17.45 -30.06 16.86
C VAL B 656 17.68 -28.84 15.98
N ILE B 657 16.58 -28.27 15.45
CA ILE B 657 16.71 -27.07 14.62
C ILE B 657 17.32 -25.93 15.44
N HIS B 658 16.91 -25.81 16.70
CA HIS B 658 17.46 -24.77 17.56
C HIS B 658 18.96 -24.93 17.73
N LEU B 659 19.43 -26.16 17.91
CA LEU B 659 20.85 -26.40 18.11
C LEU B 659 21.65 -26.09 16.85
N MET B 660 21.11 -26.47 15.68
CA MET B 660 21.84 -26.22 14.44
C MET B 660 22.03 -24.73 14.20
N ASP B 661 21.07 -23.91 14.61
CA ASP B 661 21.24 -22.47 14.53
C ASP B 661 22.41 -22.01 15.39
N ILE B 662 22.50 -22.54 16.61
CA ILE B 662 23.58 -22.17 17.51
C ILE B 662 24.91 -22.68 16.99
N ALA B 663 24.93 -23.93 16.52
CA ALA B 663 26.19 -24.55 16.12
C ALA B 663 26.77 -23.87 14.88
N ILE B 664 25.96 -23.67 13.85
CA ILE B 664 26.48 -23.14 12.59
C ILE B 664 26.88 -21.68 12.74
N ILE B 665 26.05 -20.88 13.41
CA ILE B 665 26.36 -19.46 13.55
C ILE B 665 27.55 -19.24 14.45
N ALA B 666 27.74 -20.10 15.47
CA ALA B 666 28.90 -19.96 16.34
C ALA B 666 30.21 -20.24 15.65
N THR B 667 30.20 -20.82 14.45
CA THR B 667 31.43 -20.98 13.69
C THR B 667 32.04 -19.65 13.27
N ASP B 668 31.26 -18.57 13.32
CA ASP B 668 31.82 -17.24 13.10
C ASP B 668 32.85 -16.92 14.17
N LEU B 669 34.00 -16.39 13.74
CA LEU B 669 35.08 -16.13 14.69
C LEU B 669 34.77 -14.91 15.55
N ALA B 670 33.94 -14.00 15.07
CA ALA B 670 33.59 -12.83 15.88
C ALA B 670 32.87 -13.23 17.15
N LEU B 671 31.93 -14.18 17.05
CA LEU B 671 31.20 -14.61 18.23
C LEU B 671 32.11 -15.38 19.19
N TYR B 672 33.07 -16.12 18.65
CA TYR B 672 33.97 -16.88 19.50
C TYR B 672 34.83 -15.95 20.35
N PHE B 673 35.27 -14.83 19.79
CA PHE B 673 36.07 -13.89 20.56
C PHE B 673 35.27 -13.23 21.67
N LYS B 674 34.00 -12.89 21.39
CA LYS B 674 33.19 -12.20 22.38
C LYS B 674 32.82 -13.10 23.55
N LYS B 675 32.59 -14.39 23.28
CA LYS B 675 32.15 -15.34 24.29
C LYS B 675 33.29 -16.25 24.75
N ARG B 676 34.52 -15.80 24.59
CA ARG B 676 35.67 -16.62 24.97
C ARG B 676 35.76 -16.79 26.48
N THR B 677 35.59 -15.69 27.23
CA THR B 677 35.71 -15.75 28.67
C THR B 677 34.58 -16.53 29.31
N MET B 678 33.41 -16.54 28.66
CA MET B 678 32.27 -17.27 29.19
C MET B 678 32.56 -18.78 29.25
N PHE B 679 33.21 -19.32 28.23
CA PHE B 679 33.61 -20.72 28.26
C PHE B 679 34.67 -20.96 29.32
N GLN B 680 35.59 -20.01 29.51
CA GLN B 680 36.66 -20.19 30.49
C GLN B 680 36.09 -20.31 31.90
N LYS B 681 35.05 -19.52 32.22
CA LYS B 681 34.42 -19.63 33.52
C LYS B 681 33.77 -21.00 33.71
N ILE B 682 33.20 -21.55 32.63
CA ILE B 682 32.62 -22.88 32.72
C ILE B 682 33.69 -23.92 33.02
N VAL B 683 34.86 -23.79 32.39
CA VAL B 683 35.97 -24.70 32.68
C VAL B 683 36.41 -24.58 34.12
N ASP B 684 36.49 -23.34 34.63
CA ASP B 684 36.90 -23.13 36.00
C ASP B 684 35.90 -23.75 36.98
N GLU B 685 34.60 -23.66 36.67
CA GLU B 685 33.59 -24.26 37.52
C GLU B 685 33.76 -25.77 37.58
N SER B 686 34.21 -26.38 36.48
CA SER B 686 34.49 -27.80 36.48
C SER B 686 35.60 -28.15 37.46
N LYS B 687 36.63 -27.32 37.53
CA LYS B 687 37.76 -27.62 38.40
C LYS B 687 37.36 -27.58 39.87
N ASN B 688 36.32 -26.82 40.20
CA ASN B 688 35.84 -26.74 41.57
C ASN B 688 35.17 -28.02 42.04
N TYR B 689 34.83 -28.94 41.14
CA TYR B 689 34.21 -30.19 41.50
C TYR B 689 35.28 -31.24 41.82
N GLU B 690 34.84 -32.31 42.48
CA GLU B 690 35.74 -33.34 43.00
C GLU B 690 35.97 -34.49 42.04
N ASP B 691 34.99 -34.85 41.21
CA ASP B 691 35.13 -35.94 40.28
C ASP B 691 34.28 -35.69 39.05
N ARG B 692 34.58 -36.43 37.99
CA ARG B 692 33.87 -36.26 36.73
C ARG B 692 32.41 -36.67 36.83
N LYS B 693 32.10 -37.65 37.68
CA LYS B 693 30.72 -38.11 37.82
C LYS B 693 29.83 -36.99 38.33
N SER B 694 30.29 -36.24 39.33
CA SER B 694 29.49 -35.15 39.86
C SER B 694 29.40 -33.99 38.87
N TRP B 695 30.52 -33.66 38.23
CA TRP B 695 30.51 -32.57 37.26
C TRP B 695 29.61 -32.88 36.08
N VAL B 696 29.61 -34.12 35.62
CA VAL B 696 28.75 -34.50 34.50
C VAL B 696 27.29 -34.30 34.86
N GLU B 697 26.89 -34.74 36.06
CA GLU B 697 25.50 -34.60 36.47
C GLU B 697 25.08 -33.15 36.55
N TYR B 698 26.00 -32.26 36.94
CA TYR B 698 25.64 -30.85 37.03
C TYR B 698 25.56 -30.20 35.65
N LEU B 699 26.51 -30.51 34.77
CA LEU B 699 26.51 -29.86 33.45
C LEU B 699 25.45 -30.44 32.52
N SER B 700 25.12 -31.72 32.66
CA SER B 700 24.19 -32.35 31.76
C SER B 700 22.77 -31.84 31.92
N LEU B 701 22.47 -31.09 32.98
CA LEU B 701 21.15 -30.54 33.19
C LEU B 701 21.04 -29.07 32.85
N GLU B 702 22.15 -28.32 32.94
CA GLU B 702 22.13 -26.91 32.60
C GLU B 702 22.08 -26.75 31.08
N THR B 703 21.17 -25.90 30.60
CA THR B 703 21.00 -25.73 29.17
C THR B 703 21.90 -24.64 28.60
N THR B 704 21.96 -23.48 29.27
CA THR B 704 22.79 -22.40 28.76
C THR B 704 24.26 -22.78 28.76
N ARG B 705 24.72 -23.44 29.82
CA ARG B 705 26.11 -23.85 29.89
C ARG B 705 26.46 -24.85 28.80
N LYS B 706 25.55 -25.79 28.51
CA LYS B 706 25.80 -26.77 27.47
C LYS B 706 25.90 -26.11 26.10
N GLU B 707 25.07 -25.10 25.85
CA GLU B 707 25.12 -24.40 24.58
C GLU B 707 26.46 -23.69 24.38
N ILE B 708 26.96 -23.05 25.42
CA ILE B 708 28.23 -22.33 25.31
C ILE B 708 29.38 -23.31 25.09
N VAL B 709 29.36 -24.42 25.81
CA VAL B 709 30.37 -25.45 25.57
C VAL B 709 30.26 -25.98 24.15
N MET B 710 29.05 -26.30 23.71
CA MET B 710 28.85 -26.83 22.38
C MET B 710 29.15 -25.79 21.30
N ALA B 711 28.86 -24.52 21.56
CA ALA B 711 29.25 -23.47 20.63
C ALA B 711 30.76 -23.40 20.51
N MET B 712 31.47 -23.65 21.61
CA MET B 712 32.93 -23.66 21.56
C MET B 712 33.46 -24.91 20.89
N MET B 713 32.70 -26.01 20.91
CA MET B 713 33.13 -27.22 20.23
C MET B 713 33.23 -27.00 18.72
N MET B 714 32.30 -26.23 18.15
CA MET B 714 32.37 -25.92 16.73
C MET B 714 33.63 -25.15 16.38
N THR B 715 34.02 -24.21 17.25
CA THR B 715 35.23 -23.43 16.98
C THR B 715 36.47 -24.32 16.95
N ALA B 716 36.55 -25.28 17.87
CA ALA B 716 37.66 -26.22 17.85
C ALA B 716 37.62 -27.11 16.61
N CYS B 717 36.41 -27.53 16.21
CA CYS B 717 36.28 -28.37 15.02
C CYS B 717 36.64 -27.60 13.76
N ASP B 718 36.21 -26.35 13.66
CA ASP B 718 36.46 -25.56 12.46
C ASP B 718 37.95 -25.35 12.24
N LEU B 719 38.69 -25.07 13.31
CA LEU B 719 40.13 -24.87 13.25
C LEU B 719 40.91 -26.15 13.56
N SER B 720 40.28 -27.31 13.37
CA SER B 720 40.92 -28.56 13.76
C SER B 720 42.11 -28.92 12.87
N ALA B 721 42.23 -28.31 11.70
CA ALA B 721 43.35 -28.62 10.81
C ALA B 721 44.67 -28.24 11.44
N ILE B 722 44.67 -27.24 12.33
CA ILE B 722 45.90 -26.86 13.02
C ILE B 722 46.42 -28.01 13.88
N THR B 723 45.50 -28.68 14.59
CA THR B 723 45.89 -29.76 15.49
C THR B 723 46.37 -31.01 14.76
N LYS B 724 46.21 -31.07 13.44
CA LYS B 724 46.63 -32.25 12.71
C LYS B 724 48.14 -32.40 12.75
N PRO B 725 48.65 -33.63 12.57
CA PRO B 725 50.10 -33.84 12.52
C PRO B 725 50.79 -32.96 11.50
N TRP B 726 52.10 -32.77 11.64
CA TRP B 726 52.81 -31.78 10.83
C TRP B 726 52.71 -32.09 9.34
N GLU B 727 52.70 -33.38 8.98
CA GLU B 727 52.59 -33.73 7.57
C GLU B 727 51.25 -33.29 7.00
N VAL B 728 50.17 -33.50 7.74
CA VAL B 728 48.85 -33.05 7.29
C VAL B 728 48.76 -31.53 7.37
N GLN B 729 49.25 -30.94 8.46
CA GLN B 729 49.09 -29.50 8.66
C GLN B 729 49.85 -28.70 7.62
N SER B 730 51.04 -29.14 7.25
CA SER B 730 51.82 -28.40 6.26
C SER B 730 51.11 -28.35 4.92
N LYS B 731 50.47 -29.45 4.53
CA LYS B 731 49.75 -29.47 3.25
C LYS B 731 48.48 -28.64 3.32
N VAL B 732 47.72 -28.76 4.41
CA VAL B 732 46.46 -28.03 4.53
C VAL B 732 46.70 -26.53 4.56
N ALA B 733 47.74 -26.09 5.29
CA ALA B 733 48.03 -24.67 5.38
C ALA B 733 48.28 -24.04 4.02
N LEU B 734 48.74 -24.82 3.04
CA LEU B 734 48.93 -24.28 1.70
C LEU B 734 47.61 -24.10 0.97
N LEU B 735 46.66 -25.02 1.18
CA LEU B 735 45.34 -24.86 0.58
C LEU B 735 44.63 -23.64 1.14
N VAL B 736 44.73 -23.43 2.45
CA VAL B 736 44.11 -22.25 3.05
C VAL B 736 44.75 -20.98 2.51
N ALA B 737 46.07 -20.97 2.38
CA ALA B 737 46.76 -19.80 1.85
C ALA B 737 46.34 -19.51 0.41
N ALA B 738 46.17 -20.57 -0.39
CA ALA B 738 45.76 -20.39 -1.78
C ALA B 738 44.39 -19.73 -1.86
N GLU B 739 43.46 -20.14 -1.00
CA GLU B 739 42.13 -19.53 -1.00
C GLU B 739 42.20 -18.07 -0.58
N PHE B 740 43.03 -17.76 0.41
CA PHE B 740 43.19 -16.36 0.82
C PHE B 740 43.80 -15.52 -0.30
N TRP B 741 44.80 -16.07 -1.00
CA TRP B 741 45.41 -15.32 -2.09
C TRP B 741 44.44 -15.10 -3.23
N GLU B 742 43.56 -16.08 -3.48
CA GLU B 742 42.54 -15.90 -4.51
C GLU B 742 41.60 -14.75 -4.17
N GLN B 743 41.20 -14.64 -2.91
CA GLN B 743 40.40 -13.50 -2.50
C GLN B 743 41.23 -12.23 -2.49
N GLY B 744 42.53 -12.34 -2.23
CA GLY B 744 43.40 -11.18 -2.32
C GLY B 744 43.47 -10.62 -3.72
N ASP B 745 43.54 -11.50 -4.73
CA ASP B 745 43.52 -11.06 -6.11
C ASP B 745 42.18 -10.42 -6.48
N LEU B 746 41.08 -11.01 -5.98
CA LEU B 746 39.75 -10.47 -6.27
C LEU B 746 39.61 -9.05 -5.75
N GLU B 747 40.07 -8.80 -4.53
CA GLU B 747 39.99 -7.47 -3.96
C GLU B 747 40.85 -6.48 -4.74
N ARG B 748 42.01 -6.93 -5.23
CA ARG B 748 42.90 -6.05 -5.96
C ARG B 748 42.31 -5.64 -7.31
N THR B 749 41.63 -6.55 -8.00
CA THR B 749 41.09 -6.25 -9.31
C THR B 749 39.66 -5.71 -9.24
N VAL B 750 38.76 -6.48 -8.63
CA VAL B 750 37.35 -6.09 -8.59
C VAL B 750 37.16 -4.82 -7.78
N LEU B 751 37.71 -4.77 -6.57
CA LEU B 751 37.49 -3.66 -5.67
C LEU B 751 38.62 -2.63 -5.70
N ASP B 752 39.71 -2.91 -6.41
CA ASP B 752 40.85 -1.99 -6.49
C ASP B 752 41.37 -1.62 -5.11
N GLN B 753 41.42 -2.60 -4.22
CA GLN B 753 41.87 -2.39 -2.85
C GLN B 753 43.15 -3.19 -2.60
N GLN B 754 44.01 -2.63 -1.75
CA GLN B 754 45.21 -3.34 -1.35
C GLN B 754 44.86 -4.38 -0.29
N PRO B 755 45.13 -5.65 -0.51
CA PRO B 755 44.79 -6.67 0.49
C PRO B 755 45.79 -6.68 1.63
N ILE B 756 45.35 -7.25 2.75
CA ILE B 756 46.17 -7.36 3.94
C ILE B 756 47.31 -8.32 3.68
N PRO B 757 48.42 -8.26 4.42
CA PRO B 757 49.52 -9.20 4.18
C PRO B 757 49.12 -10.65 4.29
N MET B 758 48.08 -10.97 5.05
CA MET B 758 47.59 -12.33 5.11
C MET B 758 47.10 -12.80 3.74
N MET B 759 46.58 -11.87 2.93
CA MET B 759 45.94 -12.19 1.66
C MET B 759 46.70 -11.58 0.48
N ASP B 760 48.03 -11.60 0.53
CA ASP B 760 48.88 -11.01 -0.49
C ASP B 760 49.77 -12.08 -1.08
N ARG B 761 49.73 -12.23 -2.40
CA ARG B 761 50.60 -13.20 -3.07
C ARG B 761 52.06 -12.80 -2.93
N ASN B 762 52.34 -11.50 -3.02
CA ASN B 762 53.72 -11.02 -2.96
C ASN B 762 54.35 -11.28 -1.60
N LYS B 763 53.54 -11.47 -0.56
CA LYS B 763 54.04 -11.75 0.78
C LYS B 763 53.82 -13.21 1.17
N ALA B 764 54.01 -14.13 0.21
CA ALA B 764 53.88 -15.55 0.52
C ALA B 764 54.98 -16.03 1.45
N ALA B 765 56.12 -15.34 1.46
CA ALA B 765 57.22 -15.72 2.35
C ALA B 765 56.91 -15.44 3.81
N GLU B 766 55.87 -14.66 4.11
CA GLU B 766 55.45 -14.39 5.47
C GLU B 766 54.38 -15.37 5.96
N LEU B 767 54.07 -16.39 5.18
CA LEU B 767 53.10 -17.41 5.59
C LEU B 767 53.49 -18.10 6.90
N PRO B 768 54.72 -18.55 7.11
CA PRO B 768 55.05 -19.13 8.42
C PRO B 768 54.87 -18.18 9.58
N LYS B 769 55.23 -16.91 9.40
CA LYS B 769 55.14 -15.95 10.49
C LYS B 769 53.69 -15.69 10.88
N LEU B 770 52.82 -15.53 9.88
CA LEU B 770 51.41 -15.26 10.17
C LEU B 770 50.74 -16.46 10.81
N GLN B 771 51.13 -17.67 10.42
CA GLN B 771 50.54 -18.87 11.00
C GLN B 771 50.82 -18.94 12.49
N VAL B 772 52.05 -18.60 12.89
CA VAL B 772 52.38 -18.56 14.32
C VAL B 772 51.52 -17.52 15.02
N GLY B 773 51.38 -16.35 14.41
CA GLY B 773 50.51 -15.33 15.00
C GLY B 773 49.07 -15.79 15.09
N PHE B 774 48.60 -16.53 14.10
CA PHE B 774 47.26 -17.12 14.16
C PHE B 774 47.16 -18.11 15.30
N ILE B 775 48.18 -18.95 15.47
CA ILE B 775 48.17 -19.96 16.52
C ILE B 775 48.20 -19.29 17.89
N ASP B 776 49.02 -18.27 18.06
CA ASP B 776 49.14 -17.58 19.34
C ASP B 776 47.96 -16.70 19.67
N PHE B 777 47.04 -16.48 18.74
CA PHE B 777 45.94 -15.55 18.94
C PHE B 777 44.57 -16.21 18.97
N VAL B 778 44.37 -17.30 18.24
CA VAL B 778 43.05 -17.91 18.14
C VAL B 778 43.09 -19.36 18.62
N CYS B 779 43.99 -20.15 18.06
CA CYS B 779 43.99 -21.58 18.34
C CYS B 779 44.39 -21.89 19.77
N THR B 780 45.30 -21.10 20.35
CA THR B 780 45.88 -21.45 21.64
C THR B 780 44.82 -21.51 22.73
N PHE B 781 43.90 -20.56 22.75
CA PHE B 781 42.91 -20.50 23.83
C PHE B 781 42.00 -21.72 23.83
N VAL B 782 41.47 -22.09 22.66
CA VAL B 782 40.46 -23.14 22.62
C VAL B 782 41.03 -24.47 23.07
N TYR B 783 42.20 -24.83 22.52
CA TYR B 783 42.75 -26.15 22.79
C TYR B 783 43.38 -26.22 24.17
N LYS B 784 43.86 -25.10 24.71
CA LYS B 784 44.40 -25.11 26.06
C LYS B 784 43.31 -25.36 27.09
N GLU B 785 42.16 -24.71 26.90
CA GLU B 785 41.06 -24.88 27.85
C GLU B 785 40.38 -26.23 27.69
N PHE B 786 40.17 -26.68 26.45
CA PHE B 786 39.57 -27.99 26.25
C PHE B 786 40.44 -29.09 26.81
N SER B 787 41.76 -29.00 26.61
CA SER B 787 42.67 -29.95 27.24
C SER B 787 42.61 -29.85 28.75
N ARG B 788 42.48 -28.63 29.27
CA ARG B 788 42.25 -28.46 30.70
C ARG B 788 40.89 -29.01 31.11
N PHE B 789 39.87 -28.76 30.29
CA PHE B 789 38.52 -29.24 30.58
C PHE B 789 38.47 -30.76 30.57
N HIS B 790 38.98 -31.38 29.51
CA HIS B 790 39.08 -32.83 29.40
C HIS B 790 40.51 -33.19 29.04
N GLU B 791 41.08 -34.14 29.77
CA GLU B 791 42.43 -34.59 29.47
C GLU B 791 42.49 -35.43 28.20
N GLU B 792 41.34 -35.83 27.66
CA GLU B 792 41.33 -36.64 26.45
C GLU B 792 41.62 -35.79 25.21
N ILE B 793 41.31 -34.49 25.26
CA ILE B 793 41.62 -33.60 24.14
C ILE B 793 43.07 -33.15 24.16
N LEU B 794 43.82 -33.50 25.20
CA LEU B 794 45.22 -33.10 25.30
C LEU B 794 46.06 -33.42 24.07
N PRO B 795 45.87 -34.54 23.36
CA PRO B 795 46.64 -34.75 22.12
C PRO B 795 46.54 -33.60 21.13
N MET B 796 45.36 -32.98 21.00
CA MET B 796 45.22 -31.85 20.09
C MET B 796 46.12 -30.69 20.51
N PHE B 797 46.18 -30.40 21.80
CA PHE B 797 47.01 -29.29 22.27
C PHE B 797 48.49 -29.61 22.08
N ASP B 798 48.88 -30.86 22.30
CA ASP B 798 50.28 -31.26 22.11
C ASP B 798 50.70 -31.09 20.65
N ARG B 799 49.83 -31.51 19.73
CA ARG B 799 50.15 -31.36 18.31
C ARG B 799 50.13 -29.90 17.90
N LEU B 800 49.22 -29.11 18.47
CA LEU B 800 49.17 -27.69 18.15
C LEU B 800 50.47 -27.00 18.52
N GLN B 801 51.01 -27.31 19.70
CA GLN B 801 52.28 -26.74 20.12
C GLN B 801 53.41 -27.20 19.20
N ASN B 802 53.37 -28.46 18.79
CA ASN B 802 54.38 -28.97 17.86
C ASN B 802 54.32 -28.21 16.54
N ASN B 803 53.11 -27.98 16.03
CA ASN B 803 52.96 -27.25 14.77
C ASN B 803 53.49 -25.83 14.91
N ARG B 804 53.23 -25.19 16.04
CA ARG B 804 53.75 -23.85 16.27
C ARG B 804 55.27 -23.85 16.28
N LYS B 805 55.87 -24.90 16.83
CA LYS B 805 57.32 -25.02 16.82
C LYS B 805 57.84 -25.13 15.39
N GLU B 806 57.15 -25.91 14.56
CA GLU B 806 57.58 -26.08 13.17
C GLU B 806 57.48 -24.78 12.40
N TRP B 807 56.34 -24.08 12.52
CA TRP B 807 56.18 -22.82 11.82
C TRP B 807 57.16 -21.78 12.32
N LYS B 808 57.41 -21.75 13.63
CA LYS B 808 58.38 -20.80 14.18
C LYS B 808 59.77 -21.07 13.63
N ALA B 809 60.13 -22.34 13.46
CA ALA B 809 61.41 -22.67 12.85
C ALA B 809 61.50 -22.12 11.43
N LEU B 810 60.42 -22.26 10.66
CA LEU B 810 60.38 -21.70 9.31
C LEU B 810 60.41 -20.18 9.36
N ALA B 811 59.67 -19.59 10.30
CA ALA B 811 59.63 -18.13 10.40
C ALA B 811 61.01 -17.58 10.74
N ASP B 812 61.71 -18.24 11.66
CA ASP B 812 63.07 -17.82 11.98
C ASP B 812 64.01 -18.02 10.80
N GLU B 813 63.78 -19.08 10.02
CA GLU B 813 64.59 -19.30 8.82
C GLU B 813 64.41 -18.18 7.82
N TYR B 814 63.17 -17.74 7.60
CA TYR B 814 62.93 -16.62 6.70
C TYR B 814 63.54 -15.33 7.24
N GLU B 815 63.50 -15.14 8.56
CA GLU B 815 64.13 -13.96 9.14
C GLU B 815 65.64 -13.96 8.90
N ALA B 816 66.25 -15.14 8.80
CA ALA B 816 67.69 -15.22 8.56
C ALA B 816 68.07 -14.56 7.24
N LYS B 817 67.28 -14.80 6.20
CA LYS B 817 67.55 -14.22 4.88
C LYS B 817 66.97 -12.82 4.77
N ARG C 11 -50.51 22.00 -10.27
CA ARG C 11 -49.28 22.10 -11.06
C ARG C 11 -48.25 22.97 -10.36
N SER C 12 -46.99 22.82 -10.75
CA SER C 12 -45.93 23.60 -10.15
C SER C 12 -46.00 25.05 -10.60
N ALA C 13 -45.48 25.94 -9.74
CA ALA C 13 -45.50 27.36 -10.06
C ALA C 13 -44.56 27.71 -11.21
N THR C 14 -43.58 26.85 -11.50
CA THR C 14 -42.66 27.11 -12.61
C THR C 14 -43.22 26.67 -13.96
N ARG C 15 -44.36 25.97 -13.97
CA ARG C 15 -44.99 25.51 -15.22
C ARG C 15 -44.07 24.60 -16.02
N VAL C 16 -43.13 23.93 -15.36
CA VAL C 16 -42.19 23.02 -15.99
C VAL C 16 -42.36 21.66 -15.33
N MET C 17 -42.59 20.63 -16.15
CA MET C 17 -42.85 19.28 -15.68
C MET C 17 -41.82 18.32 -16.23
N GLY C 18 -41.26 17.48 -15.36
CA GLY C 18 -40.48 16.34 -15.79
C GLY C 18 -39.04 16.60 -16.16
N GLY C 19 -38.52 17.81 -15.95
CA GLY C 19 -37.15 18.07 -16.28
C GLY C 19 -36.70 19.49 -15.99
N PRO C 20 -35.51 19.63 -15.40
CA PRO C 20 -34.99 20.97 -15.10
C PRO C 20 -34.46 21.67 -16.34
N VAL C 21 -35.35 22.35 -17.08
CA VAL C 21 -34.95 23.01 -18.32
C VAL C 21 -33.92 24.11 -18.04
N THR C 22 -33.17 24.46 -19.08
CA THR C 22 -32.09 25.44 -18.99
C THR C 22 -32.03 26.24 -20.28
N PRO C 23 -31.98 27.57 -20.22
CA PRO C 23 -31.79 28.36 -21.44
C PRO C 23 -30.47 28.12 -22.14
N ARG C 24 -29.44 27.67 -21.43
CA ARG C 24 -28.12 27.51 -22.02
C ARG C 24 -28.12 26.27 -22.91
N LYS C 25 -28.01 26.49 -24.22
CA LYS C 25 -27.94 25.41 -25.19
C LYS C 25 -26.56 25.43 -25.84
N GLY C 26 -25.88 24.29 -25.80
CA GLY C 26 -24.56 24.17 -26.39
C GLY C 26 -23.87 22.88 -25.99
N PRO C 27 -22.61 22.75 -26.35
CA PRO C 27 -21.85 21.55 -25.98
C PRO C 27 -21.61 21.51 -24.48
N PRO C 28 -21.96 20.42 -23.83
CA PRO C 28 -21.72 20.31 -22.38
C PRO C 28 -20.23 20.41 -22.06
N LYS C 29 -19.93 21.07 -20.94
CA LYS C 29 -18.57 21.26 -20.47
C LYS C 29 -18.36 20.37 -19.25
N PHE C 30 -17.27 19.62 -19.23
CA PHE C 30 -16.99 18.68 -18.16
C PHE C 30 -15.74 19.09 -17.39
N LYS C 31 -15.75 18.79 -16.10
CA LYS C 31 -14.69 19.18 -15.19
C LYS C 31 -13.39 18.44 -15.53
N GLN C 32 -12.27 19.08 -15.20
CA GLN C 32 -10.94 18.50 -15.36
C GLN C 32 -10.40 18.09 -14.00
N ARG C 33 -9.62 17.01 -13.97
CA ARG C 33 -9.03 16.55 -12.72
C ARG C 33 -8.03 17.57 -12.18
N GLN C 34 -7.96 17.67 -10.86
CA GLN C 34 -7.01 18.57 -10.21
C GLN C 34 -5.60 17.99 -10.25
N SER D 12 -8.69 39.72 36.59
CA SER D 12 -9.63 39.48 35.50
C SER D 12 -11.04 39.26 36.03
N ALA D 13 -11.95 38.84 35.14
CA ALA D 13 -13.33 38.61 35.53
C ALA D 13 -13.45 37.46 36.52
N THR D 14 -12.71 36.38 36.29
CA THR D 14 -12.77 35.21 37.15
C THR D 14 -11.76 35.25 38.29
N ARG D 15 -10.99 36.34 38.40
CA ARG D 15 -9.99 36.51 39.46
C ARG D 15 -8.95 35.40 39.45
N VAL D 16 -8.57 34.94 38.26
CA VAL D 16 -7.51 33.93 38.11
C VAL D 16 -6.52 34.44 37.07
N MET D 17 -5.28 34.65 37.49
CA MET D 17 -4.21 35.06 36.58
C MET D 17 -3.46 33.87 35.97
N GLY D 18 -3.08 32.90 36.81
CA GLY D 18 -2.16 31.85 36.40
C GLY D 18 -2.62 30.96 35.27
N GLY D 19 -3.65 30.14 35.53
CA GLY D 19 -4.13 29.20 34.55
C GLY D 19 -5.49 28.66 34.93
N PRO D 20 -6.08 27.84 34.05
CA PRO D 20 -7.39 27.25 34.36
C PRO D 20 -7.36 26.47 35.66
N VAL D 21 -8.44 26.60 36.43
CA VAL D 21 -8.54 25.99 37.75
C VAL D 21 -9.79 25.12 37.81
N THR D 22 -9.65 23.96 38.45
CA THR D 22 -10.76 23.05 38.63
C THR D 22 -10.94 22.75 40.12
N PRO D 23 -12.19 22.66 40.59
CA PRO D 23 -12.39 22.42 42.04
C PRO D 23 -11.80 21.12 42.54
N ARG D 24 -11.82 20.07 41.72
CA ARG D 24 -11.35 18.75 42.12
C ARG D 24 -10.07 18.43 41.37
N LYS D 25 -9.01 18.12 42.11
CA LYS D 25 -7.71 17.77 41.54
C LYS D 25 -7.33 16.38 42.04
N GLY D 26 -7.53 15.37 41.19
CA GLY D 26 -7.19 14.01 41.54
C GLY D 26 -6.37 13.34 40.47
N PRO D 27 -6.24 12.02 40.56
CA PRO D 27 -5.49 11.28 39.54
C PRO D 27 -6.11 11.45 38.17
N PRO D 28 -5.30 11.58 37.13
CA PRO D 28 -5.85 11.84 35.80
C PRO D 28 -6.60 10.63 35.24
N LYS D 29 -7.62 10.92 34.44
CA LYS D 29 -8.39 9.91 33.73
C LYS D 29 -8.10 10.09 32.24
N PHE D 30 -7.75 9.00 31.57
CA PHE D 30 -7.28 9.04 30.20
C PHE D 30 -8.21 8.25 29.29
N LYS D 31 -8.29 8.68 28.03
CA LYS D 31 -9.22 8.11 27.07
C LYS D 31 -8.64 6.85 26.44
N GLN D 32 -9.49 5.85 26.23
CA GLN D 32 -9.09 4.62 25.58
C GLN D 32 -9.17 4.78 24.07
N ARG D 33 -8.41 3.94 23.37
CA ARG D 33 -8.47 3.93 21.91
C ARG D 33 -9.79 3.34 21.43
N GLN D 34 -10.19 3.74 20.22
CA GLN D 34 -11.43 3.28 19.64
C GLN D 34 -11.35 1.79 19.30
#